data_2M0N
#
_entry.id   2M0N
#
_entity_poly.entity_id   1
_entity_poly.type   'polypeptide(L)'
_entity_poly.pdbx_seq_one_letter_code
;MAHHHHHHMGTLEAQTQGPGSPEGVPPTDRFPLLALLRRTLTEEQVQEVVAKLTDPESSAQIDGVVSKDEIEKFIADVTK
DEPTAQDISRVASRLAAGGWPLAGVDSTALNA
;
_entity_poly.pdbx_strand_id   A
#
# COMPACT_ATOMS: atom_id res chain seq x y z
N MET A 1 -4.03 12.02 26.48
CA MET A 1 -3.81 11.12 27.64
C MET A 1 -3.45 9.72 27.16
N ALA A 2 -2.39 9.15 27.75
CA ALA A 2 -1.94 7.78 27.45
C ALA A 2 -1.19 7.70 26.11
N HIS A 3 -1.76 8.30 25.08
CA HIS A 3 -1.15 8.34 23.75
C HIS A 3 0.25 8.98 23.81
N HIS A 4 1.27 8.19 23.54
CA HIS A 4 2.64 8.68 23.46
C HIS A 4 2.98 8.98 22.01
N HIS A 5 4.24 9.32 21.74
CA HIS A 5 4.70 9.54 20.37
C HIS A 5 6.15 9.13 20.23
N HIS A 6 6.37 7.97 19.61
CA HIS A 6 7.73 7.53 19.27
C HIS A 6 8.27 8.46 18.19
N HIS A 7 9.45 9.00 18.43
CA HIS A 7 10.06 9.99 17.53
C HIS A 7 10.52 9.32 16.24
N HIS A 8 10.91 10.15 15.26
CA HIS A 8 11.36 9.64 13.97
C HIS A 8 12.63 8.81 14.11
N MET A 9 12.46 7.49 14.20
CA MET A 9 13.57 6.56 14.18
C MET A 9 13.35 5.54 13.06
N GLY A 10 13.88 5.87 11.88
CA GLY A 10 13.69 5.01 10.73
C GLY A 10 14.42 5.55 9.51
N THR A 11 15.61 5.02 9.27
CA THR A 11 16.43 5.41 8.12
C THR A 11 16.32 4.37 7.00
N LEU A 12 15.38 3.44 7.16
CA LEU A 12 15.25 2.32 6.25
C LEU A 12 14.35 2.69 5.07
N GLU A 13 14.92 3.34 4.07
CA GLU A 13 14.21 3.67 2.84
C GLU A 13 13.98 2.40 2.02
N ALA A 14 12.76 1.87 2.08
CA ALA A 14 12.43 0.61 1.43
C ALA A 14 12.40 0.74 -0.08
N GLN A 15 12.73 -0.35 -0.76
CA GLN A 15 12.75 -0.40 -2.22
C GLN A 15 11.42 -0.94 -2.74
N THR A 16 11.27 -1.00 -4.07
CA THR A 16 10.08 -1.53 -4.70
C THR A 16 10.45 -2.46 -5.85
N GLN A 17 9.47 -3.16 -6.40
CA GLN A 17 9.70 -4.12 -7.47
C GLN A 17 8.38 -4.56 -8.10
N GLY A 18 7.52 -5.15 -7.29
CA GLY A 18 6.26 -5.69 -7.80
C GLY A 18 6.51 -6.85 -8.74
N PRO A 19 5.69 -7.02 -9.80
CA PRO A 19 5.90 -8.06 -10.81
C PRO A 19 7.20 -7.86 -11.59
N GLY A 20 7.73 -6.63 -11.51
CA GLY A 20 8.95 -6.28 -12.23
C GLY A 20 9.07 -4.78 -12.40
N SER A 21 8.32 -4.24 -13.36
CA SER A 21 8.24 -2.80 -13.57
C SER A 21 6.78 -2.40 -13.76
N PRO A 22 6.07 -2.13 -12.64
CA PRO A 22 4.63 -1.86 -12.67
C PRO A 22 4.29 -0.52 -13.35
N GLU A 23 3.88 -0.62 -14.61
CA GLU A 23 3.39 0.54 -15.36
C GLU A 23 2.31 0.10 -16.34
N GLY A 24 1.44 1.03 -16.72
CA GLY A 24 0.39 0.74 -17.68
C GLY A 24 -0.71 -0.12 -17.09
N VAL A 25 -0.76 -0.15 -15.76
CA VAL A 25 -1.76 -0.93 -15.05
C VAL A 25 -3.12 -0.22 -15.07
N PRO A 26 -4.21 -0.96 -15.29
CA PRO A 26 -5.56 -0.40 -15.23
C PRO A 26 -6.01 -0.24 -13.77
N PRO A 27 -6.87 0.75 -13.46
CA PRO A 27 -7.40 0.96 -12.11
C PRO A 27 -8.26 -0.24 -11.66
N THR A 28 -7.58 -1.33 -11.32
CA THR A 28 -8.24 -2.56 -10.91
C THR A 28 -7.89 -2.88 -9.47
N ASP A 29 -8.90 -3.06 -8.63
CA ASP A 29 -8.71 -3.24 -7.20
C ASP A 29 -7.77 -4.39 -6.88
N ARG A 30 -7.87 -5.46 -7.67
CA ARG A 30 -7.09 -6.68 -7.41
C ARG A 30 -5.76 -6.69 -8.16
N PHE A 31 -4.76 -6.02 -7.59
CA PHE A 31 -3.38 -6.10 -8.08
C PHE A 31 -2.65 -7.23 -7.35
N PRO A 32 -1.55 -7.75 -7.92
CA PRO A 32 -0.79 -8.85 -7.30
C PRO A 32 -0.28 -8.47 -5.90
N LEU A 33 -0.19 -7.17 -5.65
CA LEU A 33 0.42 -6.65 -4.43
C LEU A 33 -0.55 -6.59 -3.27
N LEU A 34 -1.74 -6.98 -3.58
CA LEU A 34 -2.84 -7.00 -2.62
C LEU A 34 -2.90 -8.34 -1.88
N ALA A 35 -1.78 -9.05 -1.87
CA ALA A 35 -1.66 -10.30 -1.12
C ALA A 35 -1.04 -10.05 0.25
N LEU A 36 -0.90 -8.76 0.58
CA LEU A 36 -0.29 -8.34 1.85
C LEU A 36 -1.31 -7.55 2.67
N LEU A 37 -1.71 -8.10 3.82
CA LEU A 37 -2.62 -7.43 4.73
C LEU A 37 -1.96 -7.28 6.11
N ARG A 38 -1.52 -6.07 6.43
CA ARG A 38 -0.77 -5.80 7.66
C ARG A 38 -1.20 -4.47 8.27
N ARG A 39 -0.80 -4.24 9.52
CA ARG A 39 -1.11 -3.00 10.22
C ARG A 39 -0.44 -1.81 9.55
N THR A 40 0.82 -1.99 9.21
CA THR A 40 1.63 -0.90 8.65
C THR A 40 1.34 -0.73 7.17
N LEU A 41 0.61 0.33 6.84
CA LEU A 41 0.17 0.58 5.48
C LEU A 41 1.33 0.95 4.57
N THR A 42 1.81 -0.03 3.82
CA THR A 42 2.79 0.21 2.78
C THR A 42 2.07 0.81 1.57
N GLU A 43 2.80 1.16 0.51
CA GLU A 43 2.21 1.84 -0.64
C GLU A 43 0.97 1.11 -1.12
N GLU A 44 1.11 -0.20 -1.32
CA GLU A 44 0.09 -1.01 -1.95
C GLU A 44 -1.23 -0.89 -1.19
N GLN A 45 -1.10 -0.94 0.13
CA GLN A 45 -2.25 -0.90 1.02
C GLN A 45 -2.85 0.50 1.06
N VAL A 46 -2.00 1.52 0.90
CA VAL A 46 -2.47 2.89 0.82
C VAL A 46 -3.25 3.10 -0.48
N GLN A 47 -2.70 2.58 -1.57
CA GLN A 47 -3.36 2.67 -2.88
C GLN A 47 -4.65 1.87 -2.87
N GLU A 48 -4.69 0.82 -2.04
CA GLU A 48 -5.92 0.08 -1.82
C GLU A 48 -6.93 0.95 -1.09
N VAL A 49 -6.49 1.60 0.00
CA VAL A 49 -7.36 2.49 0.77
C VAL A 49 -8.01 3.51 -0.15
N VAL A 50 -7.20 4.12 -1.01
CA VAL A 50 -7.70 5.14 -1.92
C VAL A 50 -8.53 4.52 -3.04
N ALA A 51 -8.20 3.29 -3.42
CA ALA A 51 -8.98 2.55 -4.41
C ALA A 51 -10.40 2.32 -3.91
N LYS A 52 -10.54 2.11 -2.60
CA LYS A 52 -11.86 2.04 -1.96
C LYS A 52 -12.46 3.45 -1.81
N LEU A 53 -11.67 4.35 -1.24
CA LEU A 53 -12.11 5.73 -0.95
C LEU A 53 -12.67 6.42 -2.20
N THR A 54 -12.15 6.06 -3.37
CA THR A 54 -12.48 6.76 -4.60
C THR A 54 -13.87 6.36 -5.12
N ASP A 55 -14.53 5.41 -4.47
CA ASP A 55 -15.89 5.02 -4.85
C ASP A 55 -16.88 5.63 -3.85
N PRO A 56 -17.53 6.75 -4.23
CA PRO A 56 -18.41 7.50 -3.31
C PRO A 56 -19.76 6.82 -3.08
N GLU A 57 -20.02 5.78 -3.86
CA GLU A 57 -21.28 5.04 -3.78
C GLU A 57 -21.15 3.94 -2.72
N SER A 58 -20.05 3.19 -2.81
CA SER A 58 -19.83 2.06 -1.91
C SER A 58 -19.67 2.55 -0.46
N SER A 59 -18.90 3.63 -0.28
CA SER A 59 -18.67 4.19 1.05
C SER A 59 -19.99 4.47 1.77
N ALA A 60 -20.98 4.91 0.98
CA ALA A 60 -22.29 5.28 1.51
C ALA A 60 -22.99 4.12 2.22
N GLN A 61 -22.52 2.89 2.00
CA GLN A 61 -23.12 1.73 2.65
C GLN A 61 -22.11 0.98 3.53
N ILE A 62 -20.82 1.09 3.22
CA ILE A 62 -19.80 0.38 3.99
C ILE A 62 -19.89 0.74 5.48
N ASP A 63 -19.95 2.03 5.76
CA ASP A 63 -20.16 2.50 7.13
C ASP A 63 -21.47 3.30 7.22
N GLY A 64 -22.01 3.67 6.06
CA GLY A 64 -23.37 4.21 6.00
C GLY A 64 -23.46 5.70 5.73
N VAL A 65 -22.32 6.39 5.67
CA VAL A 65 -22.30 7.82 5.39
C VAL A 65 -21.15 8.20 4.46
N VAL A 66 -21.24 9.40 3.91
CA VAL A 66 -20.16 9.97 3.12
C VAL A 66 -19.70 11.29 3.74
N SER A 67 -18.59 11.24 4.43
CA SER A 67 -17.96 12.41 5.02
C SER A 67 -16.45 12.20 4.95
N LYS A 68 -15.67 13.26 4.78
CA LYS A 68 -14.25 13.12 4.44
C LYS A 68 -13.45 12.40 5.53
N ASP A 69 -13.98 12.41 6.76
CA ASP A 69 -13.43 11.59 7.85
C ASP A 69 -13.33 10.12 7.43
N GLU A 70 -14.03 9.78 6.34
CA GLU A 70 -14.07 8.43 5.79
C GLU A 70 -12.66 7.88 5.57
N ILE A 71 -11.70 8.78 5.32
CA ILE A 71 -10.33 8.36 5.09
C ILE A 71 -9.81 7.60 6.31
N GLU A 72 -10.08 8.17 7.48
CA GLU A 72 -9.67 7.58 8.75
C GLU A 72 -10.27 6.18 8.91
N LYS A 73 -11.57 6.08 8.63
CA LYS A 73 -12.31 4.83 8.75
C LYS A 73 -11.69 3.74 7.85
N PHE A 74 -11.46 4.09 6.59
CA PHE A 74 -10.91 3.14 5.63
C PHE A 74 -9.48 2.74 6.00
N ILE A 75 -8.70 3.67 6.55
CA ILE A 75 -7.34 3.37 6.97
C ILE A 75 -7.35 2.37 8.12
N ALA A 76 -8.14 2.67 9.15
CA ALA A 76 -8.22 1.80 10.32
C ALA A 76 -8.81 0.44 9.92
N ASP A 77 -9.57 0.46 8.83
CA ASP A 77 -10.23 -0.73 8.32
C ASP A 77 -9.20 -1.70 7.73
N VAL A 78 -8.03 -1.17 7.34
CA VAL A 78 -6.96 -1.99 6.74
C VAL A 78 -6.00 -2.48 7.84
N THR A 79 -6.57 -2.82 8.99
CA THR A 79 -5.81 -3.37 10.11
C THR A 79 -4.79 -2.37 10.65
N LYS A 80 -4.94 -1.10 10.28
CA LYS A 80 -4.01 -0.07 10.72
C LYS A 80 -4.16 0.17 12.22
N ASP A 81 -5.42 0.22 12.67
CA ASP A 81 -5.75 0.41 14.08
C ASP A 81 -5.27 1.77 14.61
N GLU A 82 -4.51 2.48 13.77
CA GLU A 82 -3.84 3.72 14.17
C GLU A 82 -3.83 4.70 12.99
N PRO A 83 -4.96 5.33 12.67
CA PRO A 83 -5.02 6.35 11.63
C PRO A 83 -4.51 7.70 12.13
N THR A 84 -3.25 8.00 11.84
CA THR A 84 -2.63 9.25 12.24
C THR A 84 -2.50 10.19 11.05
N ALA A 85 -2.11 11.44 11.32
CA ALA A 85 -1.96 12.47 10.30
C ALA A 85 -1.11 11.96 9.14
N GLN A 86 -0.15 11.09 9.45
CA GLN A 86 0.69 10.47 8.42
C GLN A 86 -0.17 9.71 7.43
N ASP A 87 -0.98 8.80 7.94
CA ASP A 87 -1.80 7.94 7.09
C ASP A 87 -2.78 8.79 6.28
N ILE A 88 -3.51 9.66 7.00
CA ILE A 88 -4.51 10.50 6.36
C ILE A 88 -3.87 11.37 5.27
N SER A 89 -2.68 11.91 5.55
CA SER A 89 -1.99 12.77 4.60
C SER A 89 -1.60 12.00 3.34
N ARG A 90 -0.96 10.85 3.50
CA ARG A 90 -0.51 10.02 2.37
C ARG A 90 -1.72 9.61 1.51
N VAL A 91 -2.71 9.01 2.15
CA VAL A 91 -3.93 8.59 1.47
C VAL A 91 -4.55 9.77 0.74
N ALA A 92 -4.69 10.90 1.45
CA ALA A 92 -5.23 12.13 0.88
C ALA A 92 -4.41 12.58 -0.31
N SER A 93 -3.09 12.41 -0.21
CA SER A 93 -2.20 12.79 -1.29
C SER A 93 -2.48 11.94 -2.53
N ARG A 94 -2.75 10.66 -2.31
CA ARG A 94 -3.06 9.76 -3.43
C ARG A 94 -4.34 10.19 -4.12
N LEU A 95 -5.42 10.31 -3.34
CA LEU A 95 -6.73 10.66 -3.91
C LEU A 95 -6.76 12.11 -4.42
N ALA A 96 -5.95 12.99 -3.83
CA ALA A 96 -5.85 14.37 -4.30
C ALA A 96 -5.10 14.42 -5.63
N ALA A 97 -3.97 13.72 -5.71
CA ALA A 97 -3.17 13.66 -6.93
C ALA A 97 -3.76 12.65 -7.91
N GLY A 98 -4.64 11.79 -7.40
CA GLY A 98 -5.25 10.73 -8.19
C GLY A 98 -6.34 11.22 -9.12
N GLY A 99 -6.20 12.47 -9.59
CA GLY A 99 -7.18 13.04 -10.50
C GLY A 99 -7.62 12.05 -11.56
N TRP A 100 -8.88 11.67 -11.50
CA TRP A 100 -9.47 10.72 -12.44
C TRP A 100 -9.44 11.27 -13.88
N PRO A 101 -10.06 10.60 -14.89
CA PRO A 101 -9.57 10.57 -16.27
C PRO A 101 -8.21 11.24 -16.50
N LEU A 102 -8.05 11.91 -17.62
CA LEU A 102 -6.74 12.46 -17.99
C LEU A 102 -6.43 13.71 -17.19
N ALA A 103 -5.82 13.51 -16.02
CA ALA A 103 -5.42 14.62 -15.15
C ALA A 103 -3.90 14.78 -15.14
N GLY A 104 -3.22 13.97 -15.94
CA GLY A 104 -1.77 14.01 -15.99
C GLY A 104 -1.13 13.03 -15.02
N VAL A 105 -1.96 12.15 -14.45
CA VAL A 105 -1.51 11.17 -13.50
C VAL A 105 -0.57 10.15 -14.13
N ASP A 106 0.44 9.71 -13.37
CA ASP A 106 1.38 8.71 -13.86
C ASP A 106 0.89 7.30 -13.54
N SER A 107 0.89 6.44 -14.55
CA SER A 107 0.38 5.08 -14.39
C SER A 107 1.46 4.14 -13.82
N THR A 108 2.63 4.70 -13.50
CA THR A 108 3.69 3.94 -12.85
C THR A 108 3.96 4.48 -11.44
N ALA A 109 3.68 5.76 -11.22
CA ALA A 109 4.01 6.43 -9.97
C ALA A 109 3.01 6.07 -8.86
N LEU A 110 2.13 5.12 -9.15
CA LEU A 110 1.19 4.63 -8.15
C LEU A 110 1.89 3.56 -7.29
N ASN A 111 3.10 3.20 -7.70
CA ASN A 111 3.92 2.23 -7.00
C ASN A 111 5.19 2.89 -6.47
N ALA A 112 5.20 3.17 -5.16
CA ALA A 112 6.34 3.78 -4.49
C ALA A 112 6.64 5.17 -5.07
N MET A 1 52.26 9.45 31.19
CA MET A 1 51.76 10.16 29.99
C MET A 1 50.46 9.52 29.51
N ALA A 2 49.82 10.16 28.54
CA ALA A 2 48.58 9.65 27.96
C ALA A 2 48.44 10.14 26.52
N HIS A 3 48.55 9.24 25.56
CA HIS A 3 48.45 9.59 24.15
C HIS A 3 47.02 10.02 23.79
N HIS A 4 46.90 11.13 23.09
CA HIS A 4 45.60 11.64 22.64
C HIS A 4 45.69 12.07 21.18
N HIS A 5 44.85 11.50 20.34
CA HIS A 5 44.87 11.79 18.90
C HIS A 5 43.45 12.03 18.39
N HIS A 6 43.28 13.11 17.64
CA HIS A 6 41.97 13.52 17.16
C HIS A 6 41.61 12.82 15.85
N HIS A 7 40.32 12.56 15.66
CA HIS A 7 39.80 11.95 14.44
C HIS A 7 38.28 12.09 14.41
N HIS A 8 37.71 12.07 13.21
CA HIS A 8 36.27 12.18 13.03
C HIS A 8 35.86 11.63 11.67
N MET A 9 35.26 10.45 11.68
CA MET A 9 34.80 9.79 10.46
C MET A 9 33.28 9.71 10.42
N GLY A 10 32.68 10.31 9.40
CA GLY A 10 31.24 10.26 9.23
C GLY A 10 30.82 9.16 8.29
N THR A 11 30.88 7.93 8.77
CA THR A 11 30.57 6.76 7.95
C THR A 11 29.58 5.85 8.69
N LEU A 12 28.72 5.15 7.93
CA LEU A 12 27.70 4.28 8.52
C LEU A 12 27.84 2.86 7.97
N GLU A 13 27.27 1.89 8.67
CA GLU A 13 27.30 0.50 8.24
C GLU A 13 26.19 0.25 7.21
N ALA A 14 26.47 0.64 5.98
CA ALA A 14 25.49 0.51 4.90
C ALA A 14 25.45 -0.91 4.35
N GLN A 15 24.74 -1.78 5.06
CA GLN A 15 24.56 -3.17 4.64
C GLN A 15 23.23 -3.33 3.91
N THR A 16 23.28 -3.33 2.59
CA THR A 16 22.08 -3.46 1.76
C THR A 16 22.00 -4.85 1.15
N GLN A 17 21.05 -5.66 1.62
CA GLN A 17 20.83 -7.00 1.10
C GLN A 17 19.66 -6.99 0.12
N GLY A 18 19.90 -7.49 -1.10
CA GLY A 18 18.85 -7.54 -2.10
C GLY A 18 19.21 -8.45 -3.25
N PRO A 19 18.30 -8.58 -4.25
CA PRO A 19 18.50 -9.48 -5.39
C PRO A 19 19.37 -8.86 -6.50
N GLY A 20 20.51 -9.48 -6.76
CA GLY A 20 21.35 -9.09 -7.88
C GLY A 20 21.91 -7.67 -7.77
N SER A 21 22.48 -7.36 -6.61
CA SER A 21 23.14 -6.07 -6.39
C SER A 21 22.15 -4.89 -6.56
N PRO A 22 21.38 -4.57 -5.50
CA PRO A 22 20.41 -3.47 -5.53
C PRO A 22 21.03 -2.11 -5.19
N GLU A 23 22.34 -1.99 -5.41
CA GLU A 23 23.04 -0.73 -5.17
C GLU A 23 22.94 0.17 -6.40
N GLY A 24 22.77 1.47 -6.17
CA GLY A 24 22.79 2.45 -7.23
C GLY A 24 21.69 2.26 -8.28
N VAL A 25 20.64 1.54 -7.91
CA VAL A 25 19.51 1.32 -8.83
C VAL A 25 18.19 1.54 -8.11
N PRO A 26 17.14 1.98 -8.83
CA PRO A 26 15.81 2.22 -8.26
C PRO A 26 15.02 0.91 -8.09
N PRO A 27 14.05 0.89 -7.15
CA PRO A 27 13.20 -0.29 -6.92
C PRO A 27 12.45 -0.73 -8.18
N THR A 28 12.31 -2.04 -8.35
CA THR A 28 11.63 -2.62 -9.50
C THR A 28 10.11 -2.40 -9.44
N ASP A 29 9.41 -2.78 -10.51
CA ASP A 29 7.95 -2.62 -10.59
C ASP A 29 7.22 -3.63 -9.72
N ARG A 30 7.96 -4.38 -8.91
CA ARG A 30 7.39 -5.37 -8.01
C ARG A 30 8.39 -5.68 -6.90
N PHE A 31 7.91 -5.76 -5.66
CA PHE A 31 8.77 -6.04 -4.52
C PHE A 31 9.04 -7.54 -4.43
N PRO A 32 10.27 -7.94 -4.02
CA PRO A 32 10.67 -9.35 -3.90
C PRO A 32 9.79 -10.10 -2.89
N LEU A 33 9.35 -9.39 -1.85
CA LEU A 33 8.45 -9.95 -0.85
C LEU A 33 7.01 -9.56 -1.19
N LEU A 34 6.15 -10.56 -1.32
CA LEU A 34 4.76 -10.33 -1.71
C LEU A 34 3.83 -10.41 -0.49
N ALA A 35 4.26 -11.17 0.52
CA ALA A 35 3.47 -11.39 1.73
C ALA A 35 3.77 -10.32 2.77
N LEU A 36 3.99 -9.09 2.30
CA LEU A 36 4.33 -7.97 3.18
C LEU A 36 3.09 -7.39 3.87
N LEU A 37 1.98 -8.13 3.83
CA LEU A 37 0.75 -7.71 4.49
C LEU A 37 0.94 -7.66 6.00
N ARG A 38 1.13 -6.46 6.53
CA ARG A 38 1.33 -6.24 7.96
C ARG A 38 0.31 -5.22 8.47
N ARG A 39 0.41 -4.89 9.75
CA ARG A 39 -0.40 -3.84 10.35
C ARG A 39 0.00 -2.47 9.81
N THR A 40 1.18 -2.43 9.22
CA THR A 40 1.78 -1.19 8.73
C THR A 40 1.36 -0.91 7.29
N LEU A 41 0.87 0.30 7.05
CA LEU A 41 0.46 0.70 5.71
C LEU A 41 1.67 1.11 4.87
N THR A 42 2.16 0.20 4.05
CA THR A 42 3.11 0.56 3.02
C THR A 42 2.35 1.32 1.93
N GLU A 43 3.08 1.96 1.03
CA GLU A 43 2.49 2.75 -0.04
C GLU A 43 1.41 1.96 -0.79
N GLU A 44 1.63 0.65 -0.93
CA GLU A 44 0.72 -0.22 -1.66
C GLU A 44 -0.62 -0.31 -0.94
N GLN A 45 -0.57 -0.44 0.38
CA GLN A 45 -1.77 -0.50 1.21
C GLN A 45 -2.50 0.82 1.14
N VAL A 46 -1.74 1.90 0.95
CA VAL A 46 -2.33 3.22 0.78
C VAL A 46 -3.10 3.26 -0.52
N GLN A 47 -2.50 2.67 -1.55
CA GLN A 47 -3.16 2.52 -2.84
C GLN A 47 -4.40 1.65 -2.72
N GLU A 48 -4.36 0.68 -1.83
CA GLU A 48 -5.51 -0.16 -1.55
C GLU A 48 -6.64 0.68 -0.94
N VAL A 49 -6.30 1.48 0.07
CA VAL A 49 -7.26 2.37 0.71
C VAL A 49 -7.94 3.24 -0.35
N VAL A 50 -7.15 3.95 -1.14
CA VAL A 50 -7.71 4.81 -2.18
C VAL A 50 -8.39 4.00 -3.27
N ALA A 51 -7.92 2.76 -3.48
CA ALA A 51 -8.56 1.87 -4.45
C ALA A 51 -10.00 1.60 -4.03
N LYS A 52 -10.23 1.53 -2.73
CA LYS A 52 -11.60 1.45 -2.19
C LYS A 52 -12.29 2.81 -2.37
N LEU A 53 -11.59 3.86 -1.92
CA LEU A 53 -12.12 5.22 -1.90
C LEU A 53 -12.31 5.80 -3.30
N THR A 54 -11.79 5.13 -4.32
CA THR A 54 -12.01 5.57 -5.71
C THR A 54 -13.43 5.22 -6.15
N ASP A 55 -14.16 4.51 -5.30
CA ASP A 55 -15.59 4.28 -5.52
C ASP A 55 -16.37 4.79 -4.31
N PRO A 56 -16.62 6.12 -4.24
CA PRO A 56 -17.36 6.73 -3.12
C PRO A 56 -18.77 6.19 -3.01
N GLU A 57 -19.25 5.61 -4.10
CA GLU A 57 -20.54 4.96 -4.14
C GLU A 57 -20.58 3.81 -3.14
N SER A 58 -19.48 3.07 -3.05
CA SER A 58 -19.34 1.98 -2.09
C SER A 58 -19.28 2.54 -0.67
N SER A 59 -18.40 3.51 -0.45
CA SER A 59 -18.21 4.10 0.87
C SER A 59 -19.53 4.55 1.48
N ALA A 60 -20.26 5.38 0.70
CA ALA A 60 -21.54 5.94 1.15
C ALA A 60 -22.55 4.85 1.50
N GLN A 61 -22.30 3.63 1.03
CA GLN A 61 -23.20 2.51 1.31
C GLN A 61 -22.64 1.64 2.45
N ILE A 62 -21.33 1.67 2.64
CA ILE A 62 -20.68 0.91 3.70
C ILE A 62 -21.04 1.48 5.07
N ASP A 63 -20.94 2.80 5.21
CA ASP A 63 -21.24 3.47 6.48
C ASP A 63 -22.62 4.15 6.42
N GLY A 64 -23.17 4.28 5.22
CA GLY A 64 -24.52 4.79 5.06
C GLY A 64 -24.59 6.31 5.08
N VAL A 65 -23.42 6.96 5.16
CA VAL A 65 -23.33 8.42 5.19
C VAL A 65 -21.89 8.85 4.94
N VAL A 66 -21.66 9.48 3.79
CA VAL A 66 -20.30 9.81 3.35
C VAL A 66 -19.80 11.10 4.01
N SER A 67 -18.66 11.00 4.71
CA SER A 67 -18.02 12.13 5.35
C SER A 67 -16.50 11.96 5.30
N LYS A 68 -15.75 13.05 5.44
CA LYS A 68 -14.29 13.05 5.22
C LYS A 68 -13.56 12.05 6.13
N ASP A 69 -14.14 11.74 7.28
CA ASP A 69 -13.55 10.79 8.22
C ASP A 69 -13.42 9.39 7.60
N GLU A 70 -14.16 9.16 6.52
CA GLU A 70 -14.17 7.87 5.83
C GLU A 70 -12.76 7.41 5.49
N ILE A 71 -11.88 8.36 5.15
CA ILE A 71 -10.49 8.04 4.84
C ILE A 71 -9.85 7.27 5.99
N GLU A 72 -9.97 7.86 7.19
CA GLU A 72 -9.38 7.26 8.40
C GLU A 72 -9.98 5.88 8.64
N LYS A 73 -11.28 5.76 8.38
CA LYS A 73 -12.02 4.52 8.61
C LYS A 73 -11.48 3.41 7.71
N PHE A 74 -11.30 3.72 6.42
CA PHE A 74 -10.81 2.74 5.46
C PHE A 74 -9.34 2.44 5.70
N ILE A 75 -8.59 3.40 6.26
CA ILE A 75 -7.21 3.15 6.64
C ILE A 75 -7.15 2.09 7.74
N ALA A 76 -7.93 2.29 8.79
CA ALA A 76 -7.99 1.34 9.90
C ALA A 76 -8.47 -0.02 9.41
N ASP A 77 -9.29 0.01 8.36
CA ASP A 77 -9.86 -1.20 7.76
C ASP A 77 -8.76 -2.13 7.25
N VAL A 78 -7.59 -1.57 6.93
CA VAL A 78 -6.48 -2.34 6.37
C VAL A 78 -5.55 -2.83 7.49
N THR A 79 -6.13 -3.13 8.64
CA THR A 79 -5.39 -3.64 9.80
C THR A 79 -4.39 -2.60 10.32
N LYS A 80 -4.55 -1.35 9.90
CA LYS A 80 -3.63 -0.30 10.28
C LYS A 80 -3.72 -0.02 11.77
N ASP A 81 -4.95 -0.09 12.31
CA ASP A 81 -5.23 0.12 13.73
C ASP A 81 -5.07 1.60 14.11
N GLU A 82 -3.92 2.16 13.80
CA GLU A 82 -3.64 3.57 14.05
C GLU A 82 -3.69 4.37 12.74
N PRO A 83 -4.82 5.02 12.43
CA PRO A 83 -4.90 5.93 11.31
C PRO A 83 -4.46 7.34 11.71
N THR A 84 -3.15 7.60 11.61
CA THR A 84 -2.58 8.87 12.02
C THR A 84 -2.60 9.87 10.87
N ALA A 85 -2.42 11.15 11.21
CA ALA A 85 -2.46 12.24 10.23
C ALA A 85 -1.51 11.96 9.07
N GLN A 86 -0.42 11.25 9.37
CA GLN A 86 0.53 10.81 8.35
C GLN A 86 -0.19 9.94 7.30
N ASP A 87 -0.88 8.91 7.79
CA ASP A 87 -1.60 7.99 6.91
C ASP A 87 -2.64 8.74 6.11
N ILE A 88 -3.47 9.52 6.81
CA ILE A 88 -4.50 10.33 6.17
C ILE A 88 -3.90 11.21 5.07
N SER A 89 -2.76 11.83 5.37
CA SER A 89 -2.09 12.71 4.42
C SER A 89 -1.69 11.94 3.15
N ARG A 90 -1.05 10.79 3.34
CA ARG A 90 -0.60 9.95 2.23
C ARG A 90 -1.80 9.56 1.35
N VAL A 91 -2.79 8.95 1.99
CA VAL A 91 -4.02 8.53 1.31
C VAL A 91 -4.66 9.71 0.60
N ALA A 92 -4.81 10.82 1.32
CA ALA A 92 -5.42 12.03 0.79
C ALA A 92 -4.63 12.53 -0.42
N SER A 93 -3.30 12.40 -0.36
CA SER A 93 -2.45 12.81 -1.45
C SER A 93 -2.72 11.95 -2.69
N ARG A 94 -2.91 10.64 -2.48
CA ARG A 94 -3.21 9.75 -3.60
C ARG A 94 -4.53 10.14 -4.27
N LEU A 95 -5.58 10.21 -3.47
CA LEU A 95 -6.92 10.50 -3.98
C LEU A 95 -7.02 11.93 -4.51
N ALA A 96 -6.22 12.84 -3.95
CA ALA A 96 -6.12 14.20 -4.49
C ALA A 96 -5.59 14.15 -5.92
N ALA A 97 -4.55 13.33 -6.12
CA ALA A 97 -3.99 13.10 -7.44
C ALA A 97 -5.00 12.32 -8.30
N GLY A 98 -5.85 11.55 -7.63
CA GLY A 98 -6.91 10.83 -8.30
C GLY A 98 -8.12 11.70 -8.55
N GLY A 99 -7.97 13.00 -8.33
CA GLY A 99 -9.03 13.95 -8.63
C GLY A 99 -9.60 13.72 -10.01
N TRP A 100 -10.74 13.04 -10.06
CA TRP A 100 -11.37 12.61 -11.30
C TRP A 100 -11.48 13.76 -12.33
N PRO A 101 -11.88 13.45 -13.60
CA PRO A 101 -11.47 14.13 -14.84
C PRO A 101 -10.36 15.20 -14.78
N LEU A 102 -9.48 15.15 -13.78
CA LEU A 102 -8.20 15.87 -13.82
C LEU A 102 -7.11 14.94 -13.28
N ALA A 103 -6.52 14.15 -14.16
CA ALA A 103 -5.57 13.11 -13.75
C ALA A 103 -4.27 13.72 -13.23
N GLY A 104 -4.14 13.76 -11.91
CA GLY A 104 -2.92 14.26 -11.28
C GLY A 104 -2.01 13.11 -10.86
N VAL A 105 -2.36 11.90 -11.29
CA VAL A 105 -1.60 10.72 -10.99
C VAL A 105 -0.22 10.75 -11.68
N ASP A 106 0.76 11.32 -10.98
CA ASP A 106 2.13 11.37 -11.47
C ASP A 106 2.81 10.02 -11.26
N SER A 107 3.89 9.77 -12.01
CA SER A 107 4.56 8.47 -11.97
C SER A 107 5.83 8.50 -11.11
N THR A 108 6.57 9.61 -11.17
CA THR A 108 7.83 9.72 -10.44
C THR A 108 7.58 10.12 -8.98
N ALA A 109 6.38 10.63 -8.72
CA ALA A 109 5.98 11.04 -7.39
C ALA A 109 5.16 9.92 -6.74
N LEU A 110 5.53 8.70 -7.07
CA LEU A 110 4.74 7.53 -6.73
C LEU A 110 5.66 6.35 -6.48
N ASN A 111 6.13 6.26 -5.25
CA ASN A 111 7.01 5.18 -4.82
C ASN A 111 6.34 3.82 -5.01
N ALA A 112 5.04 3.77 -4.71
CA ALA A 112 4.23 2.58 -4.90
C ALA A 112 2.76 2.97 -4.80
N MET A 1 46.21 -54.53 -31.01
CA MET A 1 46.34 -54.54 -29.54
C MET A 1 45.11 -53.89 -28.89
N ALA A 2 44.95 -54.11 -27.59
CA ALA A 2 43.84 -53.52 -26.84
C ALA A 2 44.02 -52.01 -26.74
N HIS A 3 43.12 -51.28 -27.39
CA HIS A 3 43.22 -49.83 -27.47
C HIS A 3 42.84 -49.21 -26.13
N HIS A 4 43.80 -49.12 -25.21
CA HIS A 4 43.58 -48.56 -23.89
C HIS A 4 43.51 -47.04 -23.97
N HIS A 5 42.33 -46.51 -23.70
CA HIS A 5 42.10 -45.06 -23.69
C HIS A 5 41.09 -44.72 -22.59
N HIS A 6 41.55 -44.00 -21.57
CA HIS A 6 40.69 -43.66 -20.43
C HIS A 6 40.59 -42.15 -20.27
N HIS A 7 39.56 -41.57 -20.85
CA HIS A 7 39.25 -40.16 -20.70
C HIS A 7 37.82 -39.99 -20.21
N HIS A 8 37.60 -39.01 -19.34
CA HIS A 8 36.28 -38.79 -18.76
C HIS A 8 36.13 -37.33 -18.36
N MET A 9 34.89 -36.90 -18.26
CA MET A 9 34.57 -35.56 -17.78
C MET A 9 33.21 -35.58 -17.10
N GLY A 10 33.21 -35.93 -15.82
CA GLY A 10 31.99 -36.00 -15.04
C GLY A 10 32.08 -35.11 -13.82
N THR A 11 32.03 -33.81 -14.06
CA THR A 11 32.12 -32.82 -13.00
C THR A 11 31.11 -31.71 -13.23
N LEU A 12 29.96 -31.82 -12.55
CA LEU A 12 28.88 -30.85 -12.68
C LEU A 12 28.08 -30.82 -11.39
N GLU A 13 27.55 -29.65 -11.04
CA GLU A 13 26.82 -29.49 -9.80
C GLU A 13 26.03 -28.17 -9.81
N ALA A 14 24.90 -28.17 -9.09
CA ALA A 14 24.06 -26.98 -8.98
C ALA A 14 23.39 -26.96 -7.61
N GLN A 15 23.73 -25.96 -6.79
CA GLN A 15 23.19 -25.85 -5.45
C GLN A 15 22.23 -24.67 -5.36
N THR A 16 21.11 -24.87 -4.69
CA THR A 16 20.09 -23.84 -4.53
C THR A 16 19.90 -23.48 -3.06
N GLN A 17 20.02 -22.20 -2.75
CA GLN A 17 19.78 -21.69 -1.40
C GLN A 17 18.62 -20.71 -1.44
N GLY A 18 17.44 -21.19 -1.06
CA GLY A 18 16.25 -20.36 -1.06
C GLY A 18 15.88 -19.89 -2.45
N PRO A 19 15.67 -18.58 -2.64
CA PRO A 19 15.37 -18.01 -3.96
C PRO A 19 16.62 -17.92 -4.86
N GLY A 20 17.76 -18.35 -4.33
CA GLY A 20 19.01 -18.29 -5.07
C GLY A 20 19.61 -16.89 -5.06
N SER A 21 19.68 -16.30 -3.88
CA SER A 21 20.19 -14.94 -3.72
C SER A 21 21.01 -14.81 -2.43
N PRO A 22 20.43 -15.04 -1.22
CA PRO A 22 21.20 -14.96 0.03
C PRO A 22 22.19 -16.11 0.15
N GLU A 23 23.42 -15.86 -0.27
CA GLU A 23 24.49 -16.86 -0.23
C GLU A 23 25.57 -16.38 0.74
N GLY A 24 25.78 -17.14 1.81
CA GLY A 24 26.70 -16.73 2.86
C GLY A 24 26.02 -15.86 3.90
N VAL A 25 24.76 -15.51 3.64
CA VAL A 25 23.96 -14.71 4.54
C VAL A 25 22.54 -15.27 4.60
N PRO A 26 21.82 -15.05 5.72
CA PRO A 26 20.41 -15.44 5.85
C PRO A 26 19.49 -14.46 5.13
N PRO A 27 18.22 -14.84 4.86
CA PRO A 27 17.25 -13.97 4.19
C PRO A 27 16.68 -12.89 5.11
N THR A 28 17.54 -12.31 5.95
CA THR A 28 17.12 -11.29 6.91
C THR A 28 16.87 -9.95 6.22
N ASP A 29 17.16 -9.93 4.93
CA ASP A 29 16.90 -8.77 4.09
C ASP A 29 15.41 -8.67 3.79
N ARG A 30 14.83 -9.81 3.45
CA ARG A 30 13.41 -9.92 3.15
C ARG A 30 13.10 -11.36 2.76
N PHE A 31 12.10 -11.96 3.40
CA PHE A 31 11.66 -13.30 3.04
C PHE A 31 10.98 -13.26 1.67
N PRO A 32 11.21 -14.30 0.82
CA PRO A 32 10.68 -14.33 -0.54
C PRO A 32 9.16 -14.14 -0.58
N LEU A 33 8.49 -14.59 0.48
CA LEU A 33 7.05 -14.41 0.61
C LEU A 33 6.77 -13.47 1.78
N LEU A 34 6.01 -12.41 1.51
CA LEU A 34 5.67 -11.44 2.55
C LEU A 34 4.42 -11.87 3.30
N ALA A 35 4.65 -12.59 4.38
CA ALA A 35 3.56 -13.09 5.23
C ALA A 35 3.47 -12.31 6.53
N LEU A 36 4.27 -11.25 6.60
CA LEU A 36 4.35 -10.42 7.80
C LEU A 36 3.41 -9.21 7.66
N LEU A 37 2.17 -9.39 8.09
CA LEU A 37 1.18 -8.31 8.05
C LEU A 37 1.26 -7.50 9.34
N ARG A 38 1.04 -6.18 9.23
CA ARG A 38 1.12 -5.27 10.38
C ARG A 38 0.11 -4.14 10.23
N ARG A 39 0.17 -3.18 11.16
CA ARG A 39 -0.73 -2.02 11.16
C ARG A 39 -0.28 -1.00 10.12
N THR A 40 1.01 -1.02 9.85
CA THR A 40 1.61 -0.06 8.93
C THR A 40 1.11 -0.25 7.50
N LEU A 41 0.37 0.73 7.01
CA LEU A 41 -0.09 0.74 5.63
C LEU A 41 1.09 0.96 4.69
N THR A 42 1.55 -0.11 4.05
CA THR A 42 2.51 0.02 2.97
C THR A 42 1.82 0.67 1.79
N GLU A 43 2.58 1.22 0.84
CA GLU A 43 2.00 1.98 -0.26
C GLU A 43 0.88 1.20 -0.95
N GLU A 44 1.04 -0.11 -1.08
CA GLU A 44 0.03 -0.93 -1.75
C GLU A 44 -1.30 -0.83 -1.01
N GLN A 45 -1.23 -0.99 0.31
CA GLN A 45 -2.40 -0.89 1.17
C GLN A 45 -2.99 0.52 1.11
N VAL A 46 -2.11 1.51 0.97
CA VAL A 46 -2.53 2.90 0.83
C VAL A 46 -3.33 3.10 -0.45
N GLN A 47 -2.76 2.63 -1.57
CA GLN A 47 -3.42 2.75 -2.87
C GLN A 47 -4.75 2.02 -2.84
N GLU A 48 -4.79 0.94 -2.08
CA GLU A 48 -6.02 0.19 -1.87
C GLU A 48 -7.06 1.04 -1.14
N VAL A 49 -6.65 1.66 -0.01
CA VAL A 49 -7.54 2.57 0.72
C VAL A 49 -8.06 3.66 -0.21
N VAL A 50 -7.16 4.20 -1.02
CA VAL A 50 -7.50 5.26 -1.96
C VAL A 50 -8.45 4.74 -3.04
N ALA A 51 -8.24 3.50 -3.46
CA ALA A 51 -9.09 2.87 -4.47
C ALA A 51 -10.51 2.75 -3.94
N LYS A 52 -10.63 2.33 -2.68
CA LYS A 52 -11.93 2.22 -2.01
C LYS A 52 -12.54 3.61 -1.86
N LEU A 53 -11.73 4.54 -1.37
CA LEU A 53 -12.14 5.92 -1.12
C LEU A 53 -12.65 6.60 -2.39
N THR A 54 -12.05 6.26 -3.53
CA THR A 54 -12.42 6.88 -4.80
C THR A 54 -13.65 6.21 -5.41
N ASP A 55 -14.18 5.20 -4.74
CA ASP A 55 -15.42 4.54 -5.16
C ASP A 55 -16.56 4.98 -4.23
N PRO A 56 -17.31 6.04 -4.62
CA PRO A 56 -18.32 6.67 -3.75
C PRO A 56 -19.49 5.75 -3.43
N GLU A 57 -19.59 4.64 -4.14
CA GLU A 57 -20.65 3.68 -3.92
C GLU A 57 -20.24 2.71 -2.82
N SER A 58 -19.01 2.23 -2.90
CA SER A 58 -18.48 1.28 -1.93
C SER A 58 -18.31 1.95 -0.57
N SER A 59 -17.70 3.13 -0.56
CA SER A 59 -17.42 3.83 0.69
C SER A 59 -18.71 4.23 1.41
N ALA A 60 -19.70 4.67 0.64
CA ALA A 60 -20.98 5.09 1.19
C ALA A 60 -21.65 3.96 1.97
N GLN A 61 -21.59 2.75 1.42
CA GLN A 61 -22.29 1.60 1.99
C GLN A 61 -21.66 1.13 3.30
N ILE A 62 -20.48 1.65 3.63
CA ILE A 62 -19.77 1.24 4.84
C ILE A 62 -20.50 1.73 6.10
N ASP A 63 -20.82 3.01 6.13
CA ASP A 63 -21.50 3.62 7.28
C ASP A 63 -22.86 4.21 6.87
N GLY A 64 -23.06 4.35 5.56
CA GLY A 64 -24.31 4.89 5.04
C GLY A 64 -24.17 6.34 4.60
N VAL A 65 -23.00 6.93 4.81
CA VAL A 65 -22.76 8.34 4.46
C VAL A 65 -21.40 8.52 3.81
N VAL A 66 -21.24 9.64 3.10
CA VAL A 66 -19.96 10.02 2.49
C VAL A 66 -19.45 11.30 3.14
N SER A 67 -18.36 11.19 3.89
CA SER A 67 -17.80 12.34 4.61
C SER A 67 -16.28 12.24 4.66
N LYS A 68 -15.60 13.39 4.69
CA LYS A 68 -14.12 13.46 4.66
C LYS A 68 -13.47 12.54 5.70
N ASP A 69 -14.16 12.27 6.79
CA ASP A 69 -13.59 11.46 7.89
C ASP A 69 -13.50 9.98 7.51
N GLU A 70 -14.23 9.58 6.46
CA GLU A 70 -14.25 8.18 6.02
C GLU A 70 -12.84 7.68 5.73
N ILE A 71 -11.93 8.59 5.34
CA ILE A 71 -10.55 8.22 5.05
C ILE A 71 -9.94 7.54 6.27
N GLU A 72 -10.19 8.14 7.43
CA GLU A 72 -9.64 7.69 8.69
C GLU A 72 -10.16 6.29 9.02
N LYS A 73 -11.44 6.04 8.74
CA LYS A 73 -12.05 4.75 8.97
C LYS A 73 -11.36 3.69 8.13
N PHE A 74 -11.30 3.94 6.82
CA PHE A 74 -10.70 3.00 5.88
C PHE A 74 -9.25 2.67 6.25
N ILE A 75 -8.50 3.70 6.65
CA ILE A 75 -7.11 3.49 7.07
C ILE A 75 -7.07 2.56 8.29
N ALA A 76 -7.87 2.90 9.31
CA ALA A 76 -7.93 2.11 10.54
C ALA A 76 -8.42 0.69 10.25
N ASP A 77 -9.17 0.57 9.15
CA ASP A 77 -9.76 -0.70 8.74
C ASP A 77 -8.68 -1.64 8.19
N VAL A 78 -7.54 -1.08 7.80
CA VAL A 78 -6.43 -1.86 7.26
C VAL A 78 -5.48 -2.26 8.41
N THR A 79 -6.09 -2.52 9.57
CA THR A 79 -5.36 -2.94 10.76
C THR A 79 -4.50 -1.81 11.30
N LYS A 80 -4.76 -0.58 10.85
CA LYS A 80 -4.02 0.58 11.34
C LYS A 80 -4.46 0.89 12.78
N ASP A 81 -5.74 0.60 13.04
CA ASP A 81 -6.37 0.85 14.35
C ASP A 81 -6.48 2.34 14.63
N GLU A 82 -5.35 2.99 14.85
CA GLU A 82 -5.30 4.42 15.12
C GLU A 82 -4.61 5.14 13.95
N PRO A 83 -5.41 5.74 13.04
CA PRO A 83 -4.88 6.47 11.89
C PRO A 83 -4.43 7.89 12.26
N THR A 84 -3.24 8.26 11.83
CA THR A 84 -2.71 9.59 12.11
C THR A 84 -2.82 10.49 10.88
N ALA A 85 -2.70 11.80 11.11
CA ALA A 85 -2.77 12.79 10.04
C ALA A 85 -1.80 12.46 8.91
N GLN A 86 -0.70 11.79 9.26
CA GLN A 86 0.27 11.35 8.27
C GLN A 86 -0.34 10.31 7.34
N ASP A 87 -1.05 9.34 7.91
CA ASP A 87 -1.73 8.32 7.11
C ASP A 87 -2.77 8.97 6.22
N ILE A 88 -3.62 9.80 6.83
CA ILE A 88 -4.63 10.56 6.08
C ILE A 88 -3.96 11.37 4.97
N SER A 89 -2.82 11.99 5.29
CA SER A 89 -2.10 12.82 4.34
C SER A 89 -1.66 11.98 3.12
N ARG A 90 -1.06 10.83 3.38
CA ARG A 90 -0.59 9.95 2.31
C ARG A 90 -1.76 9.54 1.40
N VAL A 91 -2.78 8.96 2.03
CA VAL A 91 -3.95 8.49 1.31
C VAL A 91 -4.60 9.62 0.52
N ALA A 92 -4.87 10.73 1.20
CA ALA A 92 -5.48 11.90 0.59
C ALA A 92 -4.61 12.42 -0.55
N SER A 93 -3.30 12.33 -0.38
CA SER A 93 -2.36 12.73 -1.42
C SER A 93 -2.54 11.86 -2.65
N ARG A 94 -2.73 10.55 -2.45
CA ARG A 94 -2.91 9.63 -3.57
C ARG A 94 -4.20 9.93 -4.32
N LEU A 95 -5.34 9.95 -3.60
CA LEU A 95 -6.60 10.37 -4.24
C LEU A 95 -6.50 11.78 -4.83
N ALA A 96 -5.66 12.62 -4.24
CA ALA A 96 -5.40 13.96 -4.79
C ALA A 96 -4.67 13.85 -6.13
N ALA A 97 -3.83 12.81 -6.24
CA ALA A 97 -3.13 12.50 -7.48
C ALA A 97 -4.14 12.10 -8.57
N GLY A 98 -5.35 11.74 -8.12
CA GLY A 98 -6.44 11.48 -9.06
C GLY A 98 -6.86 12.72 -9.81
N GLY A 99 -6.26 13.85 -9.44
CA GLY A 99 -6.44 15.06 -10.21
C GLY A 99 -5.90 14.89 -11.61
N TRP A 100 -6.80 14.83 -12.57
CA TRP A 100 -6.46 14.70 -13.99
C TRP A 100 -5.52 15.84 -14.45
N PRO A 101 -5.22 15.99 -15.78
CA PRO A 101 -3.92 16.39 -16.26
C PRO A 101 -2.81 16.39 -15.21
N LEU A 102 -2.27 15.20 -15.03
CA LEU A 102 -1.14 14.94 -14.13
C LEU A 102 0.06 14.50 -14.96
N ALA A 103 1.24 15.00 -14.61
CA ALA A 103 2.46 14.64 -15.32
C ALA A 103 2.95 13.27 -14.87
N GLY A 104 3.36 12.44 -15.82
CA GLY A 104 3.77 11.07 -15.53
C GLY A 104 5.09 10.98 -14.77
N VAL A 105 5.50 12.08 -14.15
CA VAL A 105 6.71 12.13 -13.36
C VAL A 105 6.47 11.59 -11.95
N ASP A 106 5.72 10.49 -11.87
CA ASP A 106 5.32 9.92 -10.58
C ASP A 106 6.52 9.45 -9.79
N SER A 107 6.99 10.30 -8.87
CA SER A 107 8.10 9.97 -8.00
C SER A 107 7.60 9.32 -6.71
N THR A 108 6.28 9.31 -6.55
CA THR A 108 5.65 8.72 -5.38
C THR A 108 5.28 7.25 -5.64
N ALA A 109 4.73 6.99 -6.82
CA ALA A 109 4.19 5.67 -7.17
C ALA A 109 5.28 4.69 -7.57
N LEU A 110 6.52 4.96 -7.16
CA LEU A 110 7.64 4.07 -7.46
C LEU A 110 8.10 3.36 -6.20
N ASN A 111 7.34 3.53 -5.12
CA ASN A 111 7.67 2.92 -3.83
C ASN A 111 7.08 1.51 -3.75
N ALA A 112 5.76 1.41 -3.94
CA ALA A 112 5.07 0.12 -3.96
C ALA A 112 3.65 0.29 -4.53
N MET A 1 -16.52 -53.91 -10.48
CA MET A 1 -15.08 -53.61 -10.29
C MET A 1 -14.82 -52.11 -10.44
N ALA A 2 -13.89 -51.60 -9.65
CA ALA A 2 -13.56 -50.18 -9.67
C ALA A 2 -12.27 -49.93 -10.44
N HIS A 3 -12.35 -49.08 -11.44
CA HIS A 3 -11.19 -48.70 -12.25
C HIS A 3 -11.41 -47.29 -12.80
N HIS A 4 -10.72 -46.31 -12.23
CA HIS A 4 -10.99 -44.91 -12.50
C HIS A 4 -10.34 -44.44 -13.79
N HIS A 5 -11.09 -43.67 -14.57
CA HIS A 5 -10.56 -42.98 -15.76
C HIS A 5 -10.71 -41.48 -15.56
N HIS A 6 -9.66 -40.84 -15.06
CA HIS A 6 -9.71 -39.42 -14.76
C HIS A 6 -8.43 -38.73 -15.24
N HIS A 7 -8.60 -37.69 -16.05
CA HIS A 7 -7.49 -36.93 -16.63
C HIS A 7 -7.68 -35.44 -16.37
N HIS A 8 -6.58 -34.73 -16.18
CA HIS A 8 -6.63 -33.28 -15.96
C HIS A 8 -5.32 -32.65 -16.44
N MET A 9 -5.42 -31.47 -17.02
CA MET A 9 -4.24 -30.68 -17.40
C MET A 9 -4.37 -29.27 -16.83
N GLY A 10 -3.74 -29.05 -15.69
CA GLY A 10 -3.81 -27.78 -15.00
C GLY A 10 -2.43 -27.22 -14.73
N THR A 11 -1.66 -27.04 -15.79
CA THR A 11 -0.29 -26.54 -15.68
C THR A 11 -0.26 -25.01 -15.64
N LEU A 12 -1.38 -24.40 -15.27
CA LEU A 12 -1.49 -22.96 -15.16
C LEU A 12 -0.63 -22.46 -13.99
N GLU A 13 0.58 -22.01 -14.32
CA GLU A 13 1.51 -21.51 -13.31
C GLU A 13 1.17 -20.07 -12.96
N ALA A 14 1.53 -19.66 -11.74
CA ALA A 14 1.28 -18.30 -11.27
C ALA A 14 2.49 -17.78 -10.49
N GLN A 15 2.61 -16.46 -10.40
CA GLN A 15 3.67 -15.82 -9.63
C GLN A 15 3.16 -15.54 -8.21
N THR A 16 4.00 -14.95 -7.37
CA THR A 16 3.61 -14.63 -6.00
C THR A 16 4.07 -13.22 -5.64
N GLN A 17 3.65 -12.75 -4.47
CA GLN A 17 4.00 -11.42 -4.00
C GLN A 17 5.49 -11.35 -3.63
N GLY A 18 6.06 -10.16 -3.75
CA GLY A 18 7.46 -9.96 -3.43
C GLY A 18 7.86 -8.51 -3.64
N PRO A 19 9.08 -8.13 -3.23
CA PRO A 19 9.55 -6.74 -3.32
C PRO A 19 9.79 -6.30 -4.77
N GLY A 20 8.92 -5.44 -5.28
CA GLY A 20 9.07 -4.88 -6.61
C GLY A 20 8.67 -5.87 -7.69
N SER A 21 9.52 -6.85 -7.94
CA SER A 21 9.28 -7.84 -9.00
C SER A 21 10.09 -9.10 -8.73
N PRO A 22 9.44 -10.18 -8.24
CA PRO A 22 10.09 -11.48 -8.06
C PRO A 22 10.30 -12.19 -9.40
N GLU A 23 11.18 -11.63 -10.22
CA GLU A 23 11.42 -12.15 -11.56
C GLU A 23 12.89 -12.49 -11.74
N GLY A 24 13.16 -13.69 -12.24
CA GLY A 24 14.53 -14.13 -12.49
C GLY A 24 15.35 -14.17 -11.21
N VAL A 25 14.69 -14.46 -10.10
CA VAL A 25 15.34 -14.52 -8.80
C VAL A 25 15.14 -15.90 -8.17
N PRO A 26 16.03 -16.31 -7.24
CA PRO A 26 15.90 -17.59 -6.54
C PRO A 26 14.52 -17.75 -5.89
N PRO A 27 13.71 -18.70 -6.39
CA PRO A 27 12.33 -18.89 -5.92
C PRO A 27 12.29 -19.36 -4.46
N THR A 28 12.35 -18.41 -3.54
CA THR A 28 12.27 -18.67 -2.11
C THR A 28 11.14 -17.86 -1.50
N ASP A 29 10.44 -18.45 -0.53
CA ASP A 29 9.29 -17.81 0.12
C ASP A 29 9.76 -17.00 1.33
N ARG A 30 11.06 -16.71 1.37
CA ARG A 30 11.64 -15.91 2.43
C ARG A 30 11.39 -14.43 2.13
N PHE A 31 10.44 -13.84 2.85
CA PHE A 31 10.07 -12.44 2.66
C PHE A 31 11.19 -11.52 3.14
N PRO A 32 11.30 -10.30 2.55
CA PRO A 32 12.34 -9.33 2.92
C PRO A 32 12.25 -8.91 4.38
N LEU A 33 11.05 -9.01 4.95
CA LEU A 33 10.83 -8.73 6.36
C LEU A 33 10.37 -10.00 7.08
N LEU A 34 10.85 -10.20 8.30
CA LEU A 34 10.47 -11.37 9.10
C LEU A 34 9.27 -11.03 9.98
N ALA A 35 9.11 -9.74 10.27
CA ALA A 35 7.97 -9.26 11.05
C ALA A 35 6.89 -8.71 10.13
N LEU A 36 6.05 -9.62 9.62
CA LEU A 36 4.99 -9.25 8.68
C LEU A 36 3.77 -8.72 9.43
N LEU A 37 3.52 -9.28 10.62
CA LEU A 37 2.34 -8.92 11.39
C LEU A 37 2.54 -7.57 12.07
N ARG A 38 2.43 -6.51 11.29
CA ARG A 38 2.49 -5.15 11.80
C ARG A 38 1.10 -4.53 11.75
N ARG A 39 1.02 -3.23 12.01
CA ARG A 39 -0.23 -2.48 11.82
C ARG A 39 0.07 -1.15 11.14
N THR A 40 1.14 -1.16 10.37
CA THR A 40 1.57 0.01 9.61
C THR A 40 0.96 -0.04 8.20
N LEU A 41 1.16 1.02 7.42
CA LEU A 41 0.62 1.09 6.07
C LEU A 41 1.72 1.37 5.05
N THR A 42 2.18 0.33 4.35
CA THR A 42 3.10 0.53 3.23
C THR A 42 2.33 1.18 2.09
N GLU A 43 3.04 1.75 1.12
CA GLU A 43 2.38 2.50 0.06
C GLU A 43 1.39 1.61 -0.67
N GLU A 44 1.69 0.31 -0.74
CA GLU A 44 0.81 -0.65 -1.39
C GLU A 44 -0.56 -0.59 -0.73
N GLN A 45 -0.54 -0.58 0.59
CA GLN A 45 -1.77 -0.57 1.38
C GLN A 45 -2.49 0.76 1.22
N VAL A 46 -1.73 1.85 1.17
CA VAL A 46 -2.31 3.17 0.97
C VAL A 46 -3.03 3.23 -0.39
N GLN A 47 -2.41 2.59 -1.38
CA GLN A 47 -2.95 2.52 -2.72
C GLN A 47 -4.19 1.62 -2.76
N GLU A 48 -4.19 0.57 -1.94
CA GLU A 48 -5.35 -0.31 -1.84
C GLU A 48 -6.51 0.46 -1.18
N VAL A 49 -6.17 1.20 -0.13
CA VAL A 49 -7.13 2.07 0.55
C VAL A 49 -7.82 2.97 -0.45
N VAL A 50 -7.02 3.71 -1.22
CA VAL A 50 -7.57 4.62 -2.22
C VAL A 50 -8.18 3.87 -3.40
N ALA A 51 -7.69 2.67 -3.66
CA ALA A 51 -8.25 1.83 -4.73
C ALA A 51 -9.73 1.57 -4.46
N LYS A 52 -10.05 1.20 -3.23
CA LYS A 52 -11.43 1.04 -2.81
C LYS A 52 -12.09 2.40 -2.56
N LEU A 53 -11.32 3.31 -1.97
CA LEU A 53 -11.82 4.63 -1.56
C LEU A 53 -12.28 5.46 -2.76
N THR A 54 -11.78 5.12 -3.95
CA THR A 54 -12.15 5.84 -5.16
C THR A 54 -13.55 5.46 -5.64
N ASP A 55 -14.21 4.59 -4.87
CA ASP A 55 -15.65 4.33 -5.06
C ASP A 55 -16.44 5.12 -4.01
N PRO A 56 -16.84 6.37 -4.33
CA PRO A 56 -17.57 7.22 -3.38
C PRO A 56 -18.88 6.57 -2.93
N GLU A 57 -19.36 5.65 -3.75
CA GLU A 57 -20.55 4.88 -3.44
C GLU A 57 -20.31 4.03 -2.19
N SER A 58 -19.16 3.34 -2.19
CA SER A 58 -18.79 2.47 -1.07
C SER A 58 -18.45 3.29 0.18
N SER A 59 -17.75 4.41 0.00
CA SER A 59 -17.26 5.21 1.13
C SER A 59 -18.42 5.93 1.82
N ALA A 60 -19.21 6.67 1.05
CA ALA A 60 -20.35 7.41 1.60
C ALA A 60 -21.35 6.47 2.26
N GLN A 61 -21.25 5.18 1.92
CA GLN A 61 -22.18 4.17 2.43
C GLN A 61 -22.06 4.01 3.95
N ILE A 62 -20.91 4.41 4.50
CA ILE A 62 -20.64 4.25 5.94
C ILE A 62 -21.80 4.75 6.78
N ASP A 63 -22.30 5.94 6.48
CA ASP A 63 -23.49 6.49 7.16
C ASP A 63 -24.58 6.81 6.16
N GLY A 64 -24.23 6.85 4.88
CA GLY A 64 -25.15 7.32 3.85
C GLY A 64 -24.93 8.78 3.55
N VAL A 65 -23.68 9.21 3.67
CA VAL A 65 -23.28 10.59 3.44
C VAL A 65 -21.76 10.66 3.35
N VAL A 66 -21.26 11.61 2.56
CA VAL A 66 -19.82 11.78 2.37
C VAL A 66 -19.23 12.64 3.50
N SER A 67 -18.25 12.07 4.21
CA SER A 67 -17.55 12.77 5.28
C SER A 67 -16.08 12.32 5.30
N LYS A 68 -15.16 13.26 5.55
CA LYS A 68 -13.72 12.99 5.44
C LYS A 68 -13.30 11.73 6.20
N ASP A 69 -14.01 11.41 7.27
CA ASP A 69 -13.65 10.28 8.13
C ASP A 69 -13.74 8.94 7.40
N GLU A 70 -14.44 8.91 6.26
CA GLU A 70 -14.51 7.71 5.45
C GLU A 70 -13.09 7.25 5.06
N ILE A 71 -12.22 8.22 4.80
CA ILE A 71 -10.82 7.94 4.47
C ILE A 71 -10.16 7.12 5.59
N GLU A 72 -10.16 7.68 6.80
CA GLU A 72 -9.52 7.04 7.94
C GLU A 72 -10.22 5.74 8.32
N LYS A 73 -11.52 5.66 8.06
CA LYS A 73 -12.25 4.42 8.26
C LYS A 73 -11.66 3.33 7.37
N PHE A 74 -11.44 3.65 6.10
CA PHE A 74 -10.84 2.71 5.16
C PHE A 74 -9.40 2.39 5.57
N ILE A 75 -8.69 3.39 6.11
CA ILE A 75 -7.31 3.20 6.54
C ILE A 75 -7.24 2.15 7.65
N ALA A 76 -8.06 2.35 8.68
CA ALA A 76 -8.06 1.48 9.85
C ALA A 76 -8.39 0.04 9.45
N ASP A 77 -9.23 -0.10 8.44
CA ASP A 77 -9.68 -1.41 7.98
C ASP A 77 -8.52 -2.24 7.43
N VAL A 78 -7.45 -1.56 7.01
CA VAL A 78 -6.29 -2.22 6.42
C VAL A 78 -5.31 -2.66 7.52
N THR A 79 -5.87 -2.98 8.69
CA THR A 79 -5.09 -3.44 9.84
C THR A 79 -4.24 -2.30 10.40
N LYS A 80 -4.56 -1.07 10.00
CA LYS A 80 -3.86 0.09 10.55
C LYS A 80 -4.33 0.34 11.97
N ASP A 81 -5.65 0.14 12.18
CA ASP A 81 -6.31 0.37 13.46
C ASP A 81 -6.35 1.87 13.80
N GLU A 82 -5.17 2.44 13.99
CA GLU A 82 -5.00 3.82 14.40
C GLU A 82 -4.60 4.70 13.22
N PRO A 83 -5.56 5.42 12.62
CA PRO A 83 -5.31 6.36 11.53
C PRO A 83 -5.07 7.80 12.04
N THR A 84 -3.86 8.32 11.82
CA THR A 84 -3.54 9.68 12.23
C THR A 84 -3.54 10.63 11.04
N ALA A 85 -3.40 11.92 11.31
CA ALA A 85 -3.45 12.96 10.30
C ALA A 85 -2.47 12.67 9.16
N GLN A 86 -1.38 12.00 9.49
CA GLN A 86 -0.38 11.61 8.49
C GLN A 86 -0.95 10.53 7.56
N ASP A 87 -1.64 9.56 8.14
CA ASP A 87 -2.28 8.50 7.35
C ASP A 87 -3.30 9.11 6.40
N ILE A 88 -4.19 9.93 6.95
CA ILE A 88 -5.21 10.61 6.14
C ILE A 88 -4.54 11.46 5.06
N SER A 89 -3.45 12.13 5.41
CA SER A 89 -2.72 12.99 4.48
C SER A 89 -2.22 12.18 3.29
N ARG A 90 -1.54 11.07 3.58
CA ARG A 90 -0.98 10.21 2.54
C ARG A 90 -2.09 9.69 1.63
N VAL A 91 -3.08 9.05 2.23
CA VAL A 91 -4.18 8.48 1.49
C VAL A 91 -4.88 9.54 0.65
N ALA A 92 -5.20 10.67 1.27
CA ALA A 92 -5.86 11.77 0.58
C ALA A 92 -5.03 12.24 -0.61
N SER A 93 -3.71 12.27 -0.44
CA SER A 93 -2.82 12.69 -1.51
C SER A 93 -2.89 11.71 -2.68
N ARG A 94 -2.97 10.41 -2.37
CA ARG A 94 -3.05 9.39 -3.42
C ARG A 94 -4.36 9.51 -4.21
N LEU A 95 -5.49 9.49 -3.49
CA LEU A 95 -6.81 9.53 -4.13
C LEU A 95 -7.00 10.84 -4.87
N ALA A 96 -6.34 11.89 -4.39
CA ALA A 96 -6.28 13.16 -5.10
C ALA A 96 -5.61 12.96 -6.45
N ALA A 97 -4.39 12.40 -6.42
CA ALA A 97 -3.65 12.07 -7.63
C ALA A 97 -4.41 11.06 -8.49
N GLY A 98 -5.39 10.41 -7.88
CA GLY A 98 -6.16 9.37 -8.55
C GLY A 98 -6.99 9.92 -9.70
N GLY A 99 -7.33 11.21 -9.67
CA GLY A 99 -8.05 11.79 -10.78
C GLY A 99 -8.88 13.00 -10.41
N TRP A 100 -9.35 13.07 -9.16
CA TRP A 100 -10.27 14.13 -8.77
C TRP A 100 -9.80 14.87 -7.52
N PRO A 101 -8.85 15.82 -7.68
CA PRO A 101 -8.46 16.78 -6.67
C PRO A 101 -8.56 18.23 -7.16
N LEU A 102 -7.93 19.12 -6.40
CA LEU A 102 -7.38 20.36 -6.93
C LEU A 102 -5.90 20.38 -6.54
N ALA A 103 -5.06 19.78 -7.39
CA ALA A 103 -3.63 19.55 -7.09
C ALA A 103 -3.08 18.42 -7.96
N GLY A 104 -1.77 18.23 -7.90
CA GLY A 104 -1.12 17.12 -8.57
C GLY A 104 0.16 16.75 -7.85
N VAL A 105 0.05 16.64 -6.53
CA VAL A 105 1.18 16.47 -5.65
C VAL A 105 2.09 15.28 -6.02
N ASP A 106 1.53 14.08 -6.07
CA ASP A 106 2.35 12.89 -6.25
C ASP A 106 2.48 12.49 -7.71
N SER A 107 3.55 12.95 -8.33
CA SER A 107 4.00 12.40 -9.62
C SER A 107 5.30 11.64 -9.43
N THR A 108 6.05 12.07 -8.41
CA THR A 108 7.39 11.55 -8.15
C THR A 108 7.41 10.74 -6.86
N ALA A 109 6.30 10.75 -6.14
CA ALA A 109 6.16 10.05 -4.87
C ALA A 109 4.94 9.15 -4.89
N LEU A 110 4.73 8.51 -6.03
CA LEU A 110 3.56 7.66 -6.24
C LEU A 110 3.99 6.39 -6.96
N ASN A 111 4.59 5.48 -6.19
CA ASN A 111 5.22 4.29 -6.74
C ASN A 111 4.34 3.06 -6.58
N ALA A 112 3.73 2.92 -5.39
CA ALA A 112 2.93 1.73 -5.06
C ALA A 112 3.81 0.48 -5.03
N MET A 1 41.87 -13.95 -43.62
CA MET A 1 42.35 -12.72 -42.96
C MET A 1 42.63 -12.97 -41.49
N ALA A 2 41.67 -13.59 -40.80
CA ALA A 2 41.81 -13.90 -39.39
C ALA A 2 42.82 -15.00 -39.18
N HIS A 3 44.06 -14.62 -38.88
CA HIS A 3 45.13 -15.57 -38.62
C HIS A 3 44.75 -16.45 -37.44
N HIS A 4 44.90 -17.76 -37.60
CA HIS A 4 44.50 -18.71 -36.56
C HIS A 4 45.14 -18.35 -35.22
N HIS A 5 44.44 -18.68 -34.13
CA HIS A 5 44.86 -18.31 -32.77
C HIS A 5 44.64 -16.82 -32.52
N HIS A 6 43.66 -16.24 -33.22
CA HIS A 6 43.28 -14.84 -33.01
C HIS A 6 41.76 -14.68 -33.08
N HIS A 7 41.13 -14.50 -31.91
CA HIS A 7 39.70 -14.26 -31.84
C HIS A 7 39.36 -13.53 -30.53
N HIS A 8 38.87 -12.30 -30.65
CA HIS A 8 38.44 -11.54 -29.48
C HIS A 8 37.11 -12.10 -28.96
N MET A 9 36.72 -11.70 -27.75
CA MET A 9 35.50 -12.20 -27.13
C MET A 9 34.96 -11.21 -26.10
N GLY A 10 33.65 -11.22 -25.90
CA GLY A 10 33.02 -10.35 -24.93
C GLY A 10 31.97 -11.09 -24.12
N THR A 11 31.81 -10.70 -22.86
CA THR A 11 30.86 -11.34 -21.96
C THR A 11 30.17 -10.29 -21.08
N LEU A 12 28.89 -10.48 -20.81
CA LEU A 12 28.12 -9.55 -19.99
C LEU A 12 27.55 -10.26 -18.78
N GLU A 13 27.44 -9.54 -17.67
CA GLU A 13 26.84 -10.06 -16.44
C GLU A 13 25.64 -9.21 -16.06
N ALA A 14 24.64 -9.83 -15.45
CA ALA A 14 23.41 -9.13 -15.08
C ALA A 14 23.21 -9.18 -13.57
N GLN A 15 23.70 -8.14 -12.88
CA GLN A 15 23.57 -8.05 -11.43
C GLN A 15 22.13 -7.71 -11.04
N THR A 16 21.46 -8.63 -10.36
CA THR A 16 20.07 -8.48 -9.99
C THR A 16 19.91 -7.38 -8.92
N GLN A 17 19.14 -6.35 -9.25
CA GLN A 17 18.82 -5.27 -8.32
C GLN A 17 17.77 -5.72 -7.31
N GLY A 18 17.60 -4.93 -6.25
CA GLY A 18 16.62 -5.26 -5.22
C GLY A 18 15.30 -4.55 -5.46
N PRO A 19 14.21 -5.01 -4.82
CA PRO A 19 12.88 -4.41 -5.00
C PRO A 19 12.69 -3.14 -4.16
N GLY A 20 13.79 -2.45 -3.86
CA GLY A 20 13.71 -1.21 -3.10
C GLY A 20 15.00 -0.92 -2.35
N SER A 21 16.12 -0.91 -3.08
CA SER A 21 17.45 -0.64 -2.52
C SER A 21 17.70 -1.40 -1.21
N PRO A 22 18.26 -2.62 -1.29
CA PRO A 22 18.56 -3.42 -0.10
C PRO A 22 19.68 -2.80 0.74
N GLU A 23 19.29 -1.87 1.60
CA GLU A 23 20.24 -1.21 2.50
C GLU A 23 19.81 -1.44 3.95
N GLY A 24 20.73 -1.96 4.75
CA GLY A 24 20.42 -2.32 6.12
C GLY A 24 19.92 -3.75 6.21
N VAL A 25 19.47 -4.27 5.07
CA VAL A 25 19.01 -5.64 4.95
C VAL A 25 19.62 -6.30 3.71
N PRO A 26 19.87 -7.62 3.74
CA PRO A 26 20.46 -8.34 2.60
C PRO A 26 19.49 -8.40 1.40
N PRO A 27 20.04 -8.39 0.16
CA PRO A 27 19.23 -8.53 -1.06
C PRO A 27 18.45 -9.84 -1.06
N THR A 28 17.14 -9.75 -0.86
CA THR A 28 16.28 -10.93 -0.80
C THR A 28 16.00 -11.48 -2.19
N ASP A 29 16.18 -12.78 -2.36
CA ASP A 29 15.87 -13.48 -3.61
C ASP A 29 14.36 -13.63 -3.76
N ARG A 30 13.66 -13.40 -2.65
CA ARG A 30 12.20 -13.43 -2.59
C ARG A 30 11.69 -12.00 -2.40
N PHE A 31 10.36 -11.82 -2.37
CA PHE A 31 9.76 -10.55 -1.96
C PHE A 31 10.36 -10.11 -0.63
N PRO A 32 10.64 -8.79 -0.47
CA PRO A 32 11.29 -8.27 0.75
C PRO A 32 10.46 -8.58 2.00
N LEU A 33 9.15 -8.61 1.82
CA LEU A 33 8.22 -8.89 2.92
C LEU A 33 8.06 -10.40 3.10
N LEU A 34 8.06 -10.85 4.35
CA LEU A 34 7.83 -12.25 4.68
C LEU A 34 6.69 -12.35 5.69
N ALA A 35 5.99 -11.24 5.85
CA ALA A 35 4.82 -11.14 6.70
C ALA A 35 3.88 -10.09 6.13
N LEU A 36 2.68 -10.51 5.73
CA LEU A 36 1.78 -9.66 4.97
C LEU A 36 0.92 -8.78 5.86
N LEU A 37 0.01 -9.42 6.60
CA LEU A 37 -0.94 -8.69 7.43
C LEU A 37 -0.25 -7.99 8.59
N ARG A 38 -0.12 -6.67 8.48
CA ARG A 38 0.46 -5.83 9.51
C ARG A 38 -0.49 -4.69 9.84
N ARG A 39 -0.15 -3.93 10.87
CA ARG A 39 -0.93 -2.76 11.27
C ARG A 39 -0.55 -1.56 10.42
N THR A 40 0.71 -1.52 9.99
CA THR A 40 1.24 -0.42 9.20
C THR A 40 0.88 -0.56 7.72
N LEU A 41 0.47 0.55 7.11
CA LEU A 41 0.09 0.57 5.70
C LEU A 41 1.28 0.94 4.82
N THR A 42 1.81 -0.04 4.10
CA THR A 42 2.81 0.22 3.07
C THR A 42 2.13 0.92 1.89
N GLU A 43 2.92 1.35 0.91
CA GLU A 43 2.41 2.13 -0.21
C GLU A 43 1.25 1.41 -0.90
N GLU A 44 1.32 0.08 -0.93
CA GLU A 44 0.32 -0.73 -1.60
C GLU A 44 -1.00 -0.68 -0.83
N GLN A 45 -0.91 -0.88 0.48
CA GLN A 45 -2.08 -0.83 1.36
C GLN A 45 -2.71 0.56 1.29
N VAL A 46 -1.86 1.57 1.22
CA VAL A 46 -2.30 2.96 1.11
C VAL A 46 -3.13 3.19 -0.15
N GLN A 47 -2.55 2.86 -1.30
CA GLN A 47 -3.20 3.10 -2.58
C GLN A 47 -4.44 2.21 -2.75
N GLU A 48 -4.45 1.05 -2.09
CA GLU A 48 -5.62 0.17 -2.13
C GLU A 48 -6.77 0.82 -1.35
N VAL A 49 -6.43 1.36 -0.17
CA VAL A 49 -7.39 2.15 0.60
C VAL A 49 -8.00 3.23 -0.28
N VAL A 50 -7.13 4.02 -0.89
CA VAL A 50 -7.54 5.08 -1.80
C VAL A 50 -8.34 4.53 -2.98
N ALA A 51 -7.95 3.36 -3.47
CA ALA A 51 -8.62 2.72 -4.59
C ALA A 51 -10.09 2.48 -4.29
N LYS A 52 -10.37 1.94 -3.11
CA LYS A 52 -11.75 1.74 -2.67
C LYS A 52 -12.38 3.06 -2.22
N LEU A 53 -11.54 3.93 -1.65
CA LEU A 53 -11.98 5.21 -1.11
C LEU A 53 -12.51 6.12 -2.23
N THR A 54 -11.94 5.97 -3.42
CA THR A 54 -12.38 6.76 -4.56
C THR A 54 -13.56 6.10 -5.29
N ASP A 55 -14.07 5.01 -4.70
CA ASP A 55 -15.29 4.37 -5.21
C ASP A 55 -16.47 4.80 -4.34
N PRO A 56 -17.24 5.81 -4.81
CA PRO A 56 -18.30 6.45 -4.01
C PRO A 56 -19.36 5.47 -3.51
N GLU A 57 -19.52 4.36 -4.22
CA GLU A 57 -20.52 3.36 -3.85
C GLU A 57 -20.09 2.61 -2.58
N SER A 58 -18.79 2.37 -2.46
CA SER A 58 -18.28 1.53 -1.37
C SER A 58 -18.51 2.19 -0.02
N SER A 59 -18.09 3.45 0.10
CA SER A 59 -18.14 4.18 1.36
C SER A 59 -19.57 4.29 1.90
N ALA A 60 -20.50 4.54 0.99
CA ALA A 60 -21.91 4.75 1.35
C ALA A 60 -22.47 3.57 2.13
N GLN A 61 -21.96 2.37 1.86
CA GLN A 61 -22.45 1.16 2.52
C GLN A 61 -21.55 0.76 3.70
N ILE A 62 -20.28 1.17 3.66
CA ILE A 62 -19.34 0.81 4.71
C ILE A 62 -19.70 1.50 6.02
N ASP A 63 -19.89 2.82 5.96
CA ASP A 63 -20.17 3.62 7.15
C ASP A 63 -21.64 4.04 7.19
N GLY A 64 -22.31 3.89 6.05
CA GLY A 64 -23.70 4.34 5.92
C GLY A 64 -23.78 5.81 5.59
N VAL A 65 -22.61 6.46 5.56
CA VAL A 65 -22.49 7.89 5.30
C VAL A 65 -21.21 8.15 4.52
N VAL A 66 -21.25 9.08 3.56
CA VAL A 66 -20.07 9.44 2.78
C VAL A 66 -19.65 10.88 3.08
N SER A 67 -18.64 11.03 3.93
CA SER A 67 -18.11 12.33 4.32
C SER A 67 -16.60 12.26 4.55
N LYS A 68 -15.96 13.42 4.69
CA LYS A 68 -14.50 13.56 4.78
C LYS A 68 -13.86 12.56 5.79
N ASP A 69 -14.61 12.20 6.82
CA ASP A 69 -14.11 11.32 7.88
C ASP A 69 -13.87 9.88 7.37
N GLU A 70 -14.46 9.56 6.22
CA GLU A 70 -14.40 8.20 5.67
C GLU A 70 -12.94 7.76 5.44
N ILE A 71 -12.07 8.70 5.09
CA ILE A 71 -10.66 8.40 4.83
C ILE A 71 -10.05 7.64 6.01
N GLU A 72 -10.22 8.23 7.20
CA GLU A 72 -9.63 7.70 8.42
C GLU A 72 -10.08 6.27 8.67
N LYS A 73 -11.38 6.04 8.52
CA LYS A 73 -11.97 4.73 8.79
C LYS A 73 -11.60 3.71 7.71
N PHE A 74 -11.43 4.16 6.47
CA PHE A 74 -10.94 3.29 5.40
C PHE A 74 -9.53 2.80 5.75
N ILE A 75 -8.73 3.72 6.27
CA ILE A 75 -7.38 3.39 6.73
C ILE A 75 -7.44 2.36 7.87
N ALA A 76 -8.29 2.63 8.85
CA ALA A 76 -8.45 1.75 10.01
C ALA A 76 -8.89 0.35 9.60
N ASP A 77 -9.55 0.25 8.44
CA ASP A 77 -10.02 -1.03 7.92
C ASP A 77 -8.84 -1.98 7.64
N VAL A 78 -7.69 -1.41 7.30
CA VAL A 78 -6.52 -2.20 6.91
C VAL A 78 -5.68 -2.53 8.15
N THR A 79 -6.37 -2.83 9.24
CA THR A 79 -5.73 -3.24 10.49
C THR A 79 -4.88 -2.11 11.08
N LYS A 80 -5.09 -0.88 10.60
CA LYS A 80 -4.33 0.26 11.13
C LYS A 80 -4.76 0.53 12.57
N ASP A 81 -6.02 0.24 12.87
CA ASP A 81 -6.58 0.43 14.23
C ASP A 81 -6.71 1.91 14.56
N GLU A 82 -5.58 2.60 14.68
CA GLU A 82 -5.56 4.02 14.97
C GLU A 82 -4.89 4.77 13.81
N PRO A 83 -5.69 5.39 12.93
CA PRO A 83 -5.17 6.13 11.77
C PRO A 83 -4.66 7.52 12.17
N THR A 84 -3.40 7.80 11.85
CA THR A 84 -2.79 9.09 12.20
C THR A 84 -2.76 10.04 11.01
N ALA A 85 -2.44 11.31 11.31
CA ALA A 85 -2.40 12.36 10.29
C ALA A 85 -1.46 11.97 9.15
N GLN A 86 -0.42 11.22 9.48
CA GLN A 86 0.51 10.70 8.48
C GLN A 86 -0.24 9.85 7.46
N ASP A 87 -1.07 8.93 7.96
CA ASP A 87 -1.84 8.03 7.10
C ASP A 87 -2.83 8.82 6.27
N ILE A 88 -3.62 9.65 6.95
CA ILE A 88 -4.61 10.48 6.26
C ILE A 88 -3.94 11.36 5.20
N SER A 89 -2.73 11.84 5.50
CA SER A 89 -2.01 12.70 4.56
C SER A 89 -1.60 11.91 3.31
N ARG A 90 -0.98 10.75 3.51
CA ARG A 90 -0.54 9.90 2.40
C ARG A 90 -1.74 9.53 1.52
N VAL A 91 -2.74 8.95 2.16
CA VAL A 91 -3.97 8.57 1.48
C VAL A 91 -4.56 9.77 0.75
N ALA A 92 -4.65 10.90 1.44
CA ALA A 92 -5.18 12.13 0.86
C ALA A 92 -4.35 12.57 -0.33
N SER A 93 -3.04 12.33 -0.26
CA SER A 93 -2.14 12.69 -1.34
C SER A 93 -2.38 11.80 -2.56
N ARG A 94 -2.75 10.54 -2.32
CA ARG A 94 -3.04 9.62 -3.42
C ARG A 94 -4.37 9.99 -4.11
N LEU A 95 -5.45 10.07 -3.33
CA LEU A 95 -6.74 10.55 -3.85
C LEU A 95 -6.64 11.96 -4.40
N ALA A 96 -5.71 12.75 -3.86
CA ALA A 96 -5.43 14.08 -4.41
C ALA A 96 -5.17 14.00 -5.91
N ALA A 97 -4.37 13.01 -6.30
CA ALA A 97 -4.10 12.74 -7.71
C ALA A 97 -5.25 11.94 -8.34
N GLY A 98 -6.09 11.37 -7.49
CA GLY A 98 -7.17 10.50 -7.93
C GLY A 98 -8.22 11.25 -8.73
N GLY A 99 -8.46 12.52 -8.39
CA GLY A 99 -9.37 13.32 -9.18
C GLY A 99 -10.10 14.39 -8.38
N TRP A 100 -10.51 14.06 -7.16
CA TRP A 100 -11.39 14.98 -6.41
C TRP A 100 -10.83 15.34 -5.03
N PRO A 101 -9.88 16.27 -4.99
CA PRO A 101 -9.46 17.04 -3.83
C PRO A 101 -9.37 18.54 -4.17
N LEU A 102 -8.26 19.15 -3.78
CA LEU A 102 -7.71 20.30 -4.49
C LEU A 102 -6.48 19.79 -5.26
N ALA A 103 -6.64 19.64 -6.58
CA ALA A 103 -5.64 18.96 -7.41
C ALA A 103 -4.23 19.54 -7.25
N GLY A 104 -3.23 18.74 -7.61
CA GLY A 104 -1.85 19.17 -7.49
C GLY A 104 -0.85 18.08 -7.84
N VAL A 105 -0.74 17.07 -6.98
CA VAL A 105 0.25 16.02 -7.10
C VAL A 105 -0.08 15.01 -8.21
N ASP A 106 0.74 13.97 -8.32
CA ASP A 106 0.55 12.91 -9.31
C ASP A 106 0.52 11.53 -8.65
N SER A 107 -0.36 10.66 -9.13
CA SER A 107 -0.54 9.33 -8.56
C SER A 107 0.62 8.41 -8.93
N THR A 108 1.06 8.50 -10.19
CA THR A 108 2.14 7.66 -10.68
C THR A 108 3.43 7.90 -9.89
N ALA A 109 3.58 9.11 -9.37
CA ALA A 109 4.78 9.48 -8.60
C ALA A 109 4.66 9.04 -7.14
N LEU A 110 3.54 8.43 -6.82
CA LEU A 110 3.25 7.98 -5.46
C LEU A 110 2.70 6.55 -5.49
N ASN A 111 2.97 5.85 -6.60
CA ASN A 111 2.44 4.52 -6.84
C ASN A 111 3.54 3.48 -6.86
N ALA A 112 3.70 2.75 -5.75
CA ALA A 112 4.60 1.61 -5.69
C ALA A 112 3.90 0.35 -6.19
N MET A 1 -1.12 -69.59 -11.02
CA MET A 1 -2.30 -69.95 -10.19
C MET A 1 -2.75 -68.76 -9.35
N ALA A 2 -4.03 -68.76 -8.96
CA ALA A 2 -4.60 -67.82 -7.98
C ALA A 2 -4.58 -66.37 -8.46
N HIS A 3 -4.06 -66.11 -9.66
CA HIS A 3 -3.93 -64.74 -10.15
C HIS A 3 -5.25 -64.24 -10.73
N HIS A 4 -5.78 -63.19 -10.10
CA HIS A 4 -7.04 -62.59 -10.52
C HIS A 4 -6.94 -61.06 -10.39
N HIS A 5 -7.43 -60.35 -11.40
CA HIS A 5 -7.28 -58.89 -11.47
C HIS A 5 -8.40 -58.19 -10.74
N HIS A 6 -8.06 -57.13 -10.01
CA HIS A 6 -9.03 -56.29 -9.32
C HIS A 6 -8.88 -54.86 -9.80
N HIS A 7 -9.74 -54.46 -10.74
CA HIS A 7 -9.67 -53.13 -11.34
C HIS A 7 -9.89 -52.05 -10.30
N HIS A 8 -8.77 -51.56 -9.74
CA HIS A 8 -8.81 -50.43 -8.81
C HIS A 8 -8.41 -49.16 -9.54
N MET A 9 -9.33 -48.21 -9.62
CA MET A 9 -9.10 -46.97 -10.35
C MET A 9 -8.49 -45.91 -9.44
N GLY A 10 -9.28 -45.48 -8.47
CA GLY A 10 -8.87 -44.42 -7.57
C GLY A 10 -10.02 -43.89 -6.75
N THR A 11 -9.80 -43.72 -5.46
CA THR A 11 -10.81 -43.20 -4.55
C THR A 11 -10.48 -41.77 -4.11
N LEU A 12 -9.23 -41.38 -4.29
CA LEU A 12 -8.77 -40.07 -3.85
C LEU A 12 -9.17 -38.99 -4.86
N GLU A 13 -10.27 -38.31 -4.59
CA GLU A 13 -10.64 -37.11 -5.32
C GLU A 13 -11.29 -36.11 -4.36
N ALA A 14 -10.47 -35.63 -3.42
CA ALA A 14 -10.93 -34.70 -2.39
C ALA A 14 -9.80 -33.77 -1.96
N GLN A 15 -8.67 -33.85 -2.67
CA GLN A 15 -7.53 -33.00 -2.37
C GLN A 15 -7.72 -31.64 -3.03
N THR A 16 -8.18 -30.68 -2.23
CA THR A 16 -8.37 -29.32 -2.70
C THR A 16 -7.02 -28.61 -2.82
N GLN A 17 -6.67 -28.19 -4.02
CA GLN A 17 -5.43 -27.47 -4.26
C GLN A 17 -5.46 -26.15 -3.50
N GLY A 18 -6.61 -25.48 -3.55
CA GLY A 18 -6.81 -24.23 -2.83
C GLY A 18 -7.27 -23.11 -3.75
N PRO A 19 -7.30 -21.86 -3.27
CA PRO A 19 -7.67 -20.70 -4.08
C PRO A 19 -6.72 -20.51 -5.26
N GLY A 20 -7.21 -20.81 -6.46
CA GLY A 20 -6.38 -20.73 -7.65
C GLY A 20 -5.32 -21.82 -7.67
N SER A 21 -4.21 -21.58 -6.97
CA SER A 21 -3.09 -22.52 -6.91
C SER A 21 -2.01 -21.99 -5.97
N PRO A 22 -2.03 -22.40 -4.69
CA PRO A 22 -0.98 -22.07 -3.74
C PRO A 22 0.24 -22.97 -3.93
N GLU A 23 1.29 -22.41 -4.50
CA GLU A 23 2.51 -23.13 -4.79
C GLU A 23 3.70 -22.54 -4.03
N GLY A 24 4.71 -23.36 -3.80
CA GLY A 24 5.84 -22.95 -2.97
C GLY A 24 5.60 -23.28 -1.52
N VAL A 25 4.35 -23.56 -1.19
CA VAL A 25 3.95 -23.94 0.15
C VAL A 25 3.11 -25.23 0.09
N PRO A 26 3.27 -26.13 1.06
CA PRO A 26 2.53 -27.40 1.09
C PRO A 26 1.05 -27.21 1.43
N PRO A 27 0.13 -27.64 0.54
CA PRO A 27 -1.31 -27.58 0.81
C PRO A 27 -1.69 -28.50 1.98
N THR A 28 -1.52 -27.98 3.19
CA THR A 28 -1.78 -28.74 4.40
C THR A 28 -3.27 -28.76 4.74
N ASP A 29 -3.61 -29.36 5.89
CA ASP A 29 -5.01 -29.47 6.34
C ASP A 29 -5.52 -28.14 6.90
N ARG A 30 -4.97 -27.03 6.41
CA ARG A 30 -5.31 -25.70 6.91
C ARG A 30 -5.63 -24.78 5.74
N PHE A 31 -5.62 -23.47 5.99
CA PHE A 31 -5.75 -22.47 4.94
C PHE A 31 -4.34 -21.99 4.54
N PRO A 32 -4.08 -21.84 3.22
CA PRO A 32 -2.74 -21.52 2.70
C PRO A 32 -2.37 -20.04 2.85
N LEU A 33 -3.03 -19.34 3.77
CA LEU A 33 -2.74 -17.94 4.03
C LEU A 33 -2.89 -17.62 5.52
N LEU A 34 -1.83 -17.07 6.11
CA LEU A 34 -1.81 -16.78 7.55
C LEU A 34 -1.46 -15.31 7.81
N ALA A 35 -0.44 -14.81 7.12
CA ALA A 35 0.15 -13.50 7.42
C ALA A 35 -0.58 -12.36 6.70
N LEU A 36 -1.90 -12.30 6.88
CA LEU A 36 -2.70 -11.23 6.31
C LEU A 36 -2.66 -10.00 7.20
N LEU A 37 -2.41 -10.23 8.49
CA LEU A 37 -2.36 -9.14 9.48
C LEU A 37 -1.12 -8.28 9.27
N ARG A 38 -1.20 -7.40 8.28
CA ARG A 38 -0.11 -6.49 7.97
C ARG A 38 -0.48 -5.07 8.43
N ARG A 39 -0.47 -4.87 9.75
CA ARG A 39 -0.83 -3.57 10.32
C ARG A 39 0.28 -2.56 10.06
N THR A 40 0.23 -1.99 8.88
CA THR A 40 1.17 -0.98 8.40
C THR A 40 0.69 -0.49 7.04
N LEU A 41 0.30 0.77 6.94
CA LEU A 41 -0.14 1.31 5.66
C LEU A 41 1.06 1.67 4.81
N THR A 42 1.66 0.65 4.19
CA THR A 42 2.67 0.89 3.17
C THR A 42 1.97 1.46 1.94
N GLU A 43 2.74 2.00 1.00
CA GLU A 43 2.18 2.67 -0.16
C GLU A 43 1.11 1.81 -0.84
N GLU A 44 1.33 0.49 -0.86
CA GLU A 44 0.39 -0.43 -1.49
C GLU A 44 -0.99 -0.29 -0.85
N GLN A 45 -0.99 -0.27 0.49
CA GLN A 45 -2.22 -0.22 1.27
C GLN A 45 -2.88 1.14 1.09
N VAL A 46 -2.04 2.18 1.01
CA VAL A 46 -2.50 3.54 0.78
C VAL A 46 -3.26 3.64 -0.55
N GLN A 47 -2.70 3.01 -1.58
CA GLN A 47 -3.33 2.99 -2.90
C GLN A 47 -4.60 2.17 -2.84
N GLU A 48 -4.58 1.14 -2.02
CA GLU A 48 -5.79 0.36 -1.78
C GLU A 48 -6.85 1.23 -1.11
N VAL A 49 -6.43 2.08 -0.17
CA VAL A 49 -7.36 2.97 0.53
C VAL A 49 -8.03 3.91 -0.46
N VAL A 50 -7.23 4.59 -1.29
CA VAL A 50 -7.78 5.49 -2.30
C VAL A 50 -8.57 4.71 -3.36
N ALA A 51 -8.19 3.47 -3.59
CA ALA A 51 -8.92 2.60 -4.53
C ALA A 51 -10.32 2.32 -4.00
N LYS A 52 -10.39 1.92 -2.73
CA LYS A 52 -11.66 1.62 -2.09
C LYS A 52 -12.45 2.92 -1.83
N LEU A 53 -11.72 4.00 -1.57
CA LEU A 53 -12.32 5.33 -1.43
C LEU A 53 -13.13 5.68 -2.68
N THR A 54 -12.63 5.27 -3.85
CA THR A 54 -13.28 5.57 -5.11
C THR A 54 -14.32 4.51 -5.50
N ASP A 55 -14.58 3.56 -4.59
CA ASP A 55 -15.66 2.59 -4.81
C ASP A 55 -17.00 3.25 -4.47
N PRO A 56 -17.85 3.49 -5.50
CA PRO A 56 -19.04 4.33 -5.39
C PRO A 56 -20.02 3.86 -4.30
N GLU A 57 -20.41 2.60 -4.38
CA GLU A 57 -21.40 2.05 -3.46
C GLU A 57 -20.72 1.55 -2.19
N SER A 58 -19.56 0.93 -2.35
CA SER A 58 -18.86 0.30 -1.24
C SER A 58 -18.59 1.31 -0.11
N SER A 59 -18.14 2.51 -0.47
CA SER A 59 -17.81 3.54 0.50
C SER A 59 -19.08 4.12 1.13
N ALA A 60 -19.94 4.67 0.29
CA ALA A 60 -21.14 5.36 0.74
C ALA A 60 -22.02 4.47 1.61
N GLN A 61 -22.04 3.18 1.31
CA GLN A 61 -22.94 2.24 2.00
C GLN A 61 -22.50 2.02 3.45
N ILE A 62 -21.22 2.23 3.74
CA ILE A 62 -20.68 1.97 5.06
C ILE A 62 -21.27 2.92 6.11
N ASP A 63 -21.23 4.21 5.83
CA ASP A 63 -21.71 5.23 6.77
C ASP A 63 -22.96 5.93 6.24
N GLY A 64 -23.35 5.61 5.02
CA GLY A 64 -24.50 6.24 4.41
C GLY A 64 -24.15 7.61 3.83
N VAL A 65 -22.91 8.03 4.04
CA VAL A 65 -22.45 9.35 3.60
C VAL A 65 -21.02 9.27 3.07
N VAL A 66 -20.66 10.20 2.20
CA VAL A 66 -19.29 10.33 1.70
C VAL A 66 -18.72 11.68 2.14
N SER A 67 -17.84 11.64 3.14
CA SER A 67 -17.27 12.84 3.73
C SER A 67 -15.83 12.58 4.15
N LYS A 68 -15.12 13.65 4.53
CA LYS A 68 -13.65 13.61 4.79
C LYS A 68 -13.22 12.42 5.66
N ASP A 69 -14.08 12.00 6.58
CA ASP A 69 -13.77 10.93 7.53
C ASP A 69 -13.61 9.58 6.81
N GLU A 70 -14.12 9.52 5.58
CA GLU A 70 -14.08 8.30 4.77
C GLU A 70 -12.66 7.74 4.69
N ILE A 71 -11.69 8.64 4.52
CA ILE A 71 -10.30 8.23 4.41
C ILE A 71 -9.90 7.44 5.65
N GLU A 72 -10.22 7.99 6.82
CA GLU A 72 -9.89 7.38 8.10
C GLU A 72 -10.54 6.00 8.23
N LYS A 73 -11.82 5.96 7.85
CA LYS A 73 -12.60 4.72 7.90
C LYS A 73 -11.90 3.62 7.13
N PHE A 74 -11.49 3.94 5.90
CA PHE A 74 -10.82 2.96 5.04
C PHE A 74 -9.41 2.65 5.52
N ILE A 75 -8.76 3.59 6.20
CA ILE A 75 -7.44 3.31 6.78
C ILE A 75 -7.56 2.21 7.82
N ALA A 76 -8.51 2.39 8.75
CA ALA A 76 -8.74 1.42 9.81
C ALA A 76 -9.19 0.10 9.21
N ASP A 77 -9.86 0.20 8.06
CA ASP A 77 -10.36 -0.96 7.33
C ASP A 77 -9.23 -1.86 6.86
N VAL A 78 -8.03 -1.30 6.75
CA VAL A 78 -6.87 -2.05 6.26
C VAL A 78 -6.07 -2.60 7.44
N THR A 79 -6.78 -2.89 8.54
CA THR A 79 -6.18 -3.50 9.72
C THR A 79 -5.12 -2.59 10.34
N LYS A 80 -5.16 -1.30 9.98
CA LYS A 80 -4.20 -0.33 10.48
C LYS A 80 -4.49 -0.02 11.96
N ASP A 81 -5.78 -0.01 12.31
CA ASP A 81 -6.25 0.32 13.66
C ASP A 81 -6.09 1.80 13.97
N GLU A 82 -4.88 2.33 13.76
CA GLU A 82 -4.55 3.72 14.05
C GLU A 82 -4.49 4.55 12.76
N PRO A 83 -5.59 5.21 12.39
CA PRO A 83 -5.61 6.12 11.24
C PRO A 83 -5.07 7.50 11.61
N THR A 84 -3.75 7.64 11.64
CA THR A 84 -3.12 8.87 12.07
C THR A 84 -2.88 9.81 10.89
N ALA A 85 -2.44 11.03 11.21
CA ALA A 85 -2.19 12.06 10.21
C ALA A 85 -1.25 11.57 9.11
N GLN A 86 -0.34 10.66 9.46
CA GLN A 86 0.59 10.11 8.48
C GLN A 86 -0.14 9.32 7.41
N ASP A 87 -0.95 8.35 7.84
CA ASP A 87 -1.71 7.51 6.91
C ASP A 87 -2.61 8.38 6.06
N ILE A 88 -3.38 9.22 6.74
CA ILE A 88 -4.32 10.14 6.09
C ILE A 88 -3.60 11.06 5.12
N SER A 89 -2.44 11.56 5.51
CA SER A 89 -1.65 12.43 4.66
C SER A 89 -1.26 11.69 3.37
N ARG A 90 -0.76 10.46 3.50
CA ARG A 90 -0.36 9.67 2.32
C ARG A 90 -1.56 9.48 1.40
N VAL A 91 -2.63 8.93 1.96
CA VAL A 91 -3.85 8.67 1.21
C VAL A 91 -4.34 9.95 0.54
N ALA A 92 -4.43 11.01 1.34
CA ALA A 92 -4.88 12.32 0.86
C ALA A 92 -3.97 12.82 -0.27
N SER A 93 -2.68 12.52 -0.14
CA SER A 93 -1.71 12.91 -1.16
C SER A 93 -1.98 12.17 -2.47
N ARG A 94 -2.34 10.89 -2.39
CA ARG A 94 -2.65 10.12 -3.60
C ARG A 94 -3.89 10.68 -4.29
N LEU A 95 -4.96 10.78 -3.51
CA LEU A 95 -6.24 11.26 -4.05
C LEU A 95 -6.16 12.73 -4.49
N ALA A 96 -5.27 13.50 -3.85
CA ALA A 96 -4.99 14.87 -4.29
C ALA A 96 -4.13 14.86 -5.55
N ALA A 97 -3.23 13.87 -5.63
CA ALA A 97 -2.35 13.70 -6.79
C ALA A 97 -3.16 13.22 -7.99
N GLY A 98 -4.38 12.74 -7.73
CA GLY A 98 -5.29 12.33 -8.79
C GLY A 98 -5.76 13.51 -9.62
N GLY A 99 -5.22 14.69 -9.35
CA GLY A 99 -5.51 15.86 -10.14
C GLY A 99 -5.17 15.65 -11.61
N TRP A 100 -6.22 15.41 -12.40
CA TRP A 100 -6.11 15.14 -13.84
C TRP A 100 -5.28 16.23 -14.57
N PRO A 101 -5.19 16.23 -15.95
CA PRO A 101 -4.03 16.68 -16.69
C PRO A 101 -2.81 17.07 -15.84
N LEU A 102 -1.96 16.07 -15.60
CA LEU A 102 -0.71 16.24 -14.87
C LEU A 102 0.45 15.65 -15.67
N ALA A 103 1.67 15.95 -15.26
CA ALA A 103 2.86 15.36 -15.88
C ALA A 103 3.82 14.86 -14.82
N GLY A 104 4.65 13.89 -15.18
CA GLY A 104 5.62 13.33 -14.25
C GLY A 104 5.04 12.18 -13.44
N VAL A 105 4.38 11.25 -14.14
CA VAL A 105 3.77 10.10 -13.51
C VAL A 105 4.84 9.17 -12.92
N ASP A 106 5.00 9.23 -11.61
CA ASP A 106 6.00 8.41 -10.91
C ASP A 106 5.52 6.97 -10.80
N SER A 107 5.96 6.14 -11.75
CA SER A 107 5.70 4.72 -11.70
C SER A 107 6.73 4.05 -10.80
N THR A 108 7.88 4.71 -10.69
CA THR A 108 8.96 4.23 -9.82
C THR A 108 8.60 4.45 -8.36
N ALA A 109 7.78 5.48 -8.10
CA ALA A 109 7.37 5.82 -6.74
C ALA A 109 5.98 5.23 -6.47
N LEU A 110 5.54 4.37 -7.38
CA LEU A 110 4.27 3.69 -7.24
C LEU A 110 4.32 2.78 -6.02
N ASN A 111 5.52 2.26 -5.76
CA ASN A 111 5.79 1.52 -4.54
C ASN A 111 7.12 2.02 -3.96
N ALA A 112 7.02 3.01 -3.10
CA ALA A 112 8.21 3.66 -2.53
C ALA A 112 8.64 3.00 -1.22
N MET A 1 57.53 -1.43 -22.38
CA MET A 1 56.14 -0.94 -22.21
C MET A 1 55.94 -0.37 -20.81
N ALA A 2 54.96 0.52 -20.65
CA ALA A 2 54.68 1.15 -19.38
C ALA A 2 53.19 1.08 -19.05
N HIS A 3 52.80 0.02 -18.36
CA HIS A 3 51.40 -0.18 -17.97
C HIS A 3 51.26 -0.19 -16.46
N HIS A 4 50.44 0.72 -15.94
CA HIS A 4 50.13 0.77 -14.51
C HIS A 4 48.69 1.24 -14.31
N HIS A 5 48.20 1.15 -13.08
CA HIS A 5 46.80 1.43 -12.78
C HIS A 5 46.66 2.11 -11.42
N HIS A 6 45.81 3.12 -11.37
CA HIS A 6 45.43 3.78 -10.11
C HIS A 6 43.92 3.67 -9.93
N HIS A 7 43.47 3.46 -8.70
CA HIS A 7 42.04 3.36 -8.41
C HIS A 7 41.39 4.73 -8.55
N HIS A 8 40.83 4.99 -9.73
CA HIS A 8 40.17 6.27 -10.00
C HIS A 8 38.70 6.21 -9.55
N MET A 9 38.50 6.35 -8.24
CA MET A 9 37.17 6.43 -7.64
C MET A 9 36.36 5.15 -7.86
N GLY A 10 37.06 4.09 -8.25
CA GLY A 10 36.40 2.82 -8.52
C GLY A 10 36.53 1.84 -7.37
N THR A 11 36.20 0.58 -7.62
CA THR A 11 36.30 -0.48 -6.62
C THR A 11 35.29 -0.28 -5.49
N LEU A 12 34.36 0.65 -5.69
CA LEU A 12 33.39 1.02 -4.67
C LEU A 12 32.08 0.24 -4.87
N GLU A 13 31.59 -0.38 -3.80
CA GLU A 13 30.33 -1.12 -3.83
C GLU A 13 29.32 -0.45 -2.89
N ALA A 14 28.23 -1.14 -2.58
CA ALA A 14 27.20 -0.59 -1.68
C ALA A 14 27.52 -0.93 -0.23
N GLN A 15 27.60 0.10 0.61
CA GLN A 15 27.87 -0.11 2.03
C GLN A 15 26.63 -0.72 2.70
N THR A 16 25.51 -0.01 2.61
CA THR A 16 24.24 -0.52 3.08
C THR A 16 23.70 -1.54 2.08
N GLN A 17 24.19 -2.77 2.19
CA GLN A 17 23.82 -3.84 1.27
C GLN A 17 22.35 -4.23 1.45
N GLY A 18 21.51 -3.66 0.57
CA GLY A 18 20.08 -3.89 0.64
C GLY A 18 19.34 -2.89 -0.22
N PRO A 19 18.01 -2.73 -0.03
CA PRO A 19 17.22 -1.77 -0.79
C PRO A 19 17.71 -0.33 -0.58
N GLY A 20 18.08 0.34 -1.66
CA GLY A 20 18.58 1.70 -1.57
C GLY A 20 17.48 2.71 -1.34
N SER A 21 16.81 2.59 -0.20
CA SER A 21 15.71 3.48 0.16
C SER A 21 15.64 3.65 1.69
N PRO A 22 15.51 2.56 2.48
CA PRO A 22 15.62 2.65 3.95
C PRO A 22 17.08 2.90 4.37
N GLU A 23 17.52 4.14 4.20
CA GLU A 23 18.90 4.52 4.53
C GLU A 23 19.00 4.96 5.98
N GLY A 24 20.16 4.71 6.59
CA GLY A 24 20.39 5.07 7.98
C GLY A 24 19.66 4.16 8.94
N VAL A 25 19.42 2.92 8.51
CA VAL A 25 18.75 1.93 9.34
C VAL A 25 19.76 0.91 9.86
N PRO A 26 19.49 0.31 11.04
CA PRO A 26 20.31 -0.77 11.58
C PRO A 26 19.86 -2.13 11.03
N PRO A 27 20.79 -3.09 10.86
CA PRO A 27 20.45 -4.45 10.42
C PRO A 27 19.40 -5.09 11.33
N THR A 28 18.15 -5.01 10.92
CA THR A 28 17.05 -5.55 11.68
C THR A 28 16.86 -7.04 11.39
N ASP A 29 16.33 -7.78 12.37
CA ASP A 29 16.06 -9.20 12.23
C ASP A 29 14.91 -9.42 11.24
N ARG A 30 14.10 -8.39 11.07
CA ARG A 30 12.94 -8.44 10.18
C ARG A 30 13.20 -7.65 8.91
N PHE A 31 12.48 -7.98 7.84
CA PHE A 31 12.68 -7.36 6.54
C PHE A 31 12.32 -5.87 6.58
N PRO A 32 13.11 -5.01 5.91
CA PRO A 32 12.85 -3.56 5.86
C PRO A 32 11.61 -3.22 5.02
N LEU A 33 11.02 -4.24 4.40
CA LEU A 33 9.80 -4.06 3.62
C LEU A 33 8.58 -4.20 4.52
N LEU A 34 7.67 -3.23 4.44
CA LEU A 34 6.46 -3.23 5.25
C LEU A 34 5.32 -3.96 4.55
N ALA A 35 5.68 -4.97 3.76
CA ALA A 35 4.71 -5.73 2.97
C ALA A 35 4.16 -6.91 3.75
N LEU A 36 4.42 -6.93 5.04
CA LEU A 36 3.91 -7.99 5.92
C LEU A 36 2.67 -7.50 6.66
N LEU A 37 1.70 -8.40 6.84
CA LEU A 37 0.43 -8.04 7.47
C LEU A 37 0.64 -7.57 8.91
N ARG A 38 0.82 -6.27 9.07
CA ARG A 38 0.90 -5.62 10.37
C ARG A 38 -0.10 -4.47 10.39
N ARG A 39 0.09 -3.50 11.29
CA ARG A 39 -0.73 -2.29 11.25
C ARG A 39 -0.19 -1.34 10.19
N THR A 40 1.10 -1.47 9.95
CA THR A 40 1.84 -0.54 9.10
C THR A 40 1.32 -0.53 7.66
N LEU A 41 0.70 0.58 7.28
CA LEU A 41 0.28 0.79 5.91
C LEU A 41 1.46 1.23 5.06
N THR A 42 2.08 0.28 4.37
CA THR A 42 3.08 0.61 3.36
C THR A 42 2.35 1.28 2.20
N GLU A 43 3.07 1.95 1.30
CA GLU A 43 2.41 2.73 0.25
C GLU A 43 1.38 1.89 -0.50
N GLU A 44 1.75 0.65 -0.82
CA GLU A 44 0.87 -0.23 -1.58
C GLU A 44 -0.47 -0.40 -0.83
N GLN A 45 -0.39 -0.50 0.48
CA GLN A 45 -1.57 -0.58 1.34
C GLN A 45 -2.39 0.69 1.22
N VAL A 46 -1.69 1.82 1.28
CA VAL A 46 -2.31 3.14 1.13
C VAL A 46 -3.06 3.22 -0.20
N GLN A 47 -2.44 2.68 -1.25
CA GLN A 47 -3.02 2.73 -2.59
C GLN A 47 -4.24 1.84 -2.67
N GLU A 48 -4.20 0.71 -1.99
CA GLU A 48 -5.38 -0.17 -1.93
C GLU A 48 -6.52 0.55 -1.23
N VAL A 49 -6.19 1.20 -0.11
CA VAL A 49 -7.17 2.01 0.62
C VAL A 49 -7.84 3.01 -0.31
N VAL A 50 -7.05 3.81 -1.00
CA VAL A 50 -7.56 4.82 -1.92
C VAL A 50 -8.25 4.20 -3.13
N ALA A 51 -7.76 3.03 -3.55
CA ALA A 51 -8.35 2.31 -4.67
C ALA A 51 -9.81 1.97 -4.38
N LYS A 52 -10.07 1.52 -3.16
CA LYS A 52 -11.45 1.27 -2.72
C LYS A 52 -12.14 2.60 -2.38
N LEU A 53 -11.39 3.47 -1.72
CA LEU A 53 -11.91 4.75 -1.19
C LEU A 53 -12.49 5.61 -2.32
N THR A 54 -11.90 5.51 -3.51
CA THR A 54 -12.31 6.35 -4.63
C THR A 54 -13.63 5.87 -5.26
N ASP A 55 -14.24 4.84 -4.66
CA ASP A 55 -15.60 4.45 -5.05
C ASP A 55 -16.60 5.13 -4.11
N PRO A 56 -17.21 6.24 -4.56
CA PRO A 56 -18.06 7.10 -3.71
C PRO A 56 -19.35 6.40 -3.26
N GLU A 57 -19.65 5.27 -3.89
CA GLU A 57 -20.86 4.54 -3.61
C GLU A 57 -20.70 3.74 -2.31
N SER A 58 -19.68 2.89 -2.27
CA SER A 58 -19.43 2.04 -1.11
C SER A 58 -18.98 2.88 0.09
N SER A 59 -18.06 3.80 -0.14
CA SER A 59 -17.51 4.65 0.92
C SER A 59 -18.63 5.42 1.63
N ALA A 60 -19.53 6.01 0.85
CA ALA A 60 -20.66 6.74 1.42
C ALA A 60 -21.58 5.80 2.18
N GLN A 61 -21.71 4.57 1.69
CA GLN A 61 -22.62 3.59 2.26
C GLN A 61 -22.13 3.12 3.64
N ILE A 62 -20.82 3.23 3.87
CA ILE A 62 -20.23 2.79 5.13
C ILE A 62 -20.89 3.46 6.33
N ASP A 63 -20.99 4.80 6.27
CA ASP A 63 -21.58 5.58 7.36
C ASP A 63 -22.94 6.15 6.96
N GLY A 64 -23.24 6.10 5.67
CA GLY A 64 -24.45 6.73 5.16
C GLY A 64 -24.25 8.21 4.90
N VAL A 65 -23.07 8.71 5.27
CA VAL A 65 -22.71 10.11 5.09
C VAL A 65 -21.30 10.21 4.51
N VAL A 66 -21.17 10.84 3.35
CA VAL A 66 -19.88 10.95 2.68
C VAL A 66 -19.11 12.17 3.17
N SER A 67 -18.14 11.92 4.05
CA SER A 67 -17.26 12.95 4.57
C SER A 67 -15.84 12.40 4.65
N LYS A 68 -14.86 13.27 4.87
CA LYS A 68 -13.44 12.89 4.76
C LYS A 68 -13.05 11.84 5.82
N ASP A 69 -13.81 11.76 6.90
CA ASP A 69 -13.59 10.72 7.92
C ASP A 69 -13.60 9.32 7.29
N GLU A 70 -14.13 9.23 6.06
CA GLU A 70 -14.16 7.99 5.30
C GLU A 70 -12.76 7.37 5.21
N ILE A 71 -11.77 8.26 5.11
CA ILE A 71 -10.38 7.86 5.00
C ILE A 71 -9.98 7.04 6.22
N GLU A 72 -10.31 7.57 7.40
CA GLU A 72 -10.00 6.92 8.66
C GLU A 72 -10.67 5.55 8.75
N LYS A 73 -11.90 5.47 8.24
CA LYS A 73 -12.67 4.22 8.25
C LYS A 73 -11.96 3.15 7.42
N PHE A 74 -11.53 3.53 6.21
CA PHE A 74 -10.85 2.59 5.33
C PHE A 74 -9.45 2.23 5.85
N ILE A 75 -8.78 3.19 6.50
CA ILE A 75 -7.45 2.95 7.06
C ILE A 75 -7.52 1.95 8.22
N ALA A 76 -8.47 2.16 9.12
CA ALA A 76 -8.65 1.29 10.27
C ALA A 76 -8.91 -0.15 9.82
N ASP A 77 -9.55 -0.28 8.68
CA ASP A 77 -9.88 -1.58 8.09
C ASP A 77 -8.61 -2.37 7.77
N VAL A 78 -7.52 -1.66 7.49
CA VAL A 78 -6.26 -2.28 7.11
C VAL A 78 -5.40 -2.55 8.35
N THR A 79 -6.08 -2.84 9.46
CA THR A 79 -5.43 -3.21 10.73
C THR A 79 -4.61 -2.07 11.32
N LYS A 80 -4.84 -0.84 10.84
CA LYS A 80 -4.04 0.28 11.33
C LYS A 80 -4.44 0.64 12.76
N ASP A 81 -5.69 0.32 13.10
CA ASP A 81 -6.25 0.59 14.44
C ASP A 81 -6.42 2.10 14.65
N GLU A 82 -5.30 2.80 14.75
CA GLU A 82 -5.31 4.26 14.85
C GLU A 82 -4.85 4.90 13.53
N PRO A 83 -5.81 5.41 12.74
CA PRO A 83 -5.49 6.18 11.54
C PRO A 83 -4.87 7.54 11.90
N THR A 84 -3.56 7.64 11.80
CA THR A 84 -2.84 8.85 12.18
C THR A 84 -2.80 9.85 11.03
N ALA A 85 -2.46 11.10 11.37
CA ALA A 85 -2.37 12.18 10.39
C ALA A 85 -1.50 11.78 9.20
N GLN A 86 -0.47 10.98 9.46
CA GLN A 86 0.40 10.46 8.40
C GLN A 86 -0.42 9.66 7.40
N ASP A 87 -1.19 8.69 7.91
CA ASP A 87 -2.00 7.83 7.06
C ASP A 87 -2.97 8.68 6.25
N ILE A 88 -3.73 9.52 6.96
CA ILE A 88 -4.72 10.37 6.31
C ILE A 88 -4.06 11.28 5.27
N SER A 89 -2.86 11.77 5.58
CA SER A 89 -2.14 12.66 4.68
C SER A 89 -1.83 11.95 3.35
N ARG A 90 -1.23 10.76 3.46
CA ARG A 90 -0.86 9.99 2.28
C ARG A 90 -2.11 9.62 1.48
N VAL A 91 -3.05 8.97 2.17
CA VAL A 91 -4.29 8.54 1.54
C VAL A 91 -4.99 9.72 0.86
N ALA A 92 -5.18 10.81 1.62
CA ALA A 92 -5.88 11.99 1.12
C ALA A 92 -5.16 12.58 -0.09
N SER A 93 -3.84 12.53 -0.07
CA SER A 93 -3.03 13.00 -1.19
C SER A 93 -3.34 12.17 -2.44
N ARG A 94 -3.40 10.85 -2.26
CA ARG A 94 -3.65 9.94 -3.39
C ARG A 94 -5.02 10.21 -4.00
N LEU A 95 -6.05 10.17 -3.17
CA LEU A 95 -7.42 10.36 -3.62
C LEU A 95 -7.63 11.79 -4.15
N ALA A 96 -6.87 12.74 -3.62
CA ALA A 96 -6.87 14.10 -4.15
C ALA A 96 -6.53 14.07 -5.64
N ALA A 97 -5.48 13.31 -5.98
CA ALA A 97 -5.11 13.08 -7.37
C ALA A 97 -6.02 12.02 -8.01
N GLY A 98 -6.70 11.26 -7.15
CA GLY A 98 -7.57 10.18 -7.58
C GLY A 98 -8.86 10.67 -8.21
N GLY A 99 -9.06 11.99 -8.23
CA GLY A 99 -10.17 12.55 -8.99
C GLY A 99 -9.87 12.50 -10.46
N TRP A 100 -9.77 11.27 -10.98
CA TRP A 100 -9.13 10.95 -12.26
C TRP A 100 -9.36 11.98 -13.37
N PRO A 101 -8.38 12.88 -13.58
CA PRO A 101 -8.25 13.68 -14.79
C PRO A 101 -7.08 13.18 -15.63
N LEU A 102 -6.43 12.12 -15.14
CA LEU A 102 -5.14 11.65 -15.62
C LEU A 102 -5.28 10.45 -16.55
N ALA A 103 -4.34 10.33 -17.47
CA ALA A 103 -4.24 9.19 -18.36
C ALA A 103 -2.77 8.91 -18.65
N GLY A 104 -2.34 7.66 -18.42
CA GLY A 104 -0.95 7.32 -18.64
C GLY A 104 -0.51 6.16 -17.76
N VAL A 105 -0.74 6.32 -16.45
CA VAL A 105 -0.36 5.32 -15.45
C VAL A 105 1.17 5.21 -15.28
N ASP A 106 1.61 5.00 -14.05
CA ASP A 106 3.03 4.81 -13.75
C ASP A 106 3.20 3.50 -12.96
N SER A 107 4.41 2.96 -12.95
CA SER A 107 4.65 1.68 -12.30
C SER A 107 5.50 1.85 -11.03
N THR A 108 6.56 2.65 -11.13
CA THR A 108 7.49 2.83 -10.02
C THR A 108 6.82 3.47 -8.80
N ALA A 109 5.79 4.28 -9.05
CA ALA A 109 5.11 4.99 -7.97
C ALA A 109 4.08 4.10 -7.27
N LEU A 110 3.99 2.85 -7.70
CA LEU A 110 3.04 1.91 -7.14
C LEU A 110 3.73 0.87 -6.25
N ASN A 111 5.01 1.11 -5.95
CA ASN A 111 5.79 0.20 -5.11
C ASN A 111 6.58 0.97 -4.07
N ALA A 112 6.06 0.99 -2.84
CA ALA A 112 6.73 1.61 -1.70
C ALA A 112 5.97 1.28 -0.41
N MET A 1 37.47 28.25 -0.37
CA MET A 1 36.94 27.25 -1.33
C MET A 1 37.17 25.84 -0.80
N ALA A 2 36.22 25.35 -0.01
CA ALA A 2 36.31 24.02 0.56
C ALA A 2 34.91 23.44 0.76
N HIS A 3 34.51 22.54 -0.13
CA HIS A 3 33.22 21.89 -0.06
C HIS A 3 33.43 20.40 0.16
N HIS A 4 34.14 20.07 1.25
CA HIS A 4 34.53 18.69 1.52
C HIS A 4 33.38 17.92 2.17
N HIS A 5 32.28 17.82 1.44
CA HIS A 5 31.12 17.06 1.86
C HIS A 5 30.45 16.49 0.62
N HIS A 6 31.07 15.47 0.06
CA HIS A 6 30.65 14.88 -1.19
C HIS A 6 30.08 13.48 -0.96
N HIS A 7 28.76 13.35 -1.08
CA HIS A 7 28.10 12.07 -0.90
C HIS A 7 27.08 11.84 -2.02
N HIS A 8 27.30 10.80 -2.81
CA HIS A 8 26.38 10.46 -3.90
C HIS A 8 26.10 8.96 -3.90
N MET A 9 24.86 8.60 -4.19
CA MET A 9 24.44 7.20 -4.26
C MET A 9 23.13 7.11 -5.04
N GLY A 10 23.18 6.49 -6.22
CA GLY A 10 21.99 6.42 -7.05
C GLY A 10 22.07 5.34 -8.11
N THR A 11 21.52 4.17 -7.81
CA THR A 11 21.39 3.10 -8.79
C THR A 11 20.40 2.03 -8.29
N LEU A 12 19.12 2.31 -8.50
CA LEU A 12 18.05 1.41 -8.05
C LEU A 12 17.38 0.78 -9.27
N GLU A 13 17.84 -0.41 -9.64
CA GLU A 13 17.31 -1.11 -10.81
C GLU A 13 16.35 -2.21 -10.38
N ALA A 14 15.06 -1.96 -10.57
CA ALA A 14 14.01 -2.88 -10.14
C ALA A 14 12.85 -2.88 -11.12
N GLN A 15 12.42 -4.07 -11.55
CA GLN A 15 11.33 -4.22 -12.52
C GLN A 15 10.99 -5.70 -12.68
N THR A 16 9.77 -5.99 -13.11
CA THR A 16 9.32 -7.36 -13.40
C THR A 16 9.15 -8.18 -12.11
N GLN A 17 9.14 -7.47 -10.99
CA GLN A 17 9.01 -8.10 -9.67
C GLN A 17 7.52 -8.26 -9.30
N GLY A 18 7.28 -8.82 -8.12
CA GLY A 18 5.93 -9.08 -7.66
C GLY A 18 5.36 -10.34 -8.27
N PRO A 19 4.10 -10.70 -7.97
CA PRO A 19 3.47 -11.92 -8.49
C PRO A 19 3.09 -11.76 -9.97
N GLY A 20 4.10 -11.84 -10.84
CA GLY A 20 3.88 -11.72 -12.26
C GLY A 20 3.59 -10.28 -12.68
N SER A 21 3.89 -9.34 -11.78
CA SER A 21 3.67 -7.92 -12.02
C SER A 21 2.22 -7.63 -12.44
N PRO A 22 1.29 -7.57 -11.47
CA PRO A 22 -0.13 -7.26 -11.73
C PRO A 22 -0.34 -5.81 -12.18
N GLU A 23 -1.55 -5.48 -12.62
CA GLU A 23 -1.87 -4.13 -13.05
C GLU A 23 -2.46 -3.30 -11.91
N GLY A 24 -2.26 -2.00 -11.97
CA GLY A 24 -2.88 -1.08 -11.01
C GLY A 24 -2.22 -1.13 -9.64
N VAL A 25 -1.12 -1.84 -9.52
CA VAL A 25 -0.42 -2.00 -8.24
C VAL A 25 1.05 -1.58 -8.39
N PRO A 26 1.67 -1.08 -7.29
CA PRO A 26 3.09 -0.80 -7.26
C PRO A 26 3.91 -2.09 -7.23
N PRO A 27 5.05 -2.13 -7.95
CA PRO A 27 5.91 -3.32 -7.98
C PRO A 27 6.49 -3.65 -6.60
N THR A 28 5.77 -4.47 -5.86
CA THR A 28 6.22 -4.97 -4.56
C THR A 28 7.53 -5.76 -4.71
N ASP A 29 8.46 -5.55 -3.78
CA ASP A 29 9.75 -6.26 -3.81
C ASP A 29 9.53 -7.74 -3.51
N ARG A 30 8.65 -8.01 -2.57
CA ARG A 30 8.27 -9.37 -2.21
C ARG A 30 6.90 -9.68 -2.79
N PHE A 31 6.19 -10.63 -2.19
CA PHE A 31 4.79 -10.86 -2.53
C PHE A 31 3.92 -9.81 -1.86
N PRO A 32 2.73 -9.51 -2.42
CA PRO A 32 1.84 -8.47 -1.88
C PRO A 32 1.37 -8.80 -0.47
N LEU A 33 1.49 -10.06 -0.08
CA LEU A 33 1.18 -10.50 1.28
C LEU A 33 2.46 -10.48 2.13
N LEU A 34 2.28 -10.31 3.44
CA LEU A 34 3.40 -10.21 4.38
C LEU A 34 4.25 -8.97 4.07
N ALA A 35 3.70 -8.04 3.30
CA ALA A 35 4.41 -6.80 2.93
C ALA A 35 4.45 -5.81 4.09
N LEU A 36 3.90 -6.24 5.21
CA LEU A 36 3.87 -5.45 6.44
C LEU A 36 3.60 -6.38 7.63
N LEU A 37 4.34 -6.17 8.72
CA LEU A 37 4.18 -6.99 9.92
C LEU A 37 3.86 -6.12 11.12
N ARG A 38 3.27 -4.97 10.85
CA ARG A 38 2.99 -3.96 11.87
C ARG A 38 1.65 -3.30 11.58
N ARG A 39 1.15 -2.53 12.55
CA ARG A 39 -0.09 -1.78 12.39
C ARG A 39 0.14 -0.51 11.58
N THR A 40 0.83 -0.65 10.46
CA THR A 40 1.07 0.48 9.56
C THR A 40 0.89 0.06 8.11
N LEU A 41 0.70 1.07 7.26
CA LEU A 41 0.43 0.85 5.84
C LEU A 41 1.70 1.08 5.02
N THR A 42 2.17 0.04 4.35
CA THR A 42 3.19 0.21 3.33
C THR A 42 2.52 0.86 2.12
N GLU A 43 3.29 1.51 1.25
CA GLU A 43 2.72 2.32 0.18
C GLU A 43 1.69 1.54 -0.63
N GLU A 44 1.97 0.28 -0.92
CA GLU A 44 1.07 -0.53 -1.73
C GLU A 44 -0.30 -0.62 -1.05
N GLN A 45 -0.28 -0.76 0.27
CA GLN A 45 -1.51 -0.80 1.06
C GLN A 45 -2.21 0.56 1.04
N VAL A 46 -1.41 1.62 1.04
CA VAL A 46 -1.96 2.98 0.96
C VAL A 46 -2.70 3.16 -0.35
N GLN A 47 -2.02 2.82 -1.44
CA GLN A 47 -2.56 2.94 -2.77
C GLN A 47 -3.80 2.06 -2.93
N GLU A 48 -3.79 0.91 -2.25
CA GLU A 48 -4.94 0.02 -2.23
C GLU A 48 -6.12 0.68 -1.51
N VAL A 49 -5.85 1.29 -0.35
CA VAL A 49 -6.89 2.01 0.38
C VAL A 49 -7.49 3.11 -0.49
N VAL A 50 -6.65 3.80 -1.25
CA VAL A 50 -7.13 4.84 -2.16
C VAL A 50 -7.93 4.22 -3.31
N ALA A 51 -7.47 3.07 -3.79
CA ALA A 51 -8.15 2.34 -4.85
C ALA A 51 -9.55 1.91 -4.41
N LYS A 52 -9.69 1.61 -3.12
CA LYS A 52 -10.98 1.29 -2.52
C LYS A 52 -11.78 2.56 -2.31
N LEU A 53 -11.12 3.58 -1.77
CA LEU A 53 -11.74 4.89 -1.48
C LEU A 53 -12.31 5.54 -2.74
N THR A 54 -11.88 5.07 -3.92
CA THR A 54 -12.34 5.65 -5.17
C THR A 54 -13.77 5.18 -5.49
N ASP A 55 -14.34 4.36 -4.59
CA ASP A 55 -15.74 3.95 -4.71
C ASP A 55 -16.60 4.61 -3.63
N PRO A 56 -17.08 5.85 -3.88
CA PRO A 56 -17.93 6.57 -2.92
C PRO A 56 -19.34 5.96 -2.87
N GLU A 57 -19.66 5.16 -3.88
CA GLU A 57 -20.94 4.47 -3.96
C GLU A 57 -21.20 3.69 -2.67
N SER A 58 -20.20 2.90 -2.25
CA SER A 58 -20.32 2.11 -1.03
C SER A 58 -20.34 3.01 0.21
N SER A 59 -19.38 3.93 0.31
CA SER A 59 -19.26 4.80 1.48
C SER A 59 -20.55 5.56 1.73
N ALA A 60 -21.16 6.03 0.65
CA ALA A 60 -22.41 6.81 0.71
C ALA A 60 -23.54 5.99 1.33
N GLN A 61 -23.34 4.69 1.44
CA GLN A 61 -24.33 3.80 2.06
C GLN A 61 -23.82 3.28 3.40
N ILE A 62 -22.50 3.23 3.56
CA ILE A 62 -21.88 2.77 4.81
C ILE A 62 -22.12 3.78 5.93
N ASP A 63 -21.81 5.05 5.66
CA ASP A 63 -21.97 6.13 6.64
C ASP A 63 -23.04 7.12 6.18
N GLY A 64 -23.54 6.92 4.96
CA GLY A 64 -24.59 7.79 4.43
C GLY A 64 -24.05 9.15 4.01
N VAL A 65 -22.74 9.32 4.09
CA VAL A 65 -22.08 10.57 3.76
C VAL A 65 -20.78 10.31 2.99
N VAL A 66 -20.08 11.38 2.63
CA VAL A 66 -18.77 11.27 1.99
C VAL A 66 -17.86 12.39 2.47
N SER A 67 -16.97 12.06 3.41
CA SER A 67 -16.07 13.04 4.00
C SER A 67 -14.72 12.39 4.34
N LYS A 68 -13.75 13.21 4.76
CA LYS A 68 -12.39 12.73 5.04
C LYS A 68 -12.36 11.62 6.08
N ASP A 69 -13.36 11.57 6.95
CA ASP A 69 -13.38 10.60 8.04
C ASP A 69 -13.58 9.17 7.52
N GLU A 70 -14.12 9.03 6.31
CA GLU A 70 -14.25 7.70 5.71
C GLU A 70 -12.86 7.14 5.42
N ILE A 71 -11.96 8.03 4.99
CA ILE A 71 -10.58 7.66 4.68
C ILE A 71 -9.97 6.95 5.89
N GLU A 72 -10.15 7.55 7.06
CA GLU A 72 -9.62 7.03 8.31
C GLU A 72 -10.12 5.61 8.55
N LYS A 73 -11.41 5.40 8.33
CA LYS A 73 -12.06 4.12 8.60
C LYS A 73 -11.55 3.03 7.65
N PHE A 74 -11.35 3.40 6.38
CA PHE A 74 -10.85 2.45 5.38
C PHE A 74 -9.39 2.10 5.64
N ILE A 75 -8.63 3.10 6.11
CA ILE A 75 -7.23 2.87 6.49
C ILE A 75 -7.14 1.87 7.64
N ALA A 76 -7.95 2.11 8.68
CA ALA A 76 -7.96 1.29 9.88
C ALA A 76 -8.22 -0.18 9.56
N ASP A 77 -8.96 -0.41 8.47
CA ASP A 77 -9.33 -1.77 8.05
C ASP A 77 -8.08 -2.61 7.81
N VAL A 78 -7.00 -1.96 7.42
CA VAL A 78 -5.73 -2.63 7.10
C VAL A 78 -4.93 -2.87 8.38
N THR A 79 -5.65 -3.14 9.48
CA THR A 79 -5.05 -3.43 10.78
C THR A 79 -4.32 -2.19 11.32
N LYS A 80 -4.60 -1.03 10.74
CA LYS A 80 -3.95 0.21 11.16
C LYS A 80 -4.42 0.59 12.56
N ASP A 81 -5.65 0.16 12.89
CA ASP A 81 -6.25 0.40 14.20
C ASP A 81 -6.50 1.89 14.41
N GLU A 82 -5.42 2.63 14.62
CA GLU A 82 -5.48 4.08 14.78
C GLU A 82 -4.87 4.74 13.52
N PRO A 83 -5.72 5.29 12.65
CA PRO A 83 -5.29 5.98 11.42
C PRO A 83 -4.93 7.45 11.71
N THR A 84 -3.65 7.77 11.65
CA THR A 84 -3.17 9.09 12.03
C THR A 84 -3.12 10.03 10.82
N ALA A 85 -2.89 11.32 11.11
CA ALA A 85 -2.85 12.36 10.10
C ALA A 85 -1.87 12.01 8.99
N GLN A 86 -0.80 11.30 9.36
CA GLN A 86 0.17 10.81 8.38
C GLN A 86 -0.51 9.96 7.32
N ASP A 87 -1.23 8.95 7.79
CA ASP A 87 -1.87 7.98 6.91
C ASP A 87 -2.91 8.67 6.05
N ILE A 88 -3.78 9.45 6.70
CA ILE A 88 -4.77 10.25 5.99
C ILE A 88 -4.08 11.15 4.95
N SER A 89 -2.95 11.72 5.34
CA SER A 89 -2.20 12.61 4.46
C SER A 89 -1.78 11.89 3.17
N ARG A 90 -1.17 10.71 3.32
CA ARG A 90 -0.73 9.94 2.15
C ARG A 90 -1.93 9.56 1.28
N VAL A 91 -2.91 8.89 1.90
CA VAL A 91 -4.08 8.39 1.18
C VAL A 91 -4.79 9.53 0.46
N ALA A 92 -5.13 10.58 1.23
CA ALA A 92 -5.80 11.74 0.68
C ALA A 92 -4.99 12.37 -0.45
N SER A 93 -3.67 12.39 -0.27
CA SER A 93 -2.77 12.91 -1.28
C SER A 93 -2.87 12.10 -2.57
N ARG A 94 -3.05 10.77 -2.43
CA ARG A 94 -3.15 9.90 -3.61
C ARG A 94 -4.46 10.12 -4.35
N LEU A 95 -5.58 10.01 -3.63
CA LEU A 95 -6.89 10.31 -4.22
C LEU A 95 -6.97 11.76 -4.75
N ALA A 96 -6.22 12.66 -4.12
CA ALA A 96 -6.12 14.04 -4.63
C ALA A 96 -5.32 14.06 -5.93
N ALA A 97 -4.29 13.23 -5.99
CA ALA A 97 -3.48 13.04 -7.19
C ALA A 97 -4.27 12.24 -8.22
N GLY A 98 -5.33 11.58 -7.76
CA GLY A 98 -6.16 10.74 -8.61
C GLY A 98 -7.01 11.54 -9.60
N GLY A 99 -6.53 12.70 -10.01
CA GLY A 99 -7.15 13.42 -11.10
C GLY A 99 -6.89 12.70 -12.41
N TRP A 100 -7.73 11.70 -12.68
CA TRP A 100 -7.61 10.82 -13.85
C TRP A 100 -7.45 11.62 -15.18
N PRO A 101 -7.49 10.95 -16.38
CA PRO A 101 -6.63 11.27 -17.51
C PRO A 101 -5.47 12.21 -17.21
N LEU A 102 -4.60 11.75 -16.32
CA LEU A 102 -3.32 12.37 -16.03
C LEU A 102 -2.26 11.27 -15.91
N ALA A 103 -1.64 10.91 -17.04
CA ALA A 103 -0.66 9.83 -17.05
C ALA A 103 0.75 10.38 -17.01
N GLY A 104 1.24 10.64 -15.81
CA GLY A 104 2.58 11.16 -15.64
C GLY A 104 3.20 10.74 -14.33
N VAL A 105 3.22 9.44 -14.10
CA VAL A 105 3.80 8.87 -12.90
C VAL A 105 3.90 7.35 -13.02
N ASP A 106 5.06 6.81 -12.67
CA ASP A 106 5.29 5.36 -12.76
C ASP A 106 4.75 4.67 -11.51
N SER A 107 4.22 3.46 -11.68
CA SER A 107 3.71 2.67 -10.57
C SER A 107 4.83 2.44 -9.54
N THR A 108 6.06 2.41 -10.03
CA THR A 108 7.23 2.24 -9.18
C THR A 108 7.40 3.43 -8.23
N ALA A 109 6.95 4.60 -8.68
CA ALA A 109 7.04 5.83 -7.89
C ALA A 109 5.97 5.87 -6.81
N LEU A 110 5.10 4.89 -6.85
CA LEU A 110 4.07 4.72 -5.83
C LEU A 110 4.54 3.75 -4.76
N ASN A 111 5.82 3.39 -4.82
CA ASN A 111 6.44 2.49 -3.86
C ASN A 111 7.62 3.17 -3.18
N ALA A 112 7.41 3.64 -1.96
CA ALA A 112 8.44 4.35 -1.21
C ALA A 112 8.10 4.38 0.29
N MET A 1 65.21 7.86 17.26
CA MET A 1 64.61 6.67 16.62
C MET A 1 63.28 7.04 15.98
N ALA A 2 62.90 6.31 14.93
CA ALA A 2 61.66 6.56 14.21
C ALA A 2 61.20 5.31 13.47
N HIS A 3 60.19 4.65 14.03
CA HIS A 3 59.61 3.46 13.40
C HIS A 3 58.55 3.91 12.39
N HIS A 4 58.95 4.02 11.14
CA HIS A 4 58.07 4.52 10.08
C HIS A 4 56.85 3.63 9.90
N HIS A 5 55.69 4.23 10.12
CA HIS A 5 54.40 3.55 9.97
C HIS A 5 53.45 4.47 9.21
N HIS A 6 52.90 3.96 8.11
CA HIS A 6 52.00 4.75 7.27
C HIS A 6 51.01 3.83 6.56
N HIS A 7 49.73 4.03 6.82
CA HIS A 7 48.67 3.25 6.18
C HIS A 7 47.57 4.19 5.68
N HIS A 8 46.43 3.62 5.32
CA HIS A 8 45.26 4.41 4.92
C HIS A 8 44.27 4.49 6.08
N MET A 9 44.43 5.51 6.91
CA MET A 9 43.56 5.72 8.06
C MET A 9 42.21 6.26 7.61
N GLY A 10 41.27 5.36 7.35
CA GLY A 10 39.94 5.73 6.92
C GLY A 10 38.95 4.60 7.09
N THR A 11 37.66 4.92 7.17
CA THR A 11 36.62 3.92 7.36
C THR A 11 35.23 4.51 7.07
N LEU A 12 34.21 3.66 7.12
CA LEU A 12 32.83 4.08 6.91
C LEU A 12 31.88 3.18 7.69
N GLU A 13 30.66 3.65 7.91
CA GLU A 13 29.66 2.90 8.65
C GLU A 13 28.64 2.28 7.69
N ALA A 14 28.46 2.91 6.53
CA ALA A 14 27.49 2.47 5.54
C ALA A 14 27.89 1.11 4.96
N GLN A 15 27.29 0.04 5.49
CA GLN A 15 27.53 -1.31 4.99
C GLN A 15 26.24 -2.14 5.17
N THR A 16 25.11 -1.46 5.00
CA THR A 16 23.80 -2.07 5.19
C THR A 16 23.53 -3.15 4.14
N GLN A 17 22.90 -4.24 4.58
CA GLN A 17 22.46 -5.30 3.67
C GLN A 17 20.95 -5.46 3.77
N GLY A 18 20.23 -4.95 2.79
CA GLY A 18 18.77 -5.04 2.77
C GLY A 18 18.12 -3.69 2.60
N PRO A 19 16.79 -3.59 2.86
CA PRO A 19 16.04 -2.32 2.74
C PRO A 19 16.46 -1.28 3.78
N GLY A 20 17.16 -1.74 4.81
CA GLY A 20 17.60 -0.86 5.88
C GLY A 20 16.52 -0.64 6.93
N SER A 21 15.36 -1.26 6.73
CA SER A 21 14.25 -1.15 7.67
C SER A 21 14.38 -2.15 8.84
N PRO A 22 14.77 -3.42 8.58
CA PRO A 22 14.93 -4.43 9.64
C PRO A 22 16.32 -4.35 10.26
N GLU A 23 16.69 -3.18 10.75
CA GLU A 23 18.00 -2.97 11.37
C GLU A 23 17.95 -3.22 12.88
N GLY A 24 19.09 -3.54 13.46
CA GLY A 24 19.18 -3.80 14.89
C GLY A 24 18.91 -5.25 15.23
N VAL A 25 18.19 -5.93 14.35
CA VAL A 25 17.88 -7.35 14.52
C VAL A 25 18.83 -8.19 13.66
N PRO A 26 19.07 -9.46 14.04
CA PRO A 26 19.91 -10.37 13.25
C PRO A 26 19.34 -10.59 11.84
N PRO A 27 20.21 -10.67 10.81
CA PRO A 27 19.79 -10.90 9.43
C PRO A 27 18.80 -12.06 9.31
N THR A 28 17.72 -11.84 8.57
CA THR A 28 16.67 -12.84 8.41
C THR A 28 17.02 -13.85 7.32
N ASP A 29 16.89 -15.13 7.64
CA ASP A 29 17.03 -16.19 6.65
C ASP A 29 15.78 -16.21 5.77
N ARG A 30 14.67 -15.76 6.35
CA ARG A 30 13.44 -15.50 5.58
C ARG A 30 13.64 -14.27 4.70
N PHE A 31 12.62 -13.92 3.93
CA PHE A 31 12.66 -12.70 3.12
C PHE A 31 12.72 -11.47 4.05
N PRO A 32 13.53 -10.46 3.69
CA PRO A 32 13.74 -9.28 4.55
C PRO A 32 12.56 -8.29 4.49
N LEU A 33 11.37 -8.80 4.26
CA LEU A 33 10.16 -7.99 4.19
C LEU A 33 9.11 -8.53 5.16
N LEU A 34 8.63 -7.66 6.03
CA LEU A 34 7.63 -8.05 7.02
C LEU A 34 6.22 -7.71 6.53
N ALA A 35 6.15 -7.22 5.29
CA ALA A 35 4.88 -6.84 4.68
C ALA A 35 4.12 -8.07 4.20
N LEU A 36 3.60 -8.82 5.17
CA LEU A 36 2.82 -10.03 4.90
C LEU A 36 1.42 -9.86 5.49
N LEU A 37 1.39 -9.71 6.81
CA LEU A 37 0.16 -9.45 7.55
C LEU A 37 0.46 -8.50 8.71
N ARG A 38 0.13 -7.23 8.53
CA ARG A 38 0.44 -6.19 9.52
C ARG A 38 -0.72 -5.20 9.63
N ARG A 39 -0.73 -4.41 10.70
CA ARG A 39 -1.73 -3.36 10.90
C ARG A 39 -1.39 -2.12 10.09
N THR A 40 -0.11 -1.97 9.81
CA THR A 40 0.40 -0.78 9.13
C THR A 40 0.10 -0.82 7.64
N LEU A 41 0.09 0.35 7.05
CA LEU A 41 -0.24 0.52 5.63
C LEU A 41 1.01 0.82 4.82
N THR A 42 1.57 -0.21 4.20
CA THR A 42 2.62 0.00 3.21
C THR A 42 2.00 0.69 1.99
N GLU A 43 2.84 1.24 1.13
CA GLU A 43 2.34 2.03 -0.01
C GLU A 43 1.29 1.25 -0.81
N GLU A 44 1.48 -0.07 -0.89
CA GLU A 44 0.56 -0.93 -1.62
C GLU A 44 -0.83 -0.88 -0.98
N GLN A 45 -0.84 -1.01 0.35
CA GLN A 45 -2.07 -0.95 1.13
C GLN A 45 -2.72 0.43 0.99
N VAL A 46 -1.89 1.47 0.93
CA VAL A 46 -2.38 2.83 0.78
C VAL A 46 -3.09 2.99 -0.56
N GLN A 47 -2.48 2.43 -1.59
CA GLN A 47 -3.06 2.44 -2.94
C GLN A 47 -4.34 1.63 -2.98
N GLU A 48 -4.39 0.56 -2.18
CA GLU A 48 -5.61 -0.23 -2.02
C GLU A 48 -6.71 0.61 -1.38
N VAL A 49 -6.36 1.28 -0.28
CA VAL A 49 -7.28 2.16 0.42
C VAL A 49 -7.89 3.15 -0.54
N VAL A 50 -7.04 3.88 -1.25
CA VAL A 50 -7.47 4.92 -2.18
C VAL A 50 -8.20 4.34 -3.39
N ALA A 51 -7.83 3.13 -3.79
CA ALA A 51 -8.48 2.46 -4.90
C ALA A 51 -9.96 2.22 -4.59
N LYS A 52 -10.22 1.74 -3.39
CA LYS A 52 -11.60 1.54 -2.94
C LYS A 52 -12.23 2.89 -2.54
N LEU A 53 -11.41 3.75 -1.96
CA LEU A 53 -11.85 5.05 -1.43
C LEU A 53 -12.40 5.93 -2.55
N THR A 54 -11.84 5.81 -3.75
CA THR A 54 -12.26 6.62 -4.88
C THR A 54 -13.59 6.12 -5.44
N ASP A 55 -14.17 5.11 -4.79
CA ASP A 55 -15.50 4.62 -5.13
C ASP A 55 -16.49 5.07 -4.04
N PRO A 56 -17.22 6.17 -4.29
CA PRO A 56 -18.08 6.81 -3.29
C PRO A 56 -19.28 5.94 -2.91
N GLU A 57 -19.42 4.81 -3.57
CA GLU A 57 -20.50 3.89 -3.28
C GLU A 57 -20.11 2.97 -2.12
N SER A 58 -18.86 2.49 -2.14
CA SER A 58 -18.38 1.56 -1.12
C SER A 58 -18.53 2.13 0.28
N SER A 59 -18.06 3.36 0.47
CA SER A 59 -18.10 4.05 1.75
C SER A 59 -19.54 4.09 2.31
N ALA A 60 -20.51 4.19 1.41
CA ALA A 60 -21.91 4.36 1.79
C ALA A 60 -22.38 3.25 2.72
N GLN A 61 -22.05 2.00 2.39
CA GLN A 61 -22.54 0.86 3.18
C GLN A 61 -21.64 0.58 4.38
N ILE A 62 -20.43 1.12 4.35
CA ILE A 62 -19.45 0.85 5.40
C ILE A 62 -19.87 1.52 6.71
N ASP A 63 -20.19 2.82 6.66
CA ASP A 63 -20.58 3.56 7.86
C ASP A 63 -22.00 4.13 7.72
N GLY A 64 -22.52 4.13 6.50
CA GLY A 64 -23.86 4.65 6.26
C GLY A 64 -23.83 6.10 5.81
N VAL A 65 -22.64 6.62 5.56
CA VAL A 65 -22.46 8.02 5.18
C VAL A 65 -21.38 8.17 4.12
N VAL A 66 -21.24 9.38 3.61
CA VAL A 66 -20.15 9.74 2.69
C VAL A 66 -19.59 11.11 3.09
N SER A 67 -18.42 11.10 3.73
CA SER A 67 -17.85 12.30 4.32
C SER A 67 -16.33 12.29 4.22
N LYS A 68 -15.70 13.38 4.63
CA LYS A 68 -14.23 13.48 4.65
C LYS A 68 -13.66 12.40 5.57
N ASP A 69 -14.45 12.02 6.57
CA ASP A 69 -14.03 11.11 7.62
C ASP A 69 -13.82 9.68 7.09
N GLU A 70 -14.38 9.40 5.92
CA GLU A 70 -14.33 8.04 5.37
C GLU A 70 -12.89 7.61 5.08
N ILE A 71 -12.02 8.58 4.83
CA ILE A 71 -10.60 8.28 4.61
C ILE A 71 -10.06 7.49 5.81
N GLU A 72 -10.27 8.05 7.00
CA GLU A 72 -9.83 7.43 8.24
C GLU A 72 -10.45 6.05 8.40
N LYS A 73 -11.71 5.94 7.97
CA LYS A 73 -12.44 4.67 8.04
C LYS A 73 -11.78 3.61 7.17
N PHE A 74 -11.43 3.99 5.94
CA PHE A 74 -10.80 3.08 5.00
C PHE A 74 -9.38 2.73 5.44
N ILE A 75 -8.75 3.64 6.17
CA ILE A 75 -7.43 3.36 6.73
C ILE A 75 -7.53 2.30 7.82
N ALA A 76 -8.44 2.51 8.77
CA ALA A 76 -8.66 1.56 9.85
C ALA A 76 -9.13 0.21 9.27
N ASP A 77 -9.75 0.29 8.10
CA ASP A 77 -10.24 -0.88 7.37
C ASP A 77 -9.11 -1.86 7.06
N VAL A 78 -7.89 -1.32 6.96
CA VAL A 78 -6.71 -2.13 6.64
C VAL A 78 -6.04 -2.60 7.94
N THR A 79 -6.87 -2.81 8.96
CA THR A 79 -6.43 -3.35 10.25
C THR A 79 -5.52 -2.35 10.98
N LYS A 80 -5.53 -1.09 10.55
CA LYS A 80 -4.73 -0.06 11.21
C LYS A 80 -5.29 0.20 12.60
N ASP A 81 -6.61 0.07 12.74
CA ASP A 81 -7.30 0.26 14.02
C ASP A 81 -7.29 1.74 14.44
N GLU A 82 -6.10 2.28 14.70
CA GLU A 82 -5.94 3.67 15.08
C GLU A 82 -5.26 4.44 13.95
N PRO A 83 -6.04 5.12 13.08
CA PRO A 83 -5.50 5.86 11.94
C PRO A 83 -4.87 7.18 12.38
N THR A 84 -3.70 7.50 11.83
CA THR A 84 -2.98 8.72 12.19
C THR A 84 -2.89 9.68 11.00
N ALA A 85 -2.61 10.95 11.30
CA ALA A 85 -2.49 12.00 10.29
C ALA A 85 -1.51 11.58 9.19
N GLN A 86 -0.54 10.76 9.57
CA GLN A 86 0.41 10.20 8.60
C GLN A 86 -0.35 9.45 7.51
N ASP A 87 -1.21 8.52 7.94
CA ASP A 87 -2.00 7.72 7.02
C ASP A 87 -2.93 8.62 6.22
N ILE A 88 -3.69 9.47 6.92
CA ILE A 88 -4.65 10.35 6.27
C ILE A 88 -3.96 11.22 5.22
N SER A 89 -2.78 11.73 5.54
CA SER A 89 -2.05 12.61 4.64
C SER A 89 -1.59 11.85 3.39
N ARG A 90 -0.99 10.67 3.60
CA ARG A 90 -0.55 9.84 2.48
C ARG A 90 -1.73 9.48 1.57
N VAL A 91 -2.76 8.89 2.17
CA VAL A 91 -3.96 8.49 1.45
C VAL A 91 -4.55 9.68 0.69
N ALA A 92 -4.73 10.79 1.40
CA ALA A 92 -5.26 12.02 0.79
C ALA A 92 -4.39 12.48 -0.36
N SER A 93 -3.08 12.36 -0.19
CA SER A 93 -2.12 12.71 -1.24
C SER A 93 -2.37 11.86 -2.49
N ARG A 94 -2.62 10.57 -2.30
CA ARG A 94 -2.86 9.66 -3.42
C ARG A 94 -4.13 10.02 -4.17
N LEU A 95 -5.24 10.10 -3.44
CA LEU A 95 -6.53 10.42 -4.06
C LEU A 95 -6.53 11.84 -4.64
N ALA A 96 -5.73 12.73 -4.04
CA ALA A 96 -5.53 14.07 -4.59
C ALA A 96 -4.67 14.01 -5.86
N ALA A 97 -3.77 13.02 -5.91
CA ALA A 97 -2.96 12.75 -7.09
C ALA A 97 -3.81 12.16 -8.21
N GLY A 98 -5.00 11.67 -7.82
CA GLY A 98 -5.98 11.22 -8.79
C GLY A 98 -6.74 12.38 -9.40
N GLY A 99 -6.22 13.59 -9.19
CA GLY A 99 -6.76 14.76 -9.86
C GLY A 99 -6.42 14.75 -11.33
N TRP A 100 -7.44 14.72 -12.16
CA TRP A 100 -7.30 14.67 -13.61
C TRP A 100 -6.64 15.97 -14.14
N PRO A 101 -6.53 16.19 -15.50
CA PRO A 101 -5.44 16.93 -16.12
C PRO A 101 -4.33 17.36 -15.16
N LEU A 102 -3.33 16.49 -15.07
CA LEU A 102 -2.22 16.63 -14.13
C LEU A 102 -0.91 16.33 -14.82
N ALA A 103 0.21 16.65 -14.17
CA ALA A 103 1.54 16.37 -14.69
C ALA A 103 2.30 15.41 -13.78
N GLY A 104 2.40 14.15 -14.20
CA GLY A 104 3.10 13.15 -13.40
C GLY A 104 4.61 13.24 -13.59
N VAL A 105 5.17 14.37 -13.19
CA VAL A 105 6.57 14.64 -13.35
C VAL A 105 7.44 13.85 -12.36
N ASP A 106 6.94 13.66 -11.14
CA ASP A 106 7.71 12.97 -10.10
C ASP A 106 7.43 11.47 -10.12
N SER A 107 8.44 10.69 -10.51
CA SER A 107 8.37 9.24 -10.42
C SER A 107 8.90 8.78 -9.06
N THR A 108 9.78 9.58 -8.48
CA THR A 108 10.34 9.31 -7.16
C THR A 108 9.23 9.29 -6.09
N ALA A 109 8.13 9.98 -6.39
CA ALA A 109 6.98 10.04 -5.48
C ALA A 109 6.12 8.79 -5.55
N LEU A 110 6.66 7.76 -6.19
CA LEU A 110 5.97 6.49 -6.39
C LEU A 110 6.82 5.40 -5.77
N ASN A 111 6.41 4.97 -4.61
CA ASN A 111 7.15 4.00 -3.82
C ASN A 111 6.66 2.59 -4.13
N ALA A 112 5.35 2.45 -4.32
CA ALA A 112 4.75 1.20 -4.75
C ALA A 112 3.42 1.47 -5.45
N MET A 1 16.99 7.02 -38.35
CA MET A 1 16.58 6.58 -37.01
C MET A 1 16.33 5.07 -36.99
N ALA A 2 17.28 4.32 -36.43
CA ALA A 2 17.17 2.88 -36.35
C ALA A 2 16.89 2.45 -34.92
N HIS A 3 15.61 2.23 -34.61
CA HIS A 3 15.20 1.78 -33.28
C HIS A 3 15.99 0.54 -32.86
N HIS A 4 16.27 0.44 -31.56
CA HIS A 4 17.06 -0.68 -31.02
C HIS A 4 16.49 -2.02 -31.48
N HIS A 5 17.24 -2.69 -32.36
CA HIS A 5 16.79 -3.95 -32.96
C HIS A 5 16.77 -5.07 -31.91
N HIS A 6 17.78 -5.06 -31.04
CA HIS A 6 17.85 -6.02 -29.94
C HIS A 6 17.56 -5.33 -28.61
N HIS A 7 16.64 -5.90 -27.85
CA HIS A 7 16.28 -5.35 -26.54
C HIS A 7 16.74 -6.32 -25.44
N HIS A 8 17.85 -5.98 -24.80
CA HIS A 8 18.35 -6.76 -23.67
C HIS A 8 18.31 -5.92 -22.40
N MET A 9 17.41 -6.27 -21.49
CA MET A 9 17.26 -5.54 -20.22
C MET A 9 18.42 -5.84 -19.29
N GLY A 10 18.72 -4.89 -18.41
CA GLY A 10 19.74 -5.09 -17.41
C GLY A 10 19.23 -5.91 -16.23
N THR A 11 19.33 -7.22 -16.36
CA THR A 11 18.86 -8.14 -15.33
C THR A 11 19.97 -8.42 -14.30
N LEU A 12 19.72 -8.05 -13.05
CA LEU A 12 20.67 -8.29 -11.96
C LEU A 12 20.24 -9.50 -11.14
N GLU A 13 21.04 -10.56 -11.18
CA GLU A 13 20.76 -11.77 -10.41
C GLU A 13 20.93 -11.51 -8.92
N ALA A 14 19.82 -11.51 -8.19
CA ALA A 14 19.84 -11.32 -6.74
C ALA A 14 19.83 -12.68 -6.03
N GLN A 15 20.97 -13.06 -5.46
CA GLN A 15 21.10 -14.36 -4.78
C GLN A 15 20.16 -14.45 -3.59
N THR A 16 20.23 -13.46 -2.69
CA THR A 16 19.48 -13.48 -1.44
C THR A 16 17.96 -13.37 -1.67
N GLN A 17 17.56 -13.18 -2.93
CA GLN A 17 16.14 -13.11 -3.26
C GLN A 17 15.48 -14.46 -3.03
N GLY A 18 16.29 -15.52 -3.09
CA GLY A 18 15.82 -16.86 -2.79
C GLY A 18 16.36 -17.33 -1.44
N PRO A 19 15.60 -18.16 -0.71
CA PRO A 19 16.03 -18.65 0.61
C PRO A 19 17.33 -19.45 0.51
N GLY A 20 17.41 -20.29 -0.51
CA GLY A 20 18.59 -21.10 -0.74
C GLY A 20 18.46 -21.90 -2.02
N SER A 21 18.17 -21.18 -3.11
CA SER A 21 17.94 -21.80 -4.43
C SER A 21 16.73 -22.74 -4.38
N PRO A 22 15.52 -22.24 -4.70
CA PRO A 22 14.30 -23.07 -4.70
C PRO A 22 14.37 -24.18 -5.76
N GLU A 23 14.99 -25.30 -5.38
CA GLU A 23 15.16 -26.43 -6.29
C GLU A 23 14.85 -27.74 -5.56
N GLY A 24 14.13 -28.63 -6.24
CA GLY A 24 13.85 -29.95 -5.70
C GLY A 24 13.03 -29.92 -4.43
N VAL A 25 12.12 -28.96 -4.33
CA VAL A 25 11.27 -28.83 -3.15
C VAL A 25 9.79 -28.83 -3.56
N PRO A 26 8.95 -29.60 -2.85
CA PRO A 26 7.51 -29.67 -3.10
C PRO A 26 6.84 -28.29 -3.12
N PRO A 27 5.91 -28.06 -4.06
CA PRO A 27 5.21 -26.77 -4.18
C PRO A 27 4.46 -26.42 -2.90
N THR A 28 4.98 -25.49 -2.14
CA THR A 28 4.41 -25.10 -0.87
C THR A 28 3.82 -23.68 -0.95
N ASP A 29 2.77 -23.43 -0.16
CA ASP A 29 2.12 -22.12 -0.13
C ASP A 29 2.92 -21.14 0.72
N ARG A 30 3.74 -21.66 1.60
CA ARG A 30 4.65 -20.84 2.42
C ARG A 30 5.72 -20.21 1.53
N PHE A 31 5.45 -19.00 1.05
CA PHE A 31 6.43 -18.24 0.29
C PHE A 31 7.40 -17.54 1.24
N PRO A 32 8.64 -17.24 0.77
CA PRO A 32 9.69 -16.66 1.63
C PRO A 32 9.46 -15.20 2.01
N LEU A 33 8.24 -14.71 1.77
CA LEU A 33 7.87 -13.34 2.13
C LEU A 33 6.97 -13.35 3.35
N LEU A 34 7.39 -12.65 4.39
CA LEU A 34 6.63 -12.56 5.64
C LEU A 34 5.88 -11.24 5.71
N ALA A 35 6.24 -10.32 4.81
CA ALA A 35 5.64 -8.99 4.78
C ALA A 35 4.31 -9.01 4.03
N LEU A 36 3.46 -9.97 4.38
CA LEU A 36 2.13 -10.08 3.79
C LEU A 36 1.33 -8.81 4.07
N LEU A 37 1.26 -8.44 5.34
CA LEU A 37 0.61 -7.22 5.77
C LEU A 37 1.01 -6.90 7.20
N ARG A 38 0.90 -5.63 7.57
CA ARG A 38 1.22 -5.18 8.91
C ARG A 38 0.17 -4.18 9.38
N ARG A 39 0.37 -3.58 10.55
CA ARG A 39 -0.53 -2.53 11.01
C ARG A 39 -0.24 -1.25 10.24
N THR A 40 1.02 -1.07 9.87
CA THR A 40 1.45 0.14 9.18
C THR A 40 1.12 0.05 7.70
N LEU A 41 0.97 1.21 7.09
CA LEU A 41 0.55 1.31 5.71
C LEU A 41 1.74 1.64 4.81
N THR A 42 2.24 0.63 4.11
CA THR A 42 3.23 0.85 3.06
C THR A 42 2.52 1.38 1.82
N GLU A 43 3.28 1.79 0.81
CA GLU A 43 2.72 2.45 -0.37
C GLU A 43 1.60 1.60 -0.97
N GLU A 44 1.80 0.28 -1.03
CA GLU A 44 0.81 -0.63 -1.59
C GLU A 44 -0.50 -0.55 -0.80
N GLN A 45 -0.36 -0.58 0.53
CA GLN A 45 -1.50 -0.52 1.43
C GLN A 45 -2.23 0.81 1.29
N VAL A 46 -1.48 1.90 1.13
CA VAL A 46 -2.06 3.23 1.04
C VAL A 46 -2.92 3.34 -0.21
N GLN A 47 -2.34 2.91 -1.32
CA GLN A 47 -3.02 2.90 -2.60
C GLN A 47 -4.24 2.00 -2.54
N GLU A 48 -4.13 0.89 -1.80
CA GLU A 48 -5.27 -0.01 -1.59
C GLU A 48 -6.38 0.72 -0.82
N VAL A 49 -6.02 1.45 0.23
CA VAL A 49 -6.98 2.23 1.00
C VAL A 49 -7.75 3.16 0.08
N VAL A 50 -7.02 3.96 -0.66
CA VAL A 50 -7.60 4.95 -1.56
C VAL A 50 -8.38 4.27 -2.69
N ALA A 51 -7.92 3.09 -3.10
CA ALA A 51 -8.60 2.33 -4.15
C ALA A 51 -10.00 1.95 -3.71
N LYS A 52 -10.11 1.43 -2.49
CA LYS A 52 -11.41 1.06 -1.93
C LYS A 52 -12.18 2.32 -1.52
N LEU A 53 -11.43 3.32 -1.09
CA LEU A 53 -11.98 4.60 -0.65
C LEU A 53 -12.74 5.27 -1.79
N THR A 54 -12.36 4.93 -3.03
CA THR A 54 -12.98 5.50 -4.20
C THR A 54 -13.92 4.52 -4.91
N ASP A 55 -14.31 3.44 -4.21
CA ASP A 55 -15.30 2.50 -4.74
C ASP A 55 -16.60 3.26 -5.03
N PRO A 56 -17.19 3.04 -6.23
CA PRO A 56 -18.26 3.90 -6.78
C PRO A 56 -19.22 4.45 -5.72
N GLU A 57 -20.20 3.67 -5.27
CA GLU A 57 -21.07 4.11 -4.17
C GLU A 57 -20.68 3.41 -2.88
N SER A 58 -20.11 2.22 -3.02
CA SER A 58 -19.82 1.33 -1.90
C SER A 58 -19.11 2.05 -0.75
N SER A 59 -18.25 3.00 -1.08
CA SER A 59 -17.52 3.76 -0.07
C SER A 59 -18.46 4.55 0.84
N ALA A 60 -19.36 5.31 0.23
CA ALA A 60 -20.34 6.10 0.97
C ALA A 60 -21.54 5.24 1.39
N GLN A 61 -21.68 4.10 0.74
CA GLN A 61 -22.81 3.20 0.96
C GLN A 61 -22.77 2.63 2.37
N ILE A 62 -21.57 2.59 2.95
CA ILE A 62 -21.38 2.09 4.30
C ILE A 62 -22.32 2.79 5.28
N ASP A 63 -22.46 4.10 5.11
CA ASP A 63 -23.31 4.92 5.99
C ASP A 63 -24.45 5.53 5.21
N GLY A 64 -24.49 5.27 3.90
CA GLY A 64 -25.52 5.85 3.04
C GLY A 64 -25.24 7.31 2.73
N VAL A 65 -24.04 7.76 3.07
CA VAL A 65 -23.62 9.14 2.84
C VAL A 65 -22.11 9.25 3.08
N VAL A 66 -21.47 10.20 2.40
CA VAL A 66 -20.02 10.38 2.52
C VAL A 66 -19.68 11.49 3.52
N SER A 67 -18.87 11.14 4.52
CA SER A 67 -18.36 12.09 5.49
C SER A 67 -16.84 11.95 5.56
N LYS A 68 -16.14 12.97 6.04
CA LYS A 68 -14.68 12.99 6.00
C LYS A 68 -14.08 11.83 6.80
N ASP A 69 -14.88 11.32 7.75
CA ASP A 69 -14.56 10.07 8.47
C ASP A 69 -14.11 8.96 7.50
N GLU A 70 -14.40 9.15 6.21
CA GLU A 70 -14.11 8.17 5.17
C GLU A 70 -12.64 7.73 5.19
N ILE A 71 -11.73 8.70 5.23
CA ILE A 71 -10.30 8.42 5.11
C ILE A 71 -9.83 7.64 6.33
N GLU A 72 -10.06 8.23 7.50
CA GLU A 72 -9.63 7.65 8.77
C GLU A 72 -10.19 6.24 8.94
N LYS A 73 -11.45 6.06 8.56
CA LYS A 73 -12.15 4.79 8.71
C LYS A 73 -11.53 3.73 7.79
N PHE A 74 -11.35 4.05 6.52
CA PHE A 74 -10.77 3.10 5.57
C PHE A 74 -9.33 2.75 5.95
N ILE A 75 -8.62 3.70 6.55
CA ILE A 75 -7.25 3.45 7.03
C ILE A 75 -7.28 2.44 8.18
N ALA A 76 -8.13 2.71 9.17
CA ALA A 76 -8.23 1.86 10.36
C ALA A 76 -8.58 0.42 9.97
N ASP A 77 -9.36 0.27 8.90
CA ASP A 77 -9.77 -1.04 8.42
C ASP A 77 -8.55 -1.88 8.01
N VAL A 78 -7.50 -1.21 7.55
CA VAL A 78 -6.31 -1.87 7.05
C VAL A 78 -5.37 -2.24 8.20
N THR A 79 -5.97 -2.62 9.33
CA THR A 79 -5.23 -3.13 10.49
C THR A 79 -4.35 -2.04 11.12
N LYS A 80 -4.61 -0.78 10.76
CA LYS A 80 -3.75 0.31 11.20
C LYS A 80 -3.98 0.64 12.67
N ASP A 81 -5.25 0.68 13.08
CA ASP A 81 -5.64 1.02 14.45
C ASP A 81 -5.40 2.51 14.77
N GLU A 82 -4.27 3.05 14.33
CA GLU A 82 -3.90 4.44 14.60
C GLU A 82 -3.82 5.23 13.30
N PRO A 83 -4.94 5.79 12.83
CA PRO A 83 -4.97 6.65 11.64
C PRO A 83 -4.60 8.10 11.98
N THR A 84 -3.32 8.42 11.84
CA THR A 84 -2.81 9.75 12.16
C THR A 84 -2.66 10.60 10.90
N ALA A 85 -2.31 11.88 11.09
CA ALA A 85 -2.16 12.82 9.99
C ALA A 85 -1.25 12.26 8.89
N GLN A 86 -0.29 11.44 9.29
CA GLN A 86 0.62 10.78 8.34
C GLN A 86 -0.18 9.94 7.34
N ASP A 87 -1.01 9.05 7.88
CA ASP A 87 -1.81 8.14 7.07
C ASP A 87 -2.78 8.94 6.23
N ILE A 88 -3.52 9.85 6.89
CA ILE A 88 -4.49 10.69 6.22
C ILE A 88 -3.82 11.51 5.11
N SER A 89 -2.60 11.96 5.37
CA SER A 89 -1.86 12.77 4.40
C SER A 89 -1.55 11.94 3.14
N ARG A 90 -0.98 10.75 3.33
CA ARG A 90 -0.65 9.88 2.21
C ARG A 90 -1.91 9.56 1.41
N VAL A 91 -2.91 9.01 2.12
CA VAL A 91 -4.18 8.64 1.51
C VAL A 91 -4.78 9.82 0.76
N ALA A 92 -4.86 10.97 1.45
CA ALA A 92 -5.45 12.18 0.89
C ALA A 92 -4.72 12.63 -0.36
N SER A 93 -3.40 12.51 -0.36
CA SER A 93 -2.60 12.92 -1.50
C SER A 93 -2.85 11.97 -2.68
N ARG A 94 -3.09 10.69 -2.38
CA ARG A 94 -3.39 9.73 -3.45
C ARG A 94 -4.73 10.04 -4.12
N LEU A 95 -5.78 10.12 -3.30
CA LEU A 95 -7.12 10.51 -3.82
C LEU A 95 -7.10 11.92 -4.44
N ALA A 96 -6.21 12.79 -3.94
CA ALA A 96 -6.03 14.11 -4.53
C ALA A 96 -5.39 13.98 -5.92
N ALA A 97 -4.36 13.14 -5.99
CA ALA A 97 -3.69 12.84 -7.26
C ALA A 97 -4.60 11.95 -8.12
N GLY A 98 -5.59 11.36 -7.47
CA GLY A 98 -6.58 10.54 -8.15
C GLY A 98 -7.62 11.38 -8.86
N GLY A 99 -7.22 12.56 -9.31
CA GLY A 99 -8.09 13.39 -10.12
C GLY A 99 -8.54 12.63 -11.35
N TRP A 100 -9.82 12.28 -11.39
CA TRP A 100 -10.40 11.53 -12.49
C TRP A 100 -10.27 12.32 -13.82
N PRO A 101 -10.87 11.86 -14.96
CA PRO A 101 -10.33 12.01 -16.30
C PRO A 101 -8.90 12.59 -16.39
N LEU A 102 -8.01 12.04 -15.56
CA LEU A 102 -6.57 12.25 -15.68
C LEU A 102 -5.87 10.92 -15.47
N ALA A 103 -5.70 10.16 -16.55
CA ALA A 103 -5.20 8.79 -16.47
C ALA A 103 -3.71 8.72 -16.76
N GLY A 104 -2.97 9.71 -16.28
CA GLY A 104 -1.53 9.76 -16.50
C GLY A 104 -0.78 8.82 -15.57
N VAL A 105 -1.18 7.55 -15.56
CA VAL A 105 -0.56 6.55 -14.72
C VAL A 105 0.82 6.17 -15.24
N ASP A 106 1.82 6.97 -14.85
CA ASP A 106 3.21 6.72 -15.25
C ASP A 106 3.87 5.77 -14.25
N SER A 107 4.94 5.11 -14.68
CA SER A 107 5.64 4.11 -13.86
C SER A 107 6.14 4.70 -12.54
N THR A 108 6.63 5.94 -12.58
CA THR A 108 7.16 6.60 -11.39
C THR A 108 6.04 6.99 -10.43
N ALA A 109 4.80 6.96 -10.93
CA ALA A 109 3.63 7.30 -10.11
C ALA A 109 3.12 6.05 -9.39
N LEU A 110 3.80 4.94 -9.62
CA LEU A 110 3.46 3.67 -9.00
C LEU A 110 4.72 3.04 -8.45
N ASN A 111 4.93 3.24 -7.17
CA ASN A 111 6.13 2.77 -6.50
C ASN A 111 5.88 1.41 -5.85
N ALA A 112 4.83 1.35 -5.02
CA ALA A 112 4.44 0.12 -4.35
C ALA A 112 5.60 -0.42 -3.50
N MET A 1 65.26 -40.29 28.67
CA MET A 1 64.34 -40.23 27.50
C MET A 1 63.89 -38.80 27.25
N ALA A 2 63.17 -38.59 26.14
CA ALA A 2 62.67 -37.26 25.79
C ALA A 2 61.45 -37.38 24.88
N HIS A 3 60.26 -37.21 25.45
CA HIS A 3 59.03 -37.24 24.69
C HIS A 3 58.75 -35.88 24.06
N HIS A 4 58.08 -35.88 22.92
CA HIS A 4 57.83 -34.65 22.17
C HIS A 4 56.36 -34.53 21.79
N HIS A 5 55.82 -33.34 21.93
CA HIS A 5 54.44 -33.05 21.57
C HIS A 5 54.27 -31.57 21.25
N HIS A 6 54.04 -31.26 19.97
CA HIS A 6 53.92 -29.88 19.52
C HIS A 6 52.45 -29.53 19.28
N HIS A 7 52.13 -28.24 19.35
CA HIS A 7 50.78 -27.77 19.08
C HIS A 7 50.76 -26.96 17.78
N HIS A 8 49.70 -27.15 16.99
CA HIS A 8 49.51 -26.38 15.77
C HIS A 8 48.32 -25.44 15.93
N MET A 9 48.58 -24.14 15.95
CA MET A 9 47.57 -23.13 16.21
C MET A 9 47.23 -22.36 14.93
N GLY A 10 46.08 -21.70 14.93
CA GLY A 10 45.67 -20.89 13.81
C GLY A 10 45.49 -19.44 14.21
N THR A 11 44.93 -18.64 13.31
CA THR A 11 44.64 -17.23 13.59
C THR A 11 43.25 -16.87 13.06
N LEU A 12 42.51 -16.06 13.83
CA LEU A 12 41.16 -15.67 13.46
C LEU A 12 40.71 -14.45 14.26
N GLU A 13 39.53 -13.93 13.92
CA GLU A 13 38.95 -12.79 14.62
C GLU A 13 37.43 -12.82 14.48
N ALA A 14 36.77 -13.50 15.41
CA ALA A 14 35.33 -13.66 15.37
C ALA A 14 34.64 -12.63 16.26
N GLN A 15 34.29 -11.49 15.68
CA GLN A 15 33.59 -10.44 16.41
C GLN A 15 32.09 -10.52 16.12
N THR A 16 31.29 -10.44 17.18
CA THR A 16 29.84 -10.45 17.06
C THR A 16 29.22 -9.47 18.05
N GLN A 17 28.83 -8.30 17.55
CA GLN A 17 28.20 -7.29 18.40
C GLN A 17 26.70 -7.58 18.53
N GLY A 18 26.09 -7.08 19.60
CA GLY A 18 24.68 -7.32 19.84
C GLY A 18 24.06 -6.22 20.69
N PRO A 19 22.71 -6.22 20.82
CA PRO A 19 22.00 -5.17 21.56
C PRO A 19 22.43 -5.08 23.02
N GLY A 20 23.26 -4.09 23.33
CA GLY A 20 23.73 -3.88 24.69
C GLY A 20 24.61 -5.01 25.18
N SER A 21 25.22 -5.73 24.24
CA SER A 21 26.06 -6.89 24.56
C SER A 21 25.25 -7.95 25.32
N PRO A 22 24.62 -8.90 24.59
CA PRO A 22 23.82 -9.96 25.19
C PRO A 22 24.68 -10.94 25.99
N GLU A 23 24.98 -10.58 27.23
CA GLU A 23 25.72 -11.43 28.14
C GLU A 23 25.21 -11.22 29.57
N GLY A 24 25.41 -12.23 30.42
CA GLY A 24 24.84 -12.20 31.76
C GLY A 24 23.41 -12.68 31.75
N VAL A 25 23.06 -13.38 30.67
CA VAL A 25 21.72 -13.92 30.47
C VAL A 25 21.82 -15.31 29.84
N PRO A 26 20.84 -16.19 30.09
CA PRO A 26 20.83 -17.55 29.53
C PRO A 26 20.60 -17.54 28.01
N PRO A 27 21.24 -18.48 27.28
CA PRO A 27 21.09 -18.58 25.82
C PRO A 27 19.65 -18.83 25.41
N THR A 28 18.99 -17.78 24.93
CA THR A 28 17.60 -17.87 24.49
C THR A 28 17.49 -18.45 23.08
N ASP A 29 16.41 -19.19 22.83
CA ASP A 29 16.15 -19.77 21.51
C ASP A 29 15.59 -18.71 20.56
N ARG A 30 15.05 -17.64 21.13
CA ARG A 30 14.44 -16.57 20.34
C ARG A 30 15.37 -15.38 20.23
N PHE A 31 15.32 -14.71 19.08
CA PHE A 31 16.17 -13.55 18.82
C PHE A 31 15.64 -12.32 19.56
N PRO A 32 16.54 -11.40 19.98
CA PRO A 32 16.17 -10.22 20.79
C PRO A 32 15.23 -9.26 20.07
N LEU A 33 15.09 -9.44 18.75
CA LEU A 33 14.21 -8.57 17.96
C LEU A 33 12.88 -9.25 17.70
N LEU A 34 11.80 -8.57 18.05
CA LEU A 34 10.44 -9.07 17.82
C LEU A 34 9.74 -8.21 16.78
N ALA A 35 9.82 -8.62 15.52
CA ALA A 35 9.20 -7.88 14.41
C ALA A 35 7.71 -8.21 14.27
N LEU A 36 7.09 -8.63 15.37
CA LEU A 36 5.68 -9.00 15.38
C LEU A 36 4.79 -7.76 15.38
N LEU A 37 5.36 -6.62 15.73
CA LEU A 37 4.63 -5.35 15.67
C LEU A 37 4.44 -4.95 14.21
N ARG A 38 3.32 -5.39 13.64
CA ARG A 38 3.08 -5.21 12.21
C ARG A 38 1.79 -4.45 11.95
N ARG A 39 1.88 -3.13 12.02
CA ARG A 39 0.82 -2.25 11.54
C ARG A 39 1.40 -1.34 10.50
N THR A 40 1.20 -1.75 9.28
CA THR A 40 1.91 -1.16 8.16
C THR A 40 0.99 -0.85 6.98
N LEU A 41 0.86 0.43 6.67
CA LEU A 41 0.25 0.86 5.42
C LEU A 41 1.34 1.25 4.44
N THR A 42 2.01 0.24 3.91
CA THR A 42 2.99 0.45 2.85
C THR A 42 2.26 0.95 1.61
N GLU A 43 2.99 1.43 0.61
CA GLU A 43 2.36 2.01 -0.57
C GLU A 43 1.31 1.08 -1.15
N GLU A 44 1.55 -0.22 -1.12
CA GLU A 44 0.58 -1.18 -1.64
C GLU A 44 -0.76 -1.02 -0.92
N GLN A 45 -0.68 -0.98 0.40
CA GLN A 45 -1.85 -0.83 1.26
C GLN A 45 -2.50 0.54 1.05
N VAL A 46 -1.68 1.57 0.85
CA VAL A 46 -2.19 2.93 0.68
C VAL A 46 -2.94 3.05 -0.64
N GLN A 47 -2.30 2.58 -1.71
CA GLN A 47 -2.88 2.59 -3.04
C GLN A 47 -4.15 1.74 -3.05
N GLU A 48 -4.16 0.68 -2.24
CA GLU A 48 -5.35 -0.12 -2.05
C GLU A 48 -6.46 0.70 -1.37
N VAL A 49 -6.14 1.31 -0.23
CA VAL A 49 -7.10 2.14 0.49
C VAL A 49 -7.71 3.17 -0.46
N VAL A 50 -6.86 3.89 -1.17
CA VAL A 50 -7.31 4.95 -2.06
C VAL A 50 -8.05 4.37 -3.26
N ALA A 51 -7.64 3.17 -3.69
CA ALA A 51 -8.33 2.47 -4.76
C ALA A 51 -9.78 2.19 -4.39
N LYS A 52 -10.02 1.92 -3.11
CA LYS A 52 -11.38 1.80 -2.61
C LYS A 52 -12.02 3.18 -2.44
N LEU A 53 -11.25 4.10 -1.85
CA LEU A 53 -11.75 5.46 -1.54
C LEU A 53 -11.99 6.27 -2.81
N THR A 54 -11.52 5.78 -3.95
CA THR A 54 -11.76 6.47 -5.21
C THR A 54 -13.20 6.23 -5.68
N ASP A 55 -13.90 5.34 -4.97
CA ASP A 55 -15.32 5.11 -5.21
C ASP A 55 -16.13 5.46 -3.96
N PRO A 56 -16.42 6.76 -3.74
CA PRO A 56 -17.15 7.23 -2.55
C PRO A 56 -18.57 6.66 -2.52
N GLU A 57 -19.10 6.42 -3.72
CA GLU A 57 -20.40 5.78 -3.88
C GLU A 57 -20.45 4.47 -3.08
N SER A 58 -19.31 3.79 -3.02
CA SER A 58 -19.21 2.54 -2.27
C SER A 58 -19.30 2.83 -0.76
N SER A 59 -18.48 3.79 -0.31
CA SER A 59 -18.42 4.18 1.10
C SER A 59 -19.80 4.63 1.59
N ALA A 60 -20.57 5.23 0.68
CA ALA A 60 -21.91 5.72 0.99
C ALA A 60 -22.80 4.60 1.55
N GLN A 61 -22.46 3.35 1.24
CA GLN A 61 -23.22 2.21 1.74
C GLN A 61 -22.40 1.41 2.77
N ILE A 62 -21.07 1.49 2.66
CA ILE A 62 -20.20 0.78 3.58
C ILE A 62 -20.26 1.41 4.98
N ASP A 63 -20.09 2.72 5.03
CA ASP A 63 -20.13 3.46 6.30
C ASP A 63 -21.53 4.03 6.52
N GLY A 64 -22.34 3.94 5.47
CA GLY A 64 -23.72 4.44 5.50
C GLY A 64 -23.80 5.93 5.23
N VAL A 65 -22.63 6.56 5.09
CA VAL A 65 -22.53 7.98 4.78
C VAL A 65 -21.18 8.28 4.11
N VAL A 66 -21.21 8.91 2.96
CA VAL A 66 -20.00 9.36 2.30
C VAL A 66 -19.55 10.69 2.90
N SER A 67 -18.49 10.65 3.69
CA SER A 67 -18.01 11.82 4.42
C SER A 67 -16.49 11.79 4.52
N LYS A 68 -15.88 12.95 4.72
CA LYS A 68 -14.42 13.10 4.76
C LYS A 68 -13.78 12.15 5.77
N ASP A 69 -14.52 11.80 6.82
CA ASP A 69 -14.03 10.95 7.90
C ASP A 69 -13.83 9.50 7.44
N GLU A 70 -14.44 9.13 6.32
CA GLU A 70 -14.36 7.76 5.82
C GLU A 70 -12.90 7.36 5.59
N ILE A 71 -12.06 8.34 5.26
CA ILE A 71 -10.64 8.10 5.01
C ILE A 71 -10.00 7.39 6.21
N GLU A 72 -10.06 8.04 7.38
CA GLU A 72 -9.44 7.49 8.58
C GLU A 72 -10.15 6.21 9.03
N LYS A 73 -11.44 6.10 8.72
CA LYS A 73 -12.20 4.88 8.99
C LYS A 73 -11.59 3.70 8.24
N PHE A 74 -11.38 3.90 6.94
CA PHE A 74 -10.81 2.85 6.07
C PHE A 74 -9.35 2.57 6.43
N ILE A 75 -8.62 3.60 6.86
CA ILE A 75 -7.23 3.41 7.30
C ILE A 75 -7.19 2.49 8.52
N ALA A 76 -8.01 2.80 9.52
CA ALA A 76 -8.09 1.99 10.72
C ALA A 76 -8.44 0.54 10.38
N ASP A 77 -9.29 0.39 9.36
CA ASP A 77 -9.71 -0.93 8.87
C ASP A 77 -8.50 -1.78 8.47
N VAL A 78 -7.44 -1.11 8.01
CA VAL A 78 -6.25 -1.80 7.52
C VAL A 78 -5.30 -2.13 8.68
N THR A 79 -5.88 -2.31 9.87
CA THR A 79 -5.14 -2.73 11.07
C THR A 79 -4.20 -1.62 11.55
N LYS A 80 -4.43 -0.40 11.09
CA LYS A 80 -3.59 0.73 11.48
C LYS A 80 -3.91 1.15 12.92
N ASP A 81 -5.13 0.82 13.36
CA ASP A 81 -5.62 1.16 14.71
C ASP A 81 -5.83 2.67 14.86
N GLU A 82 -4.73 3.42 14.88
CA GLU A 82 -4.78 4.87 15.03
C GLU A 82 -4.36 5.53 13.71
N PRO A 83 -5.35 5.98 12.92
CA PRO A 83 -5.10 6.66 11.65
C PRO A 83 -4.66 8.11 11.88
N THR A 84 -3.35 8.33 11.87
CA THR A 84 -2.77 9.63 12.18
C THR A 84 -2.79 10.56 10.96
N ALA A 85 -2.46 11.83 11.21
CA ALA A 85 -2.43 12.85 10.18
C ALA A 85 -1.54 12.41 9.01
N GLN A 86 -0.47 11.68 9.33
CA GLN A 86 0.42 11.14 8.32
C GLN A 86 -0.35 10.22 7.37
N ASP A 87 -1.15 9.31 7.95
CA ASP A 87 -1.90 8.34 7.16
C ASP A 87 -2.91 9.07 6.29
N ILE A 88 -3.73 9.93 6.91
CA ILE A 88 -4.76 10.67 6.18
C ILE A 88 -4.12 11.55 5.10
N SER A 89 -2.97 12.14 5.40
CA SER A 89 -2.27 13.02 4.45
C SER A 89 -1.86 12.23 3.21
N ARG A 90 -1.19 11.09 3.42
CA ARG A 90 -0.74 10.25 2.31
C ARG A 90 -1.93 9.77 1.48
N VAL A 91 -2.88 9.13 2.15
CA VAL A 91 -4.04 8.57 1.50
C VAL A 91 -4.82 9.62 0.74
N ALA A 92 -5.14 10.72 1.42
CA ALA A 92 -5.94 11.80 0.81
C ALA A 92 -5.21 12.39 -0.38
N SER A 93 -3.89 12.53 -0.26
CA SER A 93 -3.09 13.04 -1.35
C SER A 93 -3.22 12.13 -2.58
N ARG A 94 -3.17 10.81 -2.35
CA ARG A 94 -3.28 9.84 -3.45
C ARG A 94 -4.64 9.95 -4.14
N LEU A 95 -5.70 9.84 -3.35
CA LEU A 95 -7.06 9.83 -3.89
C LEU A 95 -7.42 11.17 -4.51
N ALA A 96 -6.82 12.25 -4.01
CA ALA A 96 -6.95 13.56 -4.63
C ALA A 96 -6.33 13.53 -6.02
N ALA A 97 -5.24 12.76 -6.16
CA ALA A 97 -4.59 12.54 -7.44
C ALA A 97 -5.35 11.49 -8.25
N GLY A 98 -6.19 10.72 -7.55
CA GLY A 98 -7.02 9.72 -8.20
C GLY A 98 -8.04 10.35 -9.14
N GLY A 99 -8.38 11.59 -8.85
CA GLY A 99 -9.20 12.39 -9.76
C GLY A 99 -8.35 13.36 -10.52
N TRP A 100 -7.27 12.84 -11.10
CA TRP A 100 -6.26 13.64 -11.78
C TRP A 100 -6.82 14.42 -12.97
N PRO A 101 -6.77 15.76 -12.92
CA PRO A 101 -7.01 16.61 -14.09
C PRO A 101 -5.77 16.64 -14.98
N LEU A 102 -4.61 16.50 -14.34
CA LEU A 102 -3.33 16.42 -15.03
C LEU A 102 -2.79 15.01 -14.92
N ALA A 103 -2.56 14.36 -16.06
CA ALA A 103 -2.05 12.99 -16.08
C ALA A 103 -0.55 12.97 -15.77
N GLY A 104 -0.22 12.76 -14.50
CA GLY A 104 1.17 12.70 -14.08
C GLY A 104 1.35 11.84 -12.85
N VAL A 105 0.51 10.82 -12.72
CA VAL A 105 0.59 9.89 -11.62
C VAL A 105 1.38 8.65 -12.03
N ASP A 106 2.67 8.66 -11.71
CA ASP A 106 3.57 7.55 -12.02
C ASP A 106 3.03 6.23 -11.48
N SER A 107 2.39 5.46 -12.36
CA SER A 107 1.83 4.17 -12.00
C SER A 107 2.94 3.12 -11.89
N THR A 108 4.17 3.54 -12.13
CA THR A 108 5.34 2.68 -12.01
C THR A 108 6.08 2.95 -10.69
N ALA A 109 6.35 4.23 -10.42
CA ALA A 109 7.11 4.63 -9.25
C ALA A 109 6.25 4.66 -7.98
N LEU A 110 5.15 3.92 -7.97
CA LEU A 110 4.26 3.87 -6.81
C LEU A 110 4.75 2.82 -5.81
N ASN A 111 5.94 2.29 -6.06
CA ASN A 111 6.54 1.28 -5.19
C ASN A 111 7.69 1.90 -4.39
N ALA A 112 7.47 2.13 -3.11
CA ALA A 112 8.50 2.64 -2.23
C ALA A 112 9.15 1.48 -1.47
N MET A 1 4.11 -7.68 -30.57
CA MET A 1 5.41 -8.07 -31.16
C MET A 1 6.15 -8.99 -30.20
N ALA A 2 6.02 -10.29 -30.42
CA ALA A 2 6.59 -11.28 -29.52
C ALA A 2 7.87 -11.90 -30.10
N HIS A 3 8.87 -12.04 -29.25
CA HIS A 3 10.12 -12.71 -29.61
C HIS A 3 10.69 -13.39 -28.36
N HIS A 4 10.62 -14.71 -28.33
CA HIS A 4 10.98 -15.47 -27.13
C HIS A 4 11.50 -16.86 -27.51
N HIS A 5 12.19 -17.49 -26.56
CA HIS A 5 12.72 -18.83 -26.76
C HIS A 5 12.29 -19.75 -25.62
N HIS A 6 11.18 -20.44 -25.84
CA HIS A 6 10.61 -21.37 -24.86
C HIS A 6 9.55 -22.21 -25.54
N HIS A 7 9.86 -23.49 -25.76
CA HIS A 7 8.89 -24.42 -26.33
C HIS A 7 7.78 -24.71 -25.31
N HIS A 8 8.09 -24.45 -24.04
CA HIS A 8 7.11 -24.52 -22.96
C HIS A 8 7.31 -23.33 -22.04
N MET A 9 6.24 -22.60 -21.77
CA MET A 9 6.30 -21.41 -20.92
C MET A 9 6.58 -21.80 -19.47
N GLY A 10 5.91 -22.86 -19.03
CA GLY A 10 6.08 -23.35 -17.68
C GLY A 10 5.36 -24.67 -17.47
N THR A 11 5.80 -25.45 -16.49
CA THR A 11 5.19 -26.74 -16.21
C THR A 11 4.82 -26.86 -14.72
N LEU A 12 5.83 -27.05 -13.87
CA LEU A 12 5.61 -27.27 -12.45
C LEU A 12 6.40 -26.26 -11.62
N GLU A 13 5.86 -25.91 -10.44
CA GLU A 13 6.50 -24.97 -9.54
C GLU A 13 7.40 -25.72 -8.55
N ALA A 14 7.54 -27.02 -8.75
CA ALA A 14 8.41 -27.85 -7.92
C ALA A 14 9.81 -27.25 -7.78
N GLN A 15 10.22 -26.52 -8.82
CA GLN A 15 11.51 -25.83 -8.81
C GLN A 15 11.52 -24.75 -7.73
N THR A 16 10.45 -23.96 -7.68
CA THR A 16 10.36 -22.83 -6.77
C THR A 16 9.88 -23.29 -5.39
N GLN A 17 10.82 -23.57 -4.50
CA GLN A 17 10.50 -23.97 -3.13
C GLN A 17 10.77 -22.82 -2.17
N GLY A 18 9.71 -22.14 -1.76
CA GLY A 18 9.85 -21.00 -0.86
C GLY A 18 10.13 -19.72 -1.62
N PRO A 19 10.35 -18.60 -0.90
CA PRO A 19 10.64 -17.29 -1.53
C PRO A 19 12.07 -17.20 -2.10
N GLY A 20 12.62 -18.33 -2.53
CA GLY A 20 13.95 -18.34 -3.14
C GLY A 20 15.06 -18.17 -2.12
N SER A 21 14.99 -18.91 -1.03
CA SER A 21 16.02 -18.88 0.01
C SER A 21 16.01 -20.19 0.82
N PRO A 22 14.85 -20.63 1.39
CA PRO A 22 14.77 -21.88 2.14
C PRO A 22 14.68 -23.12 1.23
N GLU A 23 15.17 -22.97 0.01
CA GLU A 23 15.19 -24.07 -0.94
C GLU A 23 16.40 -24.96 -0.66
N GLY A 24 16.33 -26.22 -1.06
CA GLY A 24 17.42 -27.14 -0.81
C GLY A 24 17.13 -28.06 0.36
N VAL A 25 16.24 -27.62 1.24
CA VAL A 25 15.82 -28.42 2.38
C VAL A 25 14.42 -28.97 2.12
N PRO A 26 14.08 -30.13 2.72
CA PRO A 26 12.72 -30.67 2.66
C PRO A 26 11.71 -29.68 3.28
N PRO A 27 10.71 -29.24 2.49
CA PRO A 27 9.72 -28.25 2.94
C PRO A 27 9.03 -28.66 4.24
N THR A 28 9.17 -27.81 5.26
CA THR A 28 8.55 -28.04 6.56
C THR A 28 7.04 -27.83 6.49
N ASP A 29 6.31 -28.47 7.41
CA ASP A 29 4.85 -28.32 7.50
C ASP A 29 4.50 -26.86 7.75
N ARG A 30 5.25 -26.26 8.66
CA ARG A 30 5.02 -24.90 9.11
C ARG A 30 5.38 -23.90 8.02
N PHE A 31 4.82 -22.70 8.11
CA PHE A 31 5.05 -21.64 7.14
C PHE A 31 6.50 -21.14 7.23
N PRO A 32 7.05 -20.60 6.12
CA PRO A 32 8.40 -20.02 6.12
C PRO A 32 8.46 -18.72 6.93
N LEU A 33 7.28 -18.23 7.33
CA LEU A 33 7.16 -17.02 8.14
C LEU A 33 6.55 -17.37 9.49
N LEU A 34 7.23 -16.98 10.57
CA LEU A 34 6.76 -17.26 11.93
C LEU A 34 6.62 -15.98 12.73
N ALA A 35 6.77 -14.84 12.04
CA ALA A 35 6.65 -13.53 12.66
C ALA A 35 5.35 -12.87 12.24
N LEU A 36 4.56 -12.44 13.21
CA LEU A 36 3.26 -11.83 12.94
C LEU A 36 3.45 -10.35 12.60
N LEU A 37 2.90 -9.94 11.45
CA LEU A 37 2.97 -8.55 11.02
C LEU A 37 2.23 -7.63 11.98
N ARG A 38 2.51 -6.33 11.89
CA ARG A 38 1.86 -5.35 12.74
C ARG A 38 0.91 -4.46 11.96
N ARG A 39 0.23 -3.57 12.66
CA ARG A 39 -0.82 -2.73 12.10
C ARG A 39 -0.25 -1.52 11.33
N THR A 40 0.69 -1.78 10.46
CA THR A 40 1.33 -0.73 9.67
C THR A 40 0.66 -0.57 8.30
N LEU A 41 1.05 0.47 7.56
CA LEU A 41 0.50 0.75 6.24
C LEU A 41 1.61 1.14 5.27
N THR A 42 2.12 0.16 4.52
CA THR A 42 3.08 0.44 3.47
C THR A 42 2.35 1.05 2.27
N GLU A 43 3.09 1.48 1.25
CA GLU A 43 2.50 2.17 0.11
C GLU A 43 1.41 1.32 -0.55
N GLU A 44 1.62 0.00 -0.58
CA GLU A 44 0.64 -0.91 -1.19
C GLU A 44 -0.70 -0.76 -0.48
N GLN A 45 -0.64 -0.66 0.83
CA GLN A 45 -1.83 -0.53 1.66
C GLN A 45 -2.47 0.84 1.43
N VAL A 46 -1.63 1.88 1.36
CA VAL A 46 -2.11 3.23 1.11
C VAL A 46 -2.86 3.31 -0.21
N GLN A 47 -2.27 2.72 -1.26
CA GLN A 47 -2.88 2.71 -2.58
C GLN A 47 -4.14 1.87 -2.57
N GLU A 48 -4.14 0.81 -1.78
CA GLU A 48 -5.34 0.00 -1.60
C GLU A 48 -6.46 0.86 -0.99
N VAL A 49 -6.11 1.65 0.02
CA VAL A 49 -7.07 2.53 0.68
C VAL A 49 -7.66 3.53 -0.32
N VAL A 50 -6.78 4.18 -1.10
CA VAL A 50 -7.24 5.17 -2.07
C VAL A 50 -8.01 4.51 -3.21
N ALA A 51 -7.60 3.30 -3.57
CA ALA A 51 -8.27 2.53 -4.60
C ALA A 51 -9.70 2.18 -4.19
N LYS A 52 -9.88 1.91 -2.90
CA LYS A 52 -11.21 1.68 -2.36
C LYS A 52 -11.97 3.01 -2.18
N LEU A 53 -11.25 4.04 -1.72
CA LEU A 53 -11.82 5.37 -1.46
C LEU A 53 -12.49 5.96 -2.70
N THR A 54 -11.97 5.63 -3.88
CA THR A 54 -12.51 6.17 -5.13
C THR A 54 -13.84 5.50 -5.52
N ASP A 55 -14.37 4.66 -4.62
CA ASP A 55 -15.71 4.09 -4.79
C ASP A 55 -16.64 4.67 -3.71
N PRO A 56 -17.20 5.88 -3.95
CA PRO A 56 -18.00 6.59 -2.94
C PRO A 56 -19.25 5.81 -2.53
N GLU A 57 -19.78 5.01 -3.46
CA GLU A 57 -20.92 4.19 -3.24
C GLU A 57 -20.66 3.20 -2.10
N SER A 58 -19.42 2.72 -2.01
CA SER A 58 -19.02 1.81 -0.96
C SER A 58 -19.00 2.53 0.39
N SER A 59 -18.36 3.70 0.41
CA SER A 59 -18.20 4.47 1.65
C SER A 59 -19.54 4.68 2.35
N ALA A 60 -20.50 5.19 1.58
CA ALA A 60 -21.81 5.54 2.12
C ALA A 60 -22.59 4.31 2.60
N GLN A 61 -22.04 3.12 2.40
CA GLN A 61 -22.75 1.88 2.74
C GLN A 61 -21.97 1.02 3.75
N ILE A 62 -20.64 1.16 3.82
CA ILE A 62 -19.82 0.28 4.68
C ILE A 62 -20.30 0.33 6.12
N ASP A 63 -20.45 1.54 6.66
CA ASP A 63 -21.15 1.73 7.94
C ASP A 63 -22.32 2.70 7.75
N GLY A 64 -22.35 3.37 6.60
CA GLY A 64 -23.44 4.27 6.28
C GLY A 64 -23.09 5.72 6.52
N VAL A 65 -22.02 6.21 5.89
CA VAL A 65 -21.63 7.62 5.99
C VAL A 65 -20.62 7.96 4.89
N VAL A 66 -20.56 9.25 4.52
CA VAL A 66 -19.56 9.73 3.58
C VAL A 66 -19.13 11.17 3.95
N SER A 67 -18.00 11.27 4.62
CA SER A 67 -17.41 12.54 5.02
C SER A 67 -15.88 12.42 4.98
N LYS A 68 -15.17 13.50 5.28
CA LYS A 68 -13.69 13.49 5.21
C LYS A 68 -13.09 12.35 6.04
N ASP A 69 -13.78 12.00 7.13
CA ASP A 69 -13.32 10.94 8.04
C ASP A 69 -13.32 9.58 7.36
N GLU A 70 -14.03 9.45 6.23
CA GLU A 70 -14.13 8.19 5.49
C GLU A 70 -12.73 7.65 5.20
N ILE A 71 -11.78 8.57 4.98
CA ILE A 71 -10.41 8.18 4.70
C ILE A 71 -9.85 7.39 5.89
N GLU A 72 -10.03 7.94 7.09
CA GLU A 72 -9.55 7.32 8.32
C GLU A 72 -10.19 5.95 8.53
N LYS A 73 -11.48 5.86 8.15
CA LYS A 73 -12.22 4.61 8.25
C LYS A 73 -11.57 3.54 7.38
N PHE A 74 -11.44 3.84 6.09
CA PHE A 74 -10.86 2.89 5.14
C PHE A 74 -9.45 2.49 5.56
N ILE A 75 -8.72 3.43 6.13
CA ILE A 75 -7.39 3.16 6.68
C ILE A 75 -7.49 2.13 7.81
N ALA A 76 -8.40 2.39 8.74
CA ALA A 76 -8.62 1.50 9.88
C ALA A 76 -9.00 0.10 9.42
N ASP A 77 -9.77 0.03 8.32
CA ASP A 77 -10.20 -1.24 7.75
C ASP A 77 -9.00 -2.08 7.28
N VAL A 78 -7.87 -1.41 7.02
CA VAL A 78 -6.66 -2.10 6.57
C VAL A 78 -5.84 -2.55 7.78
N THR A 79 -6.52 -2.72 8.91
CA THR A 79 -5.90 -3.22 10.13
C THR A 79 -4.91 -2.20 10.69
N LYS A 80 -4.99 -0.96 10.22
CA LYS A 80 -4.19 0.12 10.79
C LYS A 80 -4.73 0.48 12.17
N ASP A 81 -6.03 0.24 12.38
CA ASP A 81 -6.69 0.53 13.66
C ASP A 81 -6.65 2.02 14.00
N GLU A 82 -5.46 2.49 14.37
CA GLU A 82 -5.23 3.90 14.67
C GLU A 82 -4.71 4.62 13.41
N PRO A 83 -5.57 5.35 12.69
CA PRO A 83 -5.17 6.10 11.51
C PRO A 83 -4.51 7.42 11.90
N THR A 84 -3.24 7.60 11.53
CA THR A 84 -2.50 8.81 11.89
C THR A 84 -2.55 9.84 10.77
N ALA A 85 -2.29 11.10 11.15
CA ALA A 85 -2.30 12.21 10.20
C ALA A 85 -1.41 11.91 9.01
N GLN A 86 -0.37 11.11 9.23
CA GLN A 86 0.52 10.69 8.16
C GLN A 86 -0.26 9.89 7.12
N ASP A 87 -0.96 8.86 7.59
CA ASP A 87 -1.78 8.02 6.72
C ASP A 87 -2.79 8.87 5.97
N ILE A 88 -3.55 9.67 6.71
CA ILE A 88 -4.56 10.54 6.09
C ILE A 88 -3.92 11.45 5.05
N SER A 89 -2.74 11.99 5.38
CA SER A 89 -2.04 12.89 4.48
C SER A 89 -1.64 12.16 3.19
N ARG A 90 -1.01 11.00 3.35
CA ARG A 90 -0.53 10.21 2.20
C ARG A 90 -1.71 9.79 1.32
N VAL A 91 -2.68 9.12 1.94
CA VAL A 91 -3.89 8.67 1.25
C VAL A 91 -4.57 9.83 0.53
N ALA A 92 -4.82 10.90 1.27
CA ALA A 92 -5.48 12.09 0.73
C ALA A 92 -4.70 12.68 -0.44
N SER A 93 -3.37 12.63 -0.34
CA SER A 93 -2.52 13.12 -1.41
C SER A 93 -2.68 12.26 -2.66
N ARG A 94 -2.78 10.95 -2.47
CA ARG A 94 -2.95 10.03 -3.61
C ARG A 94 -4.24 10.33 -4.33
N LEU A 95 -5.34 10.33 -3.57
CA LEU A 95 -6.68 10.55 -4.15
C LEU A 95 -6.84 11.99 -4.65
N ALA A 96 -6.13 12.92 -4.04
CA ALA A 96 -6.14 14.31 -4.50
C ALA A 96 -5.65 14.38 -5.95
N ALA A 97 -4.49 13.79 -6.19
CA ALA A 97 -3.93 13.70 -7.54
C ALA A 97 -4.59 12.57 -8.34
N GLY A 98 -5.25 11.65 -7.62
CA GLY A 98 -5.87 10.49 -8.23
C GLY A 98 -7.35 10.65 -8.42
N GLY A 99 -7.86 11.85 -8.17
CA GLY A 99 -9.22 12.18 -8.56
C GLY A 99 -9.31 12.30 -10.06
N TRP A 100 -10.42 11.91 -10.66
CA TRP A 100 -10.48 11.84 -12.12
C TRP A 100 -11.36 12.92 -12.76
N PRO A 101 -10.80 14.14 -12.92
CA PRO A 101 -11.13 15.01 -14.04
C PRO A 101 -10.04 14.88 -15.12
N LEU A 102 -8.89 14.37 -14.69
CA LEU A 102 -7.73 14.11 -15.54
C LEU A 102 -7.15 12.75 -15.15
N ALA A 103 -6.25 12.23 -15.97
CA ALA A 103 -5.58 10.96 -15.67
C ALA A 103 -4.10 11.05 -16.04
N GLY A 104 -3.23 11.05 -15.03
CA GLY A 104 -1.79 11.15 -15.28
C GLY A 104 -0.97 10.31 -14.31
N VAL A 105 -1.37 10.30 -13.04
CA VAL A 105 -0.64 9.61 -11.99
C VAL A 105 -0.47 8.12 -12.28
N ASP A 106 0.66 7.57 -11.86
CA ASP A 106 0.94 6.14 -11.99
C ASP A 106 0.93 5.48 -10.61
N SER A 107 0.65 4.18 -10.58
CA SER A 107 0.64 3.42 -9.33
C SER A 107 1.82 2.45 -9.26
N THR A 108 2.43 2.19 -10.42
CA THR A 108 3.49 1.20 -10.54
C THR A 108 4.73 1.59 -9.72
N ALA A 109 5.10 2.86 -9.80
CA ALA A 109 6.32 3.36 -9.17
C ALA A 109 6.11 3.62 -7.68
N LEU A 110 4.96 3.21 -7.17
CA LEU A 110 4.63 3.44 -5.77
C LEU A 110 4.44 2.11 -5.02
N ASN A 111 3.67 1.20 -5.62
CA ASN A 111 3.23 -0.01 -4.94
C ASN A 111 4.39 -0.91 -4.53
N ALA A 112 4.92 -0.66 -3.34
CA ALA A 112 6.00 -1.46 -2.77
C ALA A 112 6.23 -1.07 -1.31
N MET A 1 44.78 -38.35 -15.77
CA MET A 1 44.42 -39.03 -14.51
C MET A 1 43.75 -38.06 -13.54
N ALA A 2 42.97 -37.12 -14.09
CA ALA A 2 42.30 -36.11 -13.29
C ALA A 2 41.07 -36.69 -12.58
N HIS A 3 41.11 -36.69 -11.25
CA HIS A 3 39.99 -37.16 -10.45
C HIS A 3 38.88 -36.11 -10.44
N HIS A 4 37.67 -36.53 -10.79
CA HIS A 4 36.52 -35.64 -10.86
C HIS A 4 36.21 -35.06 -9.48
N HIS A 5 35.98 -33.75 -9.44
CA HIS A 5 35.76 -33.02 -8.21
C HIS A 5 34.27 -32.71 -8.03
N HIS A 6 33.86 -32.53 -6.78
CA HIS A 6 32.47 -32.17 -6.47
C HIS A 6 32.09 -30.87 -7.17
N HIS A 7 30.96 -30.87 -7.86
CA HIS A 7 30.51 -29.71 -8.64
C HIS A 7 29.89 -28.66 -7.72
N HIS A 8 29.09 -29.13 -6.75
CA HIS A 8 28.40 -28.24 -5.83
C HIS A 8 27.92 -29.00 -4.60
N MET A 9 27.77 -28.29 -3.50
CA MET A 9 27.15 -28.83 -2.28
C MET A 9 25.66 -28.49 -2.28
N GLY A 10 24.96 -28.92 -1.24
CA GLY A 10 23.53 -28.63 -1.14
C GLY A 10 22.92 -29.20 0.12
N THR A 11 22.23 -28.36 0.87
CA THR A 11 21.55 -28.80 2.08
C THR A 11 20.27 -29.57 1.74
N LEU A 12 20.10 -30.72 2.39
CA LEU A 12 18.91 -31.54 2.18
C LEU A 12 17.67 -30.83 2.69
N GLU A 13 17.76 -30.32 3.93
CA GLU A 13 16.67 -29.56 4.51
C GLU A 13 17.19 -28.45 5.44
N ALA A 14 18.21 -28.77 6.24
CA ALA A 14 18.79 -27.82 7.19
C ALA A 14 17.72 -27.14 8.05
N GLN A 15 16.70 -27.91 8.43
CA GLN A 15 15.57 -27.36 9.17
C GLN A 15 15.96 -27.05 10.62
N THR A 16 16.44 -25.83 10.83
CA THR A 16 16.79 -25.31 12.14
C THR A 16 16.21 -23.90 12.29
N GLN A 17 14.99 -23.73 11.81
CA GLN A 17 14.33 -22.42 11.77
C GLN A 17 14.36 -21.74 13.14
N GLY A 18 14.66 -20.45 13.14
CA GLY A 18 14.72 -19.68 14.37
C GLY A 18 16.03 -18.92 14.50
N PRO A 19 16.14 -18.04 15.50
CA PRO A 19 17.36 -17.25 15.76
C PRO A 19 18.38 -18.07 16.54
N GLY A 20 18.48 -19.34 16.17
CA GLY A 20 19.26 -20.30 16.92
C GLY A 20 18.40 -21.51 17.24
N SER A 21 18.90 -22.71 16.96
CA SER A 21 18.12 -23.93 17.13
C SER A 21 17.51 -24.02 18.53
N PRO A 22 16.17 -23.87 18.65
CA PRO A 22 15.46 -23.90 19.94
C PRO A 22 15.29 -25.32 20.47
N GLU A 23 16.35 -26.11 20.35
CA GLU A 23 16.32 -27.51 20.77
C GLU A 23 16.32 -27.61 22.29
N GLY A 24 15.26 -28.19 22.84
CA GLY A 24 15.13 -28.33 24.28
C GLY A 24 14.26 -27.25 24.91
N VAL A 25 13.73 -26.36 24.08
CA VAL A 25 12.87 -25.28 24.56
C VAL A 25 11.73 -25.02 23.58
N PRO A 26 10.49 -24.91 24.10
CA PRO A 26 9.30 -24.62 23.29
C PRO A 26 9.20 -23.14 22.91
N PRO A 27 8.37 -22.81 21.89
CA PRO A 27 8.15 -21.41 21.48
C PRO A 27 7.69 -20.54 22.65
N THR A 28 8.37 -19.41 22.83
CA THR A 28 8.09 -18.49 23.92
C THR A 28 6.84 -17.65 23.60
N ASP A 29 6.33 -16.94 24.61
CA ASP A 29 5.15 -16.11 24.43
C ASP A 29 5.57 -14.81 23.75
N ARG A 30 6.58 -14.17 24.31
CA ARG A 30 7.19 -13.02 23.68
C ARG A 30 8.27 -13.50 22.71
N PHE A 31 7.89 -13.61 21.45
CA PHE A 31 8.79 -14.10 20.40
C PHE A 31 10.08 -13.27 20.35
N PRO A 32 11.19 -13.87 19.89
CA PRO A 32 12.52 -13.22 19.89
C PRO A 32 12.64 -12.05 18.90
N LEU A 33 11.50 -11.56 18.41
CA LEU A 33 11.48 -10.39 17.53
C LEU A 33 11.24 -9.14 18.36
N LEU A 34 12.16 -8.19 18.26
CA LEU A 34 12.07 -6.93 19.00
C LEU A 34 11.55 -5.81 18.09
N ALA A 35 11.36 -6.13 16.81
CA ALA A 35 10.77 -5.21 15.87
C ALA A 35 9.29 -4.99 16.21
N LEU A 36 9.02 -3.93 16.97
CA LEU A 36 7.67 -3.62 17.43
C LEU A 36 6.89 -2.87 16.34
N LEU A 37 7.43 -2.88 15.13
CA LEU A 37 6.80 -2.23 13.99
C LEU A 37 5.49 -2.92 13.63
N ARG A 38 4.41 -2.47 14.27
CA ARG A 38 3.08 -3.03 14.04
C ARG A 38 2.17 -1.97 13.42
N ARG A 39 1.06 -2.45 12.86
CA ARG A 39 0.07 -1.60 12.18
C ARG A 39 0.74 -0.52 11.32
N THR A 40 0.97 -0.89 10.10
CA THR A 40 1.71 -0.07 9.15
C THR A 40 1.12 -0.15 7.75
N LEU A 41 0.78 1.01 7.19
CA LEU A 41 0.32 1.11 5.81
C LEU A 41 1.46 1.57 4.92
N THR A 42 2.04 0.62 4.19
CA THR A 42 3.02 0.94 3.17
C THR A 42 2.32 1.50 1.94
N GLU A 43 3.10 2.02 0.98
CA GLU A 43 2.52 2.68 -0.20
C GLU A 43 1.46 1.81 -0.87
N GLU A 44 1.73 0.52 -0.99
CA GLU A 44 0.80 -0.38 -1.68
C GLU A 44 -0.55 -0.41 -0.97
N GLN A 45 -0.50 -0.52 0.35
CA GLN A 45 -1.71 -0.57 1.19
C GLN A 45 -2.42 0.78 1.15
N VAL A 46 -1.63 1.86 1.13
CA VAL A 46 -2.18 3.20 1.07
C VAL A 46 -2.96 3.38 -0.22
N GLN A 47 -2.35 2.96 -1.32
CA GLN A 47 -2.96 3.06 -2.64
C GLN A 47 -4.20 2.18 -2.72
N GLU A 48 -4.14 1.02 -2.06
CA GLU A 48 -5.28 0.12 -2.00
C GLU A 48 -6.45 0.78 -1.25
N VAL A 49 -6.14 1.49 -0.16
CA VAL A 49 -7.15 2.25 0.57
C VAL A 49 -7.78 3.30 -0.34
N VAL A 50 -6.93 4.05 -1.03
CA VAL A 50 -7.41 5.09 -1.94
C VAL A 50 -8.23 4.44 -3.06
N ALA A 51 -7.81 3.25 -3.47
CA ALA A 51 -8.53 2.50 -4.51
C ALA A 51 -9.92 2.12 -4.03
N LYS A 52 -10.04 1.75 -2.75
CA LYS A 52 -11.34 1.45 -2.16
C LYS A 52 -12.10 2.74 -1.87
N LEU A 53 -11.36 3.83 -1.67
CA LEU A 53 -11.96 5.14 -1.37
C LEU A 53 -12.46 5.71 -2.68
N THR A 54 -11.94 5.14 -3.73
CA THR A 54 -12.32 5.40 -5.08
C THR A 54 -13.67 4.71 -5.39
N ASP A 55 -14.18 3.93 -4.43
CA ASP A 55 -15.50 3.32 -4.55
C ASP A 55 -16.51 4.09 -3.68
N PRO A 56 -17.13 5.16 -4.23
CA PRO A 56 -18.05 6.03 -3.46
C PRO A 56 -19.28 5.26 -3.02
N GLU A 57 -19.72 4.34 -3.88
CA GLU A 57 -20.85 3.47 -3.57
C GLU A 57 -20.58 2.69 -2.28
N SER A 58 -19.33 2.27 -2.12
CA SER A 58 -18.93 1.49 -0.95
C SER A 58 -18.99 2.38 0.30
N SER A 59 -18.34 3.55 0.21
CA SER A 59 -18.29 4.49 1.33
C SER A 59 -19.70 4.89 1.75
N ALA A 60 -20.57 5.09 0.75
CA ALA A 60 -21.92 5.55 0.98
C ALA A 60 -22.73 4.55 1.82
N GLN A 61 -22.67 3.27 1.45
CA GLN A 61 -23.54 2.28 2.09
C GLN A 61 -22.92 1.69 3.37
N ILE A 62 -21.60 1.70 3.49
CA ILE A 62 -20.95 1.14 4.67
C ILE A 62 -21.20 1.99 5.91
N ASP A 63 -21.25 3.32 5.75
CA ASP A 63 -21.41 4.22 6.89
C ASP A 63 -22.65 5.12 6.75
N GLY A 64 -23.21 5.18 5.56
CA GLY A 64 -24.43 5.96 5.33
C GLY A 64 -24.17 7.43 5.06
N VAL A 65 -22.89 7.79 4.87
CA VAL A 65 -22.51 9.17 4.57
C VAL A 65 -21.06 9.24 4.09
N VAL A 66 -20.80 10.14 3.14
CA VAL A 66 -19.47 10.30 2.56
C VAL A 66 -18.88 11.67 2.92
N SER A 67 -17.86 11.67 3.79
CA SER A 67 -17.17 12.90 4.19
C SER A 67 -15.68 12.60 4.41
N LYS A 68 -14.90 13.64 4.70
CA LYS A 68 -13.43 13.52 4.81
C LYS A 68 -13.00 12.45 5.83
N ASP A 69 -13.88 12.14 6.78
CA ASP A 69 -13.57 11.17 7.83
C ASP A 69 -13.58 9.74 7.30
N GLU A 70 -14.18 9.54 6.13
CA GLU A 70 -14.28 8.22 5.51
C GLU A 70 -12.90 7.57 5.43
N ILE A 71 -11.91 8.39 5.10
CA ILE A 71 -10.55 7.92 4.91
C ILE A 71 -10.09 7.16 6.15
N GLU A 72 -10.29 7.78 7.31
CA GLU A 72 -9.80 7.26 8.59
C GLU A 72 -10.32 5.84 8.84
N LYS A 73 -11.64 5.67 8.75
CA LYS A 73 -12.25 4.38 9.03
C LYS A 73 -11.92 3.36 7.94
N PHE A 74 -11.67 3.83 6.71
CA PHE A 74 -11.16 2.93 5.65
C PHE A 74 -9.71 2.53 5.95
N ILE A 75 -8.96 3.41 6.60
CA ILE A 75 -7.58 3.11 6.99
C ILE A 75 -7.56 2.01 8.05
N ALA A 76 -8.39 2.20 9.08
CA ALA A 76 -8.46 1.26 10.21
C ALA A 76 -8.79 -0.17 9.76
N ASP A 77 -9.40 -0.29 8.58
CA ASP A 77 -9.79 -1.59 8.02
C ASP A 77 -8.56 -2.48 7.77
N VAL A 78 -7.43 -1.84 7.50
CA VAL A 78 -6.20 -2.56 7.16
C VAL A 78 -5.39 -2.90 8.43
N THR A 79 -6.12 -3.20 9.51
CA THR A 79 -5.52 -3.54 10.81
C THR A 79 -4.69 -2.38 11.34
N LYS A 80 -4.91 -1.20 10.77
CA LYS A 80 -4.10 -0.04 11.12
C LYS A 80 -4.47 0.46 12.51
N ASP A 81 -5.68 0.11 12.97
CA ASP A 81 -6.17 0.50 14.31
C ASP A 81 -6.17 2.01 14.47
N GLU A 82 -4.98 2.57 14.59
CA GLU A 82 -4.75 4.00 14.67
C GLU A 82 -4.53 4.59 13.26
N PRO A 83 -5.55 5.23 12.69
CA PRO A 83 -5.41 5.97 11.44
C PRO A 83 -4.85 7.37 11.70
N THR A 84 -3.54 7.51 11.58
CA THR A 84 -2.87 8.74 11.96
C THR A 84 -2.74 9.70 10.77
N ALA A 85 -2.31 10.93 11.07
CA ALA A 85 -2.18 11.99 10.08
C ALA A 85 -1.31 11.53 8.92
N GLN A 86 -0.32 10.67 9.22
CA GLN A 86 0.57 10.12 8.21
C GLN A 86 -0.23 9.35 7.15
N ASP A 87 -1.01 8.38 7.62
CA ASP A 87 -1.78 7.52 6.73
C ASP A 87 -2.76 8.37 5.94
N ILE A 88 -3.52 9.18 6.67
CA ILE A 88 -4.56 10.01 6.08
C ILE A 88 -3.98 10.98 5.07
N SER A 89 -2.85 11.60 5.41
CA SER A 89 -2.19 12.53 4.51
C SER A 89 -1.78 11.84 3.21
N ARG A 90 -1.16 10.67 3.33
CA ARG A 90 -0.74 9.90 2.15
C ARG A 90 -1.97 9.53 1.30
N VAL A 91 -2.93 8.87 1.94
CA VAL A 91 -4.15 8.45 1.25
C VAL A 91 -4.84 9.65 0.57
N ALA A 92 -5.02 10.70 1.36
CA ALA A 92 -5.71 11.91 0.91
C ALA A 92 -4.99 12.55 -0.28
N SER A 93 -3.67 12.52 -0.26
CA SER A 93 -2.90 13.09 -1.35
C SER A 93 -3.05 12.25 -2.60
N ARG A 94 -3.14 10.92 -2.44
CA ARG A 94 -3.34 10.04 -3.59
C ARG A 94 -4.69 10.33 -4.26
N LEU A 95 -5.77 10.24 -3.47
CA LEU A 95 -7.10 10.62 -3.99
C LEU A 95 -7.17 12.09 -4.45
N ALA A 96 -6.35 12.95 -3.83
CA ALA A 96 -6.26 14.34 -4.28
C ALA A 96 -5.72 14.42 -5.70
N ALA A 97 -4.73 13.57 -5.99
CA ALA A 97 -4.20 13.43 -7.34
C ALA A 97 -5.12 12.54 -8.17
N GLY A 98 -5.97 11.80 -7.47
CA GLY A 98 -6.90 10.88 -8.11
C GLY A 98 -8.10 11.58 -8.73
N GLY A 99 -8.00 12.90 -8.89
CA GLY A 99 -8.97 13.62 -9.70
C GLY A 99 -8.85 13.17 -11.14
N TRP A 100 -9.97 13.03 -11.85
CA TRP A 100 -9.92 12.46 -13.20
C TRP A 100 -10.20 13.48 -14.30
N PRO A 101 -9.17 14.27 -14.67
CA PRO A 101 -8.97 14.78 -16.02
C PRO A 101 -7.72 14.15 -16.63
N LEU A 102 -7.19 13.14 -15.91
CA LEU A 102 -5.86 12.59 -16.14
C LEU A 102 -5.92 11.07 -16.31
N ALA A 103 -5.26 10.57 -17.34
CA ALA A 103 -5.09 9.13 -17.53
C ALA A 103 -3.84 8.66 -16.81
N GLY A 104 -3.98 8.45 -15.49
CA GLY A 104 -2.86 8.07 -14.66
C GLY A 104 -3.14 6.83 -13.86
N VAL A 105 -3.12 5.68 -14.52
CA VAL A 105 -3.39 4.42 -13.86
C VAL A 105 -2.15 3.54 -13.87
N ASP A 106 -0.99 4.20 -13.92
CA ASP A 106 0.30 3.52 -13.97
C ASP A 106 0.51 2.66 -12.72
N SER A 107 0.18 1.38 -12.84
CA SER A 107 0.26 0.45 -11.71
C SER A 107 1.67 0.40 -11.11
N THR A 108 2.68 0.49 -11.99
CA THR A 108 4.06 0.44 -11.57
C THR A 108 4.44 1.63 -10.68
N ALA A 109 3.69 2.73 -10.83
CA ALA A 109 3.93 3.95 -10.05
C ALA A 109 2.84 4.15 -9.02
N LEU A 110 1.99 3.13 -8.88
CA LEU A 110 0.84 3.18 -7.98
C LEU A 110 1.13 2.35 -6.73
N ASN A 111 2.42 2.29 -6.39
CA ASN A 111 2.87 1.52 -5.23
C ASN A 111 4.10 2.18 -4.62
N ALA A 112 4.23 3.49 -4.84
CA ALA A 112 5.38 4.26 -4.40
C ALA A 112 5.09 5.76 -4.53
N MET A 1 -18.06 -27.56 -35.86
CA MET A 1 -18.84 -27.16 -34.67
C MET A 1 -18.15 -26.02 -33.93
N ALA A 2 -18.57 -24.78 -34.22
CA ALA A 2 -18.00 -23.60 -33.57
C ALA A 2 -18.87 -22.37 -33.83
N HIS A 3 -18.84 -21.44 -32.86
CA HIS A 3 -19.55 -20.17 -32.97
C HIS A 3 -18.70 -19.08 -32.32
N HIS A 4 -18.28 -18.09 -33.11
CA HIS A 4 -17.35 -17.07 -32.62
C HIS A 4 -17.74 -15.67 -33.07
N HIS A 5 -18.17 -14.85 -32.12
CA HIS A 5 -18.42 -13.42 -32.34
C HIS A 5 -18.16 -12.66 -31.05
N HIS A 6 -16.98 -12.05 -30.94
CA HIS A 6 -16.60 -11.32 -29.72
C HIS A 6 -15.32 -10.51 -29.96
N HIS A 7 -15.38 -9.23 -29.65
CA HIS A 7 -14.20 -8.37 -29.63
C HIS A 7 -14.56 -7.03 -28.99
N HIS A 8 -13.95 -6.74 -27.85
CA HIS A 8 -14.22 -5.50 -27.12
C HIS A 8 -13.04 -4.55 -27.19
N MET A 9 -13.31 -3.27 -27.05
CA MET A 9 -12.27 -2.24 -27.10
C MET A 9 -12.60 -1.14 -26.09
N GLY A 10 -11.57 -0.35 -25.73
CA GLY A 10 -11.76 0.72 -24.78
C GLY A 10 -11.50 0.27 -23.35
N THR A 11 -11.58 -1.03 -23.12
CA THR A 11 -11.31 -1.62 -21.82
C THR A 11 -9.81 -1.60 -21.51
N LEU A 12 -9.46 -1.23 -20.28
CA LEU A 12 -8.06 -1.11 -19.88
C LEU A 12 -7.47 -2.48 -19.54
N GLU A 13 -6.15 -2.52 -19.37
CA GLU A 13 -5.41 -3.75 -19.14
C GLU A 13 -4.78 -3.76 -17.75
N ALA A 14 -4.64 -4.95 -17.16
CA ALA A 14 -3.96 -5.11 -15.89
C ALA A 14 -2.69 -5.94 -16.08
N GLN A 15 -1.59 -5.49 -15.49
CA GLN A 15 -0.30 -6.17 -15.65
C GLN A 15 -0.23 -7.39 -14.73
N THR A 16 0.23 -8.51 -15.29
CA THR A 16 0.36 -9.76 -14.53
C THR A 16 1.76 -9.90 -13.91
N GLN A 17 2.54 -8.82 -14.00
CA GLN A 17 3.91 -8.80 -13.48
C GLN A 17 3.95 -8.31 -12.03
N GLY A 18 2.78 -8.28 -11.40
CA GLY A 18 2.69 -7.83 -10.01
C GLY A 18 2.16 -6.41 -9.92
N PRO A 19 2.14 -5.81 -8.72
CA PRO A 19 1.67 -4.43 -8.52
C PRO A 19 2.54 -3.42 -9.27
N GLY A 20 1.98 -2.82 -10.32
CA GLY A 20 2.75 -1.93 -11.17
C GLY A 20 3.85 -2.66 -11.91
N SER A 21 5.00 -2.79 -11.25
CA SER A 21 6.13 -3.53 -11.79
C SER A 21 7.24 -3.66 -10.75
N PRO A 22 7.16 -4.68 -9.87
CA PRO A 22 8.23 -5.00 -8.93
C PRO A 22 9.44 -5.58 -9.65
N GLU A 23 10.35 -4.71 -10.06
CA GLU A 23 11.54 -5.12 -10.78
C GLU A 23 12.69 -5.41 -9.81
N GLY A 24 13.41 -6.49 -10.06
CA GLY A 24 14.53 -6.87 -9.22
C GLY A 24 14.12 -7.81 -8.10
N VAL A 25 12.85 -7.76 -7.73
CA VAL A 25 12.32 -8.60 -6.66
C VAL A 25 11.28 -9.57 -7.22
N PRO A 26 11.22 -10.80 -6.69
CA PRO A 26 10.24 -11.80 -7.13
C PRO A 26 8.80 -11.38 -6.79
N PRO A 27 7.97 -11.11 -7.81
CA PRO A 27 6.58 -10.69 -7.61
C PRO A 27 5.73 -11.80 -6.99
N THR A 28 5.56 -11.75 -5.68
CA THR A 28 4.70 -12.70 -4.98
C THR A 28 3.26 -12.55 -5.48
N ASP A 29 2.43 -13.56 -5.23
CA ASP A 29 1.14 -13.72 -5.90
C ASP A 29 0.23 -12.52 -5.70
N ARG A 30 0.11 -12.07 -4.46
CA ARG A 30 -0.85 -11.02 -4.10
C ARG A 30 -0.17 -9.82 -3.46
N PHE A 31 1.02 -10.05 -2.97
CA PHE A 31 1.79 -9.04 -2.27
C PHE A 31 3.26 -9.45 -2.20
N PRO A 32 4.15 -8.72 -2.89
CA PRO A 32 5.60 -8.96 -2.83
C PRO A 32 6.15 -8.65 -1.43
N LEU A 33 5.51 -7.72 -0.74
CA LEU A 33 5.81 -7.44 0.66
C LEU A 33 4.92 -8.32 1.53
N LEU A 34 5.54 -9.08 2.44
CA LEU A 34 4.79 -10.04 3.25
C LEU A 34 3.80 -9.34 4.17
N ALA A 35 2.59 -9.19 3.67
CA ALA A 35 1.50 -8.55 4.39
C ALA A 35 0.48 -9.60 4.84
N LEU A 36 0.84 -10.36 5.87
CA LEU A 36 -0.07 -11.33 6.47
C LEU A 36 -1.02 -10.60 7.43
N LEU A 37 -0.44 -9.77 8.29
CA LEU A 37 -1.20 -8.93 9.20
C LEU A 37 -0.40 -7.67 9.50
N ARG A 38 -0.41 -6.73 8.56
CA ARG A 38 0.38 -5.51 8.67
C ARG A 38 -0.51 -4.32 9.04
N ARG A 39 -0.41 -3.88 10.28
CA ARG A 39 -1.08 -2.65 10.71
C ARG A 39 -0.55 -1.47 9.90
N THR A 40 0.72 -1.55 9.57
CA THR A 40 1.41 -0.49 8.85
C THR A 40 1.03 -0.49 7.36
N LEU A 41 0.35 0.58 6.94
CA LEU A 41 -0.03 0.76 5.55
C LEU A 41 1.19 1.08 4.71
N THR A 42 1.78 0.06 4.09
CA THR A 42 2.84 0.26 3.13
C THR A 42 2.26 0.87 1.86
N GLU A 43 3.11 1.20 0.88
CA GLU A 43 2.65 1.89 -0.34
C GLU A 43 1.45 1.17 -0.95
N GLU A 44 1.58 -0.15 -1.07
CA GLU A 44 0.54 -1.00 -1.64
C GLU A 44 -0.80 -0.82 -0.89
N GLN A 45 -0.74 -0.87 0.44
CA GLN A 45 -1.94 -0.80 1.25
C GLN A 45 -2.58 0.59 1.17
N VAL A 46 -1.75 1.61 1.01
CA VAL A 46 -2.25 2.98 0.85
C VAL A 46 -3.04 3.08 -0.46
N GLN A 47 -2.45 2.50 -1.51
CA GLN A 47 -3.10 2.42 -2.81
C GLN A 47 -4.43 1.67 -2.69
N GLU A 48 -4.44 0.61 -1.88
CA GLU A 48 -5.65 -0.16 -1.63
C GLU A 48 -6.72 0.72 -0.96
N VAL A 49 -6.31 1.43 0.09
CA VAL A 49 -7.21 2.32 0.83
C VAL A 49 -7.89 3.28 -0.13
N VAL A 50 -7.09 3.99 -0.90
CA VAL A 50 -7.59 5.01 -1.82
C VAL A 50 -8.31 4.39 -3.03
N ALA A 51 -7.92 3.17 -3.40
CA ALA A 51 -8.58 2.45 -4.49
C ALA A 51 -10.03 2.12 -4.12
N LYS A 52 -10.24 1.76 -2.86
CA LYS A 52 -11.58 1.51 -2.32
C LYS A 52 -12.26 2.86 -2.05
N LEU A 53 -11.48 3.76 -1.46
CA LEU A 53 -11.95 5.08 -1.02
C LEU A 53 -12.54 5.87 -2.19
N THR A 54 -11.98 5.68 -3.38
CA THR A 54 -12.39 6.45 -4.55
C THR A 54 -13.74 5.97 -5.10
N ASP A 55 -14.34 4.98 -4.44
CA ASP A 55 -15.68 4.51 -4.82
C ASP A 55 -16.71 4.99 -3.81
N PRO A 56 -17.38 6.13 -4.06
CA PRO A 56 -18.33 6.72 -3.12
C PRO A 56 -19.59 5.86 -2.97
N GLU A 57 -19.90 5.09 -4.02
CA GLU A 57 -21.06 4.20 -4.01
C GLU A 57 -21.03 3.28 -2.79
N SER A 58 -20.04 2.41 -2.74
CA SER A 58 -19.90 1.47 -1.64
C SER A 58 -19.53 2.19 -0.35
N SER A 59 -18.52 3.06 -0.43
CA SER A 59 -17.97 3.74 0.75
C SER A 59 -19.06 4.45 1.57
N ALA A 60 -20.10 4.92 0.90
CA ALA A 60 -21.20 5.60 1.59
C ALA A 60 -22.18 4.58 2.19
N GLN A 61 -22.54 3.59 1.39
CA GLN A 61 -23.60 2.65 1.76
C GLN A 61 -23.13 1.64 2.82
N ILE A 62 -21.82 1.43 2.94
CA ILE A 62 -21.30 0.49 3.93
C ILE A 62 -21.62 0.97 5.35
N ASP A 63 -21.61 2.29 5.55
CA ASP A 63 -22.00 2.89 6.82
C ASP A 63 -23.41 3.46 6.73
N GLY A 64 -23.91 3.59 5.50
CA GLY A 64 -25.21 4.19 5.28
C GLY A 64 -25.12 5.69 5.14
N VAL A 65 -23.91 6.21 5.23
CA VAL A 65 -23.65 7.65 5.18
C VAL A 65 -22.18 7.90 4.85
N VAL A 66 -21.89 9.02 4.21
CA VAL A 66 -20.53 9.37 3.85
C VAL A 66 -20.07 10.62 4.59
N SER A 67 -18.87 10.56 5.15
CA SER A 67 -18.22 11.69 5.81
C SER A 67 -16.72 11.60 5.55
N LYS A 68 -16.01 12.73 5.60
CA LYS A 68 -14.58 12.75 5.27
C LYS A 68 -13.78 11.84 6.21
N ASP A 69 -14.35 11.57 7.37
CA ASP A 69 -13.84 10.52 8.29
C ASP A 69 -13.55 9.20 7.53
N GLU A 70 -14.11 9.10 6.32
CA GLU A 70 -13.96 7.93 5.45
C GLU A 70 -12.50 7.55 5.27
N ILE A 71 -11.62 8.56 5.25
CA ILE A 71 -10.20 8.33 5.07
C ILE A 71 -9.68 7.50 6.24
N GLU A 72 -9.91 8.00 7.45
CA GLU A 72 -9.47 7.33 8.67
C GLU A 72 -10.12 5.96 8.77
N LYS A 73 -11.38 5.88 8.34
CA LYS A 73 -12.15 4.63 8.38
C LYS A 73 -11.47 3.57 7.51
N PHE A 74 -11.13 3.93 6.28
CA PHE A 74 -10.51 3.02 5.34
C PHE A 74 -9.06 2.71 5.74
N ILE A 75 -8.42 3.63 6.44
CA ILE A 75 -7.09 3.38 6.98
C ILE A 75 -7.18 2.31 8.07
N ALA A 76 -8.09 2.52 9.03
CA ALA A 76 -8.31 1.57 10.11
C ALA A 76 -8.77 0.22 9.55
N ASP A 77 -9.44 0.26 8.40
CA ASP A 77 -9.89 -0.94 7.70
C ASP A 77 -8.72 -1.86 7.40
N VAL A 78 -7.54 -1.27 7.22
CA VAL A 78 -6.35 -2.03 6.87
C VAL A 78 -5.56 -2.41 8.14
N THR A 79 -6.31 -2.59 9.25
CA THR A 79 -5.74 -3.08 10.50
C THR A 79 -4.80 -2.04 11.13
N LYS A 80 -4.88 -0.80 10.68
CA LYS A 80 -3.96 0.24 11.15
C LYS A 80 -4.15 0.50 12.64
N ASP A 81 -5.41 0.57 13.06
CA ASP A 81 -5.78 0.89 14.45
C ASP A 81 -5.47 2.34 14.82
N GLU A 82 -4.37 2.87 14.28
CA GLU A 82 -3.92 4.23 14.54
C GLU A 82 -3.92 5.06 13.26
N PRO A 83 -5.08 5.58 12.83
CA PRO A 83 -5.13 6.50 11.69
C PRO A 83 -4.68 7.90 12.10
N THR A 84 -3.38 8.15 11.99
CA THR A 84 -2.82 9.44 12.38
C THR A 84 -2.65 10.33 11.15
N ALA A 85 -2.34 11.61 11.41
CA ALA A 85 -2.19 12.61 10.36
C ALA A 85 -1.25 12.11 9.26
N GLN A 86 -0.29 11.27 9.64
CA GLN A 86 0.62 10.65 8.68
C GLN A 86 -0.16 9.90 7.60
N ASP A 87 -1.01 8.98 8.05
CA ASP A 87 -1.74 8.12 7.15
C ASP A 87 -2.75 8.93 6.37
N ILE A 88 -3.48 9.79 7.10
CA ILE A 88 -4.46 10.66 6.47
C ILE A 88 -3.79 11.56 5.42
N SER A 89 -2.56 12.01 5.71
CA SER A 89 -1.84 12.89 4.80
C SER A 89 -1.48 12.17 3.51
N ARG A 90 -0.86 10.99 3.64
CA ARG A 90 -0.46 10.20 2.48
C ARG A 90 -1.70 9.79 1.66
N VAL A 91 -2.65 9.16 2.34
CA VAL A 91 -3.90 8.75 1.71
C VAL A 91 -4.58 9.95 1.04
N ALA A 92 -4.64 11.08 1.75
CA ALA A 92 -5.23 12.31 1.21
C ALA A 92 -4.50 12.75 -0.05
N SER A 93 -3.19 12.58 -0.05
CA SER A 93 -2.37 12.93 -1.20
C SER A 93 -2.79 12.08 -2.41
N ARG A 94 -2.99 10.78 -2.18
CA ARG A 94 -3.34 9.86 -3.28
C ARG A 94 -4.73 10.19 -3.83
N LEU A 95 -5.73 10.20 -2.95
CA LEU A 95 -7.10 10.58 -3.34
C LEU A 95 -7.17 12.00 -3.91
N ALA A 96 -6.27 12.88 -3.48
CA ALA A 96 -6.16 14.20 -4.08
C ALA A 96 -5.76 14.06 -5.55
N ALA A 97 -4.83 13.13 -5.81
CA ALA A 97 -4.47 12.75 -7.16
C ALA A 97 -5.59 11.91 -7.78
N GLY A 98 -6.47 11.41 -6.90
CA GLY A 98 -7.61 10.61 -7.31
C GLY A 98 -8.70 11.42 -7.98
N GLY A 99 -8.44 12.70 -8.22
CA GLY A 99 -9.27 13.46 -9.14
C GLY A 99 -9.00 12.99 -10.55
N TRP A 100 -9.29 11.70 -10.77
CA TRP A 100 -8.69 10.88 -11.82
C TRP A 100 -8.46 11.61 -13.15
N PRO A 101 -7.22 12.08 -13.35
CA PRO A 101 -6.71 12.49 -14.64
C PRO A 101 -5.84 11.37 -15.21
N LEU A 102 -6.43 10.47 -16.00
CA LEU A 102 -5.75 9.25 -16.40
C LEU A 102 -4.69 9.52 -17.47
N ALA A 103 -3.48 9.85 -17.00
CA ALA A 103 -2.33 10.07 -17.87
C ALA A 103 -1.04 10.16 -17.03
N GLY A 104 -1.11 9.67 -15.79
CA GLY A 104 0.03 9.77 -14.89
C GLY A 104 0.16 8.57 -13.97
N VAL A 105 0.19 7.37 -14.55
CA VAL A 105 0.29 6.15 -13.81
C VAL A 105 1.71 5.55 -13.94
N ASP A 106 2.57 5.86 -12.98
CA ASP A 106 3.94 5.34 -12.98
C ASP A 106 3.96 3.91 -12.46
N SER A 107 3.92 2.96 -13.38
CA SER A 107 3.95 1.54 -13.05
C SER A 107 5.30 1.17 -12.44
N THR A 108 6.36 1.74 -12.98
CA THR A 108 7.73 1.43 -12.57
C THR A 108 8.14 2.25 -11.34
N ALA A 109 7.20 3.00 -10.79
CA ALA A 109 7.44 3.81 -9.59
C ALA A 109 6.33 3.56 -8.57
N LEU A 110 5.98 2.30 -8.40
CA LEU A 110 4.92 1.88 -7.51
C LEU A 110 5.41 0.63 -6.79
N ASN A 111 4.88 0.42 -5.60
CA ASN A 111 5.27 -0.69 -4.72
C ASN A 111 6.54 -0.34 -3.94
N ALA A 112 6.34 0.05 -2.68
CA ALA A 112 7.44 0.34 -1.77
C ALA A 112 6.89 0.53 -0.35
N MET A 1 29.68 -49.17 13.84
CA MET A 1 31.15 -49.16 13.91
C MET A 1 31.65 -47.82 14.48
N ALA A 2 32.95 -47.74 14.76
CA ALA A 2 33.53 -46.53 15.35
C ALA A 2 33.44 -45.33 14.40
N HIS A 3 32.29 -44.67 14.40
CA HIS A 3 32.06 -43.46 13.61
C HIS A 3 31.22 -42.48 14.42
N HIS A 4 31.82 -41.36 14.80
CA HIS A 4 31.14 -40.36 15.63
C HIS A 4 31.42 -38.95 15.12
N HIS A 5 30.67 -37.99 15.64
CA HIS A 5 30.76 -36.59 15.23
C HIS A 5 32.01 -35.94 15.84
N HIS A 6 32.91 -35.45 14.99
CA HIS A 6 34.13 -34.79 15.47
C HIS A 6 33.80 -33.49 16.19
N HIS A 7 34.59 -33.16 17.21
CA HIS A 7 34.29 -32.03 18.09
C HIS A 7 34.86 -30.72 17.55
N HIS A 8 34.05 -29.68 17.61
CA HIS A 8 34.45 -28.33 17.19
C HIS A 8 33.88 -27.30 18.18
N MET A 9 34.74 -26.45 18.72
CA MET A 9 34.32 -25.43 19.68
C MET A 9 33.96 -24.13 18.96
N GLY A 10 32.67 -23.92 18.76
CA GLY A 10 32.20 -22.70 18.13
C GLY A 10 32.28 -21.51 19.07
N THR A 11 33.41 -20.82 19.03
CA THR A 11 33.63 -19.64 19.86
C THR A 11 32.54 -18.59 19.62
N LEU A 12 31.88 -18.18 20.70
CA LEU A 12 30.82 -17.17 20.61
C LEU A 12 31.43 -15.79 20.41
N GLU A 13 31.45 -15.34 19.15
CA GLU A 13 32.00 -14.03 18.79
C GLU A 13 31.12 -13.40 17.73
N ALA A 14 31.07 -12.07 17.68
CA ALA A 14 30.23 -11.36 16.74
C ALA A 14 30.99 -10.20 16.09
N GLN A 15 31.31 -10.35 14.81
CA GLN A 15 31.97 -9.29 14.04
C GLN A 15 30.93 -8.50 13.24
N THR A 16 29.71 -9.04 13.20
CA THR A 16 28.63 -8.44 12.43
C THR A 16 28.02 -7.24 13.15
N GLN A 17 28.13 -6.07 12.54
CA GLN A 17 27.54 -4.85 13.10
C GLN A 17 26.04 -4.82 12.82
N GLY A 18 25.26 -5.40 13.74
CA GLY A 18 23.82 -5.44 13.57
C GLY A 18 23.12 -5.99 14.80
N PRO A 19 21.97 -6.67 14.63
CA PRO A 19 21.19 -7.24 15.75
C PRO A 19 21.84 -8.50 16.35
N GLY A 20 23.16 -8.47 16.52
CA GLY A 20 23.86 -9.60 17.10
C GLY A 20 24.41 -10.54 16.05
N SER A 21 24.03 -11.80 16.13
CA SER A 21 24.49 -12.82 15.19
C SER A 21 23.38 -13.18 14.21
N PRO A 22 23.48 -12.72 12.95
CA PRO A 22 22.48 -13.02 11.90
C PRO A 22 22.48 -14.51 11.53
N GLU A 23 21.85 -15.32 12.37
CA GLU A 23 21.68 -16.75 12.09
C GLU A 23 20.23 -17.01 11.69
N GLY A 24 20.05 -17.77 10.62
CA GLY A 24 18.71 -18.07 10.12
C GLY A 24 18.19 -17.00 9.19
N VAL A 25 18.82 -15.83 9.24
CA VAL A 25 18.45 -14.70 8.39
C VAL A 25 19.71 -14.17 7.68
N PRO A 26 19.61 -13.81 6.40
CA PRO A 26 20.74 -13.30 5.64
C PRO A 26 21.15 -11.89 6.09
N PRO A 27 22.46 -11.64 6.31
CA PRO A 27 22.96 -10.32 6.70
C PRO A 27 22.53 -9.24 5.70
N THR A 28 21.66 -8.35 6.17
CA THR A 28 21.12 -7.28 5.33
C THR A 28 21.05 -5.98 6.14
N ASP A 29 22.02 -5.11 5.90
CA ASP A 29 22.14 -3.85 6.65
C ASP A 29 21.09 -2.83 6.19
N ARG A 30 20.42 -3.12 5.07
CA ARG A 30 19.34 -2.27 4.58
C ARG A 30 18.32 -2.02 5.67
N PHE A 31 17.74 -3.11 6.08
CA PHE A 31 16.74 -3.15 7.14
C PHE A 31 16.91 -4.43 7.97
N PRO A 32 17.71 -4.35 9.05
CA PRO A 32 17.98 -5.49 9.93
C PRO A 32 17.01 -5.55 11.12
N LEU A 33 15.82 -5.00 10.93
CA LEU A 33 14.83 -4.87 11.99
C LEU A 33 13.77 -5.98 11.92
N LEU A 34 12.98 -6.11 12.99
CA LEU A 34 11.93 -7.11 13.06
C LEU A 34 10.74 -6.66 12.23
N ALA A 35 10.82 -6.90 10.92
CA ALA A 35 9.71 -6.61 10.02
C ALA A 35 8.60 -7.64 10.18
N LEU A 36 7.63 -7.34 11.03
CA LEU A 36 6.45 -8.17 11.21
C LEU A 36 5.20 -7.30 11.17
N LEU A 37 4.09 -7.80 11.72
CA LEU A 37 2.83 -7.06 11.71
C LEU A 37 2.98 -5.75 12.50
N ARG A 38 3.26 -4.67 11.77
CA ARG A 38 3.25 -3.32 12.33
C ARG A 38 2.00 -2.61 11.86
N ARG A 39 1.25 -2.02 12.78
CA ARG A 39 0.00 -1.38 12.42
C ARG A 39 0.28 -0.09 11.63
N THR A 40 0.46 -0.31 10.37
CA THR A 40 0.69 0.74 9.40
C THR A 40 0.37 0.26 7.99
N LEU A 41 0.32 1.20 7.07
CA LEU A 41 0.00 0.92 5.67
C LEU A 41 1.22 1.11 4.78
N THR A 42 1.66 0.04 4.13
CA THR A 42 2.67 0.16 3.09
C THR A 42 2.00 0.70 1.84
N GLU A 43 2.79 1.04 0.82
CA GLU A 43 2.28 1.72 -0.37
C GLU A 43 1.06 0.98 -0.94
N GLU A 44 1.18 -0.34 -1.09
CA GLU A 44 0.09 -1.14 -1.65
C GLU A 44 -1.21 -0.93 -0.88
N GLN A 45 -1.10 -0.93 0.45
CA GLN A 45 -2.24 -0.80 1.33
C GLN A 45 -2.82 0.60 1.24
N VAL A 46 -1.93 1.58 1.12
CA VAL A 46 -2.34 2.98 0.95
C VAL A 46 -3.17 3.12 -0.34
N GLN A 47 -2.64 2.57 -1.43
CA GLN A 47 -3.29 2.67 -2.72
C GLN A 47 -4.58 1.87 -2.73
N GLU A 48 -4.63 0.81 -1.94
CA GLU A 48 -5.84 0.03 -1.76
C GLU A 48 -6.92 0.88 -1.11
N VAL A 49 -6.54 1.57 -0.02
CA VAL A 49 -7.46 2.45 0.69
C VAL A 49 -7.97 3.55 -0.22
N VAL A 50 -7.08 4.19 -0.98
CA VAL A 50 -7.47 5.31 -1.84
C VAL A 50 -8.35 4.82 -2.99
N ALA A 51 -8.09 3.60 -3.45
CA ALA A 51 -8.89 2.98 -4.50
C ALA A 51 -10.31 2.73 -4.00
N LYS A 52 -10.42 2.20 -2.78
CA LYS A 52 -11.73 1.93 -2.18
C LYS A 52 -12.41 3.23 -1.74
N LEU A 53 -11.61 4.21 -1.37
CA LEU A 53 -12.13 5.53 -1.01
C LEU A 53 -12.82 6.17 -2.22
N THR A 54 -12.35 5.81 -3.41
CA THR A 54 -12.94 6.32 -4.64
C THR A 54 -13.93 5.33 -5.23
N ASP A 55 -14.36 4.36 -4.40
CA ASP A 55 -15.41 3.43 -4.78
C ASP A 55 -16.77 4.10 -4.48
N PRO A 56 -17.42 4.63 -5.53
CA PRO A 56 -18.55 5.57 -5.37
C PRO A 56 -19.71 4.97 -4.58
N GLU A 57 -19.83 3.66 -4.60
CA GLU A 57 -20.91 2.97 -3.96
C GLU A 57 -20.56 2.59 -2.52
N SER A 58 -19.33 2.10 -2.32
CA SER A 58 -18.91 1.59 -1.02
C SER A 58 -18.78 2.72 0.02
N SER A 59 -18.07 3.78 -0.34
CA SER A 59 -17.78 4.87 0.59
C SER A 59 -19.06 5.54 1.11
N ALA A 60 -19.96 5.89 0.20
CA ALA A 60 -21.19 6.59 0.57
C ALA A 60 -22.12 5.68 1.38
N GLN A 61 -22.01 4.39 1.16
CA GLN A 61 -22.95 3.41 1.73
C GLN A 61 -22.71 3.19 3.22
N ILE A 62 -21.59 3.67 3.76
CA ILE A 62 -21.21 3.34 5.14
C ILE A 62 -22.36 3.67 6.11
N ASP A 63 -22.87 4.90 6.03
CA ASP A 63 -24.09 5.27 6.76
C ASP A 63 -25.15 5.81 5.81
N GLY A 64 -24.80 5.91 4.53
CA GLY A 64 -25.64 6.63 3.59
C GLY A 64 -25.26 8.10 3.56
N VAL A 65 -23.95 8.33 3.55
CA VAL A 65 -23.38 9.67 3.59
C VAL A 65 -21.91 9.62 3.17
N VAL A 66 -21.45 10.66 2.49
CA VAL A 66 -20.06 10.74 2.03
C VAL A 66 -19.35 11.91 2.71
N SER A 67 -18.36 11.59 3.55
CA SER A 67 -17.63 12.60 4.32
C SER A 67 -16.16 12.18 4.50
N LYS A 68 -15.26 13.16 4.65
CA LYS A 68 -13.81 12.91 4.76
C LYS A 68 -13.49 11.86 5.84
N ASP A 69 -14.40 11.70 6.79
CA ASP A 69 -14.21 10.76 7.90
C ASP A 69 -13.96 9.34 7.39
N GLU A 70 -14.41 9.07 6.16
CA GLU A 70 -14.28 7.75 5.54
C GLU A 70 -12.81 7.35 5.43
N ILE A 71 -11.92 8.31 5.19
CA ILE A 71 -10.51 8.03 4.99
C ILE A 71 -9.95 7.33 6.23
N GLU A 72 -10.24 7.92 7.39
CA GLU A 72 -9.80 7.40 8.68
C GLU A 72 -10.27 5.97 8.86
N LYS A 73 -11.55 5.74 8.60
CA LYS A 73 -12.19 4.45 8.84
C LYS A 73 -11.58 3.37 7.94
N PHE A 74 -11.41 3.69 6.67
CA PHE A 74 -10.84 2.76 5.71
C PHE A 74 -9.39 2.44 6.05
N ILE A 75 -8.65 3.44 6.53
CA ILE A 75 -7.26 3.23 6.95
C ILE A 75 -7.22 2.28 8.16
N ALA A 76 -8.02 2.59 9.18
CA ALA A 76 -8.07 1.81 10.40
C ALA A 76 -8.45 0.35 10.10
N ASP A 77 -9.25 0.17 9.06
CA ASP A 77 -9.69 -1.17 8.64
C ASP A 77 -8.50 -2.05 8.30
N VAL A 78 -7.43 -1.44 7.80
CA VAL A 78 -6.25 -2.18 7.34
C VAL A 78 -5.33 -2.51 8.53
N THR A 79 -5.95 -2.75 9.69
CA THR A 79 -5.24 -3.11 10.91
C THR A 79 -4.37 -1.94 11.41
N LYS A 80 -4.65 -0.75 10.89
CA LYS A 80 -3.97 0.45 11.36
C LYS A 80 -4.51 0.83 12.74
N ASP A 81 -5.78 0.45 12.99
CA ASP A 81 -6.47 0.70 14.26
C ASP A 81 -6.56 2.19 14.55
N GLU A 82 -5.42 2.78 14.89
CA GLU A 82 -5.30 4.21 15.13
C GLU A 82 -4.78 4.90 13.88
N PRO A 83 -5.67 5.57 13.11
CA PRO A 83 -5.27 6.37 11.96
C PRO A 83 -4.87 7.78 12.39
N THR A 84 -3.88 8.34 11.72
CA THR A 84 -3.36 9.66 12.07
C THR A 84 -3.13 10.49 10.82
N ALA A 85 -2.85 11.77 11.03
CA ALA A 85 -2.68 12.73 9.94
C ALA A 85 -1.67 12.24 8.91
N GLN A 86 -0.70 11.43 9.34
CA GLN A 86 0.32 10.92 8.43
C GLN A 86 -0.31 9.99 7.37
N ASP A 87 -1.03 8.97 7.83
CA ASP A 87 -1.63 8.01 6.92
C ASP A 87 -2.76 8.68 6.13
N ILE A 88 -3.58 9.45 6.81
CA ILE A 88 -4.58 10.30 6.13
C ILE A 88 -3.90 11.16 5.06
N SER A 89 -2.72 11.70 5.39
CA SER A 89 -2.00 12.60 4.47
C SER A 89 -1.59 11.87 3.20
N ARG A 90 -0.94 10.72 3.35
CA ARG A 90 -0.48 9.95 2.18
C ARG A 90 -1.67 9.51 1.34
N VAL A 91 -2.66 8.92 2.00
CA VAL A 91 -3.89 8.51 1.35
C VAL A 91 -4.49 9.68 0.59
N ALA A 92 -4.61 10.82 1.28
CA ALA A 92 -5.17 12.04 0.70
C ALA A 92 -4.36 12.51 -0.49
N SER A 93 -3.04 12.38 -0.41
CA SER A 93 -2.16 12.74 -1.50
C SER A 93 -2.45 11.89 -2.72
N ARG A 94 -2.72 10.60 -2.51
CA ARG A 94 -3.08 9.70 -3.60
C ARG A 94 -4.42 10.09 -4.18
N LEU A 95 -5.37 10.38 -3.30
CA LEU A 95 -6.70 10.86 -3.72
C LEU A 95 -6.54 12.03 -4.69
N ALA A 96 -5.67 12.96 -4.32
CA ALA A 96 -5.44 14.17 -5.12
C ALA A 96 -4.67 13.87 -6.41
N ALA A 97 -3.48 13.30 -6.25
CA ALA A 97 -2.54 13.11 -7.36
C ALA A 97 -2.89 11.91 -8.24
N GLY A 98 -3.74 11.03 -7.73
CA GLY A 98 -4.00 9.76 -8.39
C GLY A 98 -4.71 9.90 -9.74
N GLY A 99 -5.21 11.10 -10.03
CA GLY A 99 -5.87 11.33 -11.30
C GLY A 99 -7.09 10.45 -11.49
N TRP A 100 -8.03 10.55 -10.55
CA TRP A 100 -9.25 9.75 -10.57
C TRP A 100 -10.18 10.21 -11.73
N PRO A 101 -11.44 9.68 -11.87
CA PRO A 101 -12.13 9.54 -13.15
C PRO A 101 -11.32 9.97 -14.37
N LEU A 102 -10.12 9.41 -14.46
CA LEU A 102 -9.26 9.52 -15.65
C LEU A 102 -8.66 8.16 -15.94
N ALA A 103 -9.25 7.43 -16.87
CA ALA A 103 -8.81 6.08 -17.19
C ALA A 103 -7.49 6.10 -17.97
N GLY A 104 -6.39 6.17 -17.23
CA GLY A 104 -5.08 6.18 -17.84
C GLY A 104 -3.97 5.92 -16.83
N VAL A 105 -4.12 4.85 -16.07
CA VAL A 105 -3.12 4.47 -15.08
C VAL A 105 -3.31 3.02 -14.66
N ASP A 106 -2.21 2.32 -14.40
CA ASP A 106 -2.25 0.91 -14.01
C ASP A 106 -1.91 0.76 -12.54
N SER A 107 -2.34 -0.35 -11.95
CA SER A 107 -2.17 -0.60 -10.52
C SER A 107 -1.14 -1.71 -10.26
N THR A 108 -0.45 -2.15 -11.31
CA THR A 108 0.51 -3.25 -11.18
C THR A 108 1.94 -2.72 -11.10
N ALA A 109 2.18 -1.52 -11.63
CA ALA A 109 3.50 -0.90 -11.62
C ALA A 109 3.79 -0.22 -10.29
N LEU A 110 2.84 -0.33 -9.37
CA LEU A 110 2.92 0.33 -8.10
C LEU A 110 2.63 -0.68 -7.01
N ASN A 111 3.66 -1.38 -6.58
CA ASN A 111 3.54 -2.41 -5.58
C ASN A 111 4.77 -2.40 -4.67
N ALA A 112 4.59 -1.83 -3.49
CA ALA A 112 5.65 -1.75 -2.49
C ALA A 112 5.06 -1.92 -1.09
N MET A 1 -39.30 -37.85 -35.84
CA MET A 1 -38.74 -38.20 -34.52
C MET A 1 -37.29 -37.71 -34.40
N ALA A 2 -36.49 -37.99 -35.42
CA ALA A 2 -35.08 -37.59 -35.44
C ALA A 2 -34.94 -36.11 -35.77
N HIS A 3 -35.22 -35.26 -34.79
CA HIS A 3 -35.06 -33.82 -34.94
C HIS A 3 -34.65 -33.20 -33.61
N HIS A 4 -33.59 -33.78 -33.04
CA HIS A 4 -33.01 -33.30 -31.77
C HIS A 4 -32.57 -31.85 -31.89
N HIS A 5 -32.60 -31.13 -30.76
CA HIS A 5 -32.30 -29.70 -30.74
C HIS A 5 -30.80 -29.46 -30.92
N HIS A 6 -30.00 -30.18 -30.14
CA HIS A 6 -28.54 -30.04 -30.14
C HIS A 6 -28.13 -28.59 -29.85
N HIS A 7 -29.02 -27.85 -29.20
CA HIS A 7 -28.77 -26.46 -28.85
C HIS A 7 -28.11 -26.38 -27.48
N HIS A 8 -26.78 -26.27 -27.50
CA HIS A 8 -25.99 -26.21 -26.27
C HIS A 8 -26.10 -24.84 -25.61
N MET A 9 -26.17 -24.84 -24.28
CA MET A 9 -26.24 -23.61 -23.49
C MET A 9 -24.91 -23.41 -22.77
N GLY A 10 -24.48 -22.15 -22.66
CA GLY A 10 -23.25 -21.84 -21.96
C GLY A 10 -23.10 -20.36 -21.68
N THR A 11 -22.83 -20.01 -20.44
CA THR A 11 -22.64 -18.62 -20.04
C THR A 11 -21.30 -18.10 -20.55
N LEU A 12 -21.35 -17.18 -21.51
CA LEU A 12 -20.14 -16.59 -22.07
C LEU A 12 -19.42 -15.76 -21.01
N GLU A 13 -18.54 -16.42 -20.28
CA GLU A 13 -17.76 -15.79 -19.22
C GLU A 13 -16.32 -16.29 -19.28
N ALA A 14 -15.40 -15.42 -19.65
CA ALA A 14 -14.00 -15.78 -19.86
C ALA A 14 -13.06 -14.70 -19.36
N GLN A 15 -13.46 -14.01 -18.29
CA GLN A 15 -12.64 -12.97 -17.68
C GLN A 15 -11.38 -13.58 -17.07
N THR A 16 -10.30 -13.58 -17.85
CA THR A 16 -9.01 -14.08 -17.40
C THR A 16 -8.23 -12.95 -16.72
N GLN A 17 -8.24 -12.94 -15.40
CA GLN A 17 -7.56 -11.91 -14.62
C GLN A 17 -6.66 -12.55 -13.57
N GLY A 18 -5.53 -11.92 -13.29
CA GLY A 18 -4.61 -12.39 -12.27
C GLY A 18 -3.53 -13.31 -12.84
N PRO A 19 -2.38 -13.43 -12.14
CA PRO A 19 -1.27 -14.27 -12.59
C PRO A 19 -1.59 -15.76 -12.42
N GLY A 20 -1.67 -16.48 -13.53
CA GLY A 20 -2.00 -17.90 -13.50
C GLY A 20 -3.45 -18.15 -13.81
N SER A 21 -4.18 -17.08 -14.14
CA SER A 21 -5.59 -17.15 -14.48
C SER A 21 -6.43 -17.75 -13.33
N PRO A 22 -6.28 -17.21 -12.09
CA PRO A 22 -7.00 -17.71 -10.93
C PRO A 22 -8.35 -17.00 -10.75
N GLU A 23 -9.40 -17.58 -11.31
CA GLU A 23 -10.74 -17.02 -11.20
C GLU A 23 -11.23 -17.06 -9.75
N GLY A 24 -11.79 -15.95 -9.29
CA GLY A 24 -12.31 -15.87 -7.93
C GLY A 24 -11.45 -15.01 -7.02
N VAL A 25 -10.42 -14.39 -7.57
CA VAL A 25 -9.56 -13.48 -6.81
C VAL A 25 -9.91 -12.02 -7.14
N PRO A 26 -10.04 -11.16 -6.11
CA PRO A 26 -10.39 -9.75 -6.28
C PRO A 26 -9.15 -8.85 -6.36
N PRO A 27 -8.88 -8.27 -7.54
CA PRO A 27 -7.79 -7.30 -7.69
C PRO A 27 -8.15 -5.96 -7.06
N THR A 28 -7.66 -5.72 -5.84
CA THR A 28 -8.00 -4.52 -5.09
C THR A 28 -7.55 -3.26 -5.80
N ASP A 29 -6.27 -3.15 -5.81
CA ASP A 29 -5.56 -2.00 -6.37
C ASP A 29 -4.47 -2.44 -7.35
N ARG A 30 -3.42 -3.06 -6.83
CA ARG A 30 -2.34 -3.58 -7.67
C ARG A 30 -2.11 -5.05 -7.35
N PHE A 31 -2.87 -5.57 -6.40
CA PHE A 31 -2.70 -6.95 -5.94
C PHE A 31 -4.05 -7.67 -5.94
N PRO A 32 -4.09 -8.92 -6.42
CA PRO A 32 -5.29 -9.76 -6.32
C PRO A 32 -5.39 -10.44 -4.96
N LEU A 33 -4.41 -10.16 -4.10
CA LEU A 33 -4.40 -10.67 -2.73
C LEU A 33 -4.80 -9.55 -1.78
N LEU A 34 -5.29 -9.93 -0.60
CA LEU A 34 -5.74 -8.97 0.40
C LEU A 34 -5.24 -9.40 1.79
N ALA A 35 -4.03 -9.96 1.81
CA ALA A 35 -3.41 -10.42 3.05
C ALA A 35 -2.78 -9.25 3.81
N LEU A 36 -3.60 -8.56 4.59
CA LEU A 36 -3.13 -7.49 5.47
C LEU A 36 -2.29 -8.08 6.61
N LEU A 37 -0.98 -8.16 6.40
CA LEU A 37 -0.08 -8.79 7.38
C LEU A 37 0.69 -7.75 8.18
N ARG A 38 0.12 -6.56 8.26
CA ARG A 38 0.74 -5.45 8.97
C ARG A 38 -0.34 -4.49 9.47
N ARG A 39 0.04 -3.63 10.42
CA ARG A 39 -0.86 -2.59 10.93
C ARG A 39 -0.63 -1.30 10.15
N THR A 40 0.64 -0.97 9.96
CA THR A 40 1.03 0.29 9.33
C THR A 40 0.81 0.26 7.83
N LEU A 41 -0.03 1.18 7.34
CA LEU A 41 -0.26 1.31 5.91
C LEU A 41 1.02 1.71 5.19
N THR A 42 1.72 0.72 4.64
CA THR A 42 2.80 0.97 3.71
C THR A 42 2.22 1.56 2.44
N GLU A 43 3.07 2.11 1.57
CA GLU A 43 2.60 2.82 0.37
C GLU A 43 1.62 1.94 -0.41
N GLU A 44 1.89 0.64 -0.44
CA GLU A 44 1.02 -0.32 -1.12
C GLU A 44 -0.40 -0.28 -0.53
N GLN A 45 -0.47 -0.49 0.79
CA GLN A 45 -1.74 -0.48 1.52
C GLN A 45 -2.43 0.88 1.36
N VAL A 46 -1.63 1.94 1.30
CA VAL A 46 -2.14 3.29 1.11
C VAL A 46 -2.90 3.39 -0.20
N GLN A 47 -2.25 3.00 -1.29
CA GLN A 47 -2.87 3.08 -2.61
C GLN A 47 -4.08 2.18 -2.69
N GLU A 48 -4.03 1.05 -2.00
CA GLU A 48 -5.17 0.14 -1.90
C GLU A 48 -6.38 0.87 -1.30
N VAL A 49 -6.15 1.55 -0.18
CA VAL A 49 -7.20 2.34 0.47
C VAL A 49 -7.73 3.38 -0.50
N VAL A 50 -6.83 4.01 -1.23
CA VAL A 50 -7.20 5.01 -2.22
C VAL A 50 -8.05 4.39 -3.33
N ALA A 51 -7.67 3.18 -3.74
CA ALA A 51 -8.39 2.46 -4.80
C ALA A 51 -9.81 2.17 -4.36
N LYS A 52 -9.98 1.80 -3.10
CA LYS A 52 -11.32 1.57 -2.55
C LYS A 52 -12.05 2.90 -2.37
N LEU A 53 -11.31 3.92 -1.91
CA LEU A 53 -11.87 5.26 -1.70
C LEU A 53 -12.39 5.86 -3.01
N THR A 54 -11.76 5.50 -4.13
CA THR A 54 -12.17 6.01 -5.43
C THR A 54 -13.46 5.33 -5.92
N ASP A 55 -13.95 4.37 -5.15
CA ASP A 55 -15.27 3.78 -5.41
C ASP A 55 -16.31 4.57 -4.62
N PRO A 56 -17.06 5.45 -5.30
CA PRO A 56 -17.91 6.46 -4.63
C PRO A 56 -19.02 5.84 -3.79
N GLU A 57 -19.60 4.74 -4.26
CA GLU A 57 -20.78 4.19 -3.63
C GLU A 57 -20.40 3.35 -2.41
N SER A 58 -19.36 2.53 -2.56
CA SER A 58 -18.94 1.63 -1.47
C SER A 58 -18.51 2.44 -0.25
N SER A 59 -17.70 3.47 -0.48
CA SER A 59 -17.17 4.30 0.59
C SER A 59 -18.31 4.97 1.38
N ALA A 60 -19.20 5.63 0.66
CA ALA A 60 -20.34 6.29 1.29
C ALA A 60 -21.25 5.27 1.99
N GLN A 61 -21.31 4.07 1.42
CA GLN A 61 -22.20 3.03 1.92
C GLN A 61 -21.74 2.50 3.29
N ILE A 62 -20.48 2.74 3.63
CA ILE A 62 -19.92 2.25 4.89
C ILE A 62 -20.73 2.76 6.09
N ASP A 63 -20.96 4.07 6.12
CA ASP A 63 -21.73 4.69 7.20
C ASP A 63 -23.03 5.30 6.66
N GLY A 64 -23.22 5.19 5.35
CA GLY A 64 -24.44 5.70 4.72
C GLY A 64 -24.35 7.17 4.40
N VAL A 65 -23.25 7.81 4.79
CA VAL A 65 -23.03 9.23 4.58
C VAL A 65 -21.58 9.49 4.18
N VAL A 66 -21.36 10.35 3.19
CA VAL A 66 -20.02 10.67 2.72
C VAL A 66 -19.39 11.78 3.58
N SER A 67 -18.28 11.45 4.24
CA SER A 67 -17.57 12.40 5.08
C SER A 67 -16.07 12.13 5.00
N LYS A 68 -15.26 13.09 5.44
CA LYS A 68 -13.79 12.90 5.50
C LYS A 68 -13.46 11.65 6.30
N ASP A 69 -14.38 11.29 7.19
CA ASP A 69 -14.26 10.11 8.05
C ASP A 69 -14.05 8.84 7.24
N GLU A 70 -14.52 8.83 5.99
CA GLU A 70 -14.42 7.64 5.13
C GLU A 70 -12.97 7.19 4.99
N ILE A 71 -12.06 8.15 4.78
CA ILE A 71 -10.65 7.84 4.60
C ILE A 71 -10.12 7.18 5.86
N GLU A 72 -10.40 7.83 6.99
CA GLU A 72 -9.98 7.37 8.30
C GLU A 72 -10.60 6.01 8.62
N LYS A 73 -11.83 5.81 8.15
CA LYS A 73 -12.56 4.56 8.36
C LYS A 73 -11.84 3.41 7.68
N PHE A 74 -11.53 3.57 6.40
CA PHE A 74 -10.83 2.53 5.65
C PHE A 74 -9.42 2.30 6.19
N ILE A 75 -8.75 3.36 6.58
CA ILE A 75 -7.41 3.24 7.17
C ILE A 75 -7.46 2.35 8.41
N ALA A 76 -8.39 2.66 9.32
CA ALA A 76 -8.55 1.87 10.54
C ALA A 76 -8.93 0.43 10.18
N ASP A 77 -9.56 0.26 9.02
CA ASP A 77 -9.96 -1.06 8.53
C ASP A 77 -8.73 -1.89 8.15
N VAL A 78 -7.65 -1.21 7.77
CA VAL A 78 -6.42 -1.86 7.31
C VAL A 78 -5.52 -2.20 8.50
N THR A 79 -6.16 -2.57 9.62
CA THR A 79 -5.45 -3.04 10.82
C THR A 79 -4.55 -1.94 11.41
N LYS A 80 -4.80 -0.69 10.99
CA LYS A 80 -3.96 0.42 11.42
C LYS A 80 -4.23 0.77 12.87
N ASP A 81 -5.52 0.79 13.24
CA ASP A 81 -5.97 1.13 14.60
C ASP A 81 -5.82 2.63 14.86
N GLU A 82 -4.68 3.18 14.45
CA GLU A 82 -4.36 4.59 14.63
C GLU A 82 -4.31 5.29 13.26
N PRO A 83 -5.46 5.81 12.79
CA PRO A 83 -5.54 6.56 11.54
C PRO A 83 -5.10 8.02 11.75
N THR A 84 -3.81 8.27 11.59
CA THR A 84 -3.24 9.58 11.86
C THR A 84 -3.19 10.45 10.61
N ALA A 85 -2.96 11.74 10.82
CA ALA A 85 -2.88 12.73 9.75
C ALA A 85 -1.89 12.30 8.68
N GLN A 86 -0.86 11.54 9.10
CA GLN A 86 0.12 10.99 8.17
C GLN A 86 -0.57 10.07 7.16
N ASP A 87 -1.32 9.10 7.69
CA ASP A 87 -2.02 8.13 6.86
C ASP A 87 -3.00 8.85 5.95
N ILE A 88 -3.85 9.68 6.55
CA ILE A 88 -4.83 10.47 5.79
C ILE A 88 -4.13 11.31 4.71
N SER A 89 -3.00 11.91 5.07
CA SER A 89 -2.27 12.78 4.15
C SER A 89 -1.83 12.01 2.91
N ARG A 90 -1.20 10.85 3.12
CA ARG A 90 -0.72 10.04 2.01
C ARG A 90 -1.89 9.59 1.14
N VAL A 91 -2.87 8.94 1.76
CA VAL A 91 -4.03 8.43 1.05
C VAL A 91 -4.71 9.55 0.26
N ALA A 92 -5.01 10.65 0.96
CA ALA A 92 -5.67 11.81 0.36
C ALA A 92 -4.83 12.38 -0.77
N SER A 93 -3.52 12.36 -0.59
CA SER A 93 -2.59 12.82 -1.62
C SER A 93 -2.77 11.98 -2.89
N ARG A 94 -2.91 10.67 -2.71
CA ARG A 94 -3.03 9.76 -3.85
C ARG A 94 -4.36 9.96 -4.58
N LEU A 95 -5.47 9.87 -3.85
CA LEU A 95 -6.80 10.15 -4.46
C LEU A 95 -6.86 11.57 -5.04
N ALA A 96 -6.12 12.50 -4.45
CA ALA A 96 -6.03 13.86 -5.01
C ALA A 96 -5.34 13.83 -6.36
N ALA A 97 -4.26 13.05 -6.45
CA ALA A 97 -3.53 12.86 -7.70
C ALA A 97 -4.36 12.03 -8.69
N GLY A 98 -5.27 11.22 -8.15
CA GLY A 98 -6.16 10.44 -8.99
C GLY A 98 -7.13 11.33 -9.75
N GLY A 99 -7.56 12.39 -9.09
CA GLY A 99 -8.38 13.41 -9.74
C GLY A 99 -7.52 14.58 -10.17
N TRP A 100 -6.34 14.24 -10.68
CA TRP A 100 -5.28 15.21 -11.03
C TRP A 100 -5.82 16.48 -11.71
N PRO A 101 -5.84 17.60 -10.98
CA PRO A 101 -6.10 18.93 -11.53
C PRO A 101 -4.81 19.73 -11.71
N LEU A 102 -3.69 19.16 -11.26
CA LEU A 102 -2.40 19.83 -11.25
C LEU A 102 -1.30 18.87 -11.73
N ALA A 103 -0.34 19.40 -12.49
CA ALA A 103 0.80 18.62 -12.93
C ALA A 103 1.80 18.43 -11.79
N GLY A 104 1.45 17.55 -10.86
CA GLY A 104 2.31 17.29 -9.72
C GLY A 104 2.37 15.81 -9.37
N VAL A 105 1.96 14.97 -10.31
CA VAL A 105 1.96 13.54 -10.13
C VAL A 105 3.36 12.96 -10.38
N ASP A 106 3.80 12.07 -9.49
CA ASP A 106 5.10 11.44 -9.61
C ASP A 106 4.94 9.92 -9.52
N SER A 107 5.31 9.21 -10.58
CA SER A 107 5.18 7.76 -10.62
C SER A 107 6.41 7.07 -10.04
N THR A 108 7.59 7.63 -10.33
CA THR A 108 8.84 7.04 -9.90
C THR A 108 8.97 7.02 -8.37
N ALA A 109 8.22 7.91 -7.71
CA ALA A 109 8.23 8.00 -6.26
C ALA A 109 6.88 7.59 -5.68
N LEU A 110 6.13 6.83 -6.47
CA LEU A 110 4.80 6.38 -6.08
C LEU A 110 4.93 5.00 -5.45
N ASN A 111 6.04 4.81 -4.77
CA ASN A 111 6.41 3.52 -4.20
C ASN A 111 7.54 3.72 -3.19
N ALA A 112 7.15 4.10 -1.98
CA ALA A 112 8.09 4.39 -0.91
C ALA A 112 8.18 3.21 0.05
N MET A 1 3.74 -36.06 -4.75
CA MET A 1 4.46 -36.41 -5.98
C MET A 1 5.23 -35.19 -6.49
N ALA A 2 6.56 -35.25 -6.42
CA ALA A 2 7.41 -34.14 -6.82
C ALA A 2 7.11 -33.67 -8.25
N HIS A 3 6.42 -32.54 -8.35
CA HIS A 3 6.05 -31.97 -9.64
C HIS A 3 7.22 -31.22 -10.26
N HIS A 4 7.85 -31.83 -11.25
CA HIS A 4 8.92 -31.19 -12.00
C HIS A 4 8.31 -30.20 -13.01
N HIS A 5 8.60 -28.92 -12.82
CA HIS A 5 8.07 -27.88 -13.69
C HIS A 5 9.21 -27.09 -14.34
N HIS A 6 9.10 -26.86 -15.65
CA HIS A 6 10.11 -26.11 -16.38
C HIS A 6 10.19 -24.69 -15.84
N HIS A 7 11.25 -24.41 -15.09
CA HIS A 7 11.42 -23.13 -14.41
C HIS A 7 11.71 -22.01 -15.41
N HIS A 8 11.12 -20.85 -15.16
CA HIS A 8 11.31 -19.68 -16.02
C HIS A 8 11.49 -18.42 -15.16
N MET A 9 11.12 -18.52 -13.89
CA MET A 9 11.20 -17.38 -12.98
C MET A 9 12.09 -17.72 -11.78
N GLY A 10 13.21 -17.00 -11.67
CA GLY A 10 14.14 -17.23 -10.58
C GLY A 10 14.48 -15.93 -9.87
N THR A 11 15.67 -15.87 -9.29
CA THR A 11 16.10 -14.70 -8.53
C THR A 11 17.54 -14.35 -8.85
N LEU A 12 17.90 -13.09 -8.65
CA LEU A 12 19.27 -12.60 -8.86
C LEU A 12 19.75 -11.93 -7.58
N GLU A 13 19.07 -10.86 -7.21
CA GLU A 13 19.37 -10.12 -5.99
C GLU A 13 18.26 -10.35 -4.96
N ALA A 14 18.57 -11.11 -3.92
CA ALA A 14 17.60 -11.40 -2.87
C ALA A 14 18.03 -10.81 -1.54
N GLN A 15 17.21 -9.94 -0.98
CA GLN A 15 17.46 -9.34 0.32
C GLN A 15 17.10 -10.33 1.42
N THR A 16 15.89 -10.85 1.34
CA THR A 16 15.39 -11.83 2.31
C THR A 16 15.62 -13.24 1.79
N GLN A 17 15.45 -14.23 2.66
CA GLN A 17 15.71 -15.63 2.31
C GLN A 17 14.48 -16.49 2.60
N GLY A 18 13.33 -16.01 2.15
CA GLY A 18 12.09 -16.74 2.37
C GLY A 18 11.68 -16.79 3.83
N PRO A 19 11.07 -17.90 4.29
CA PRO A 19 10.66 -18.09 5.69
C PRO A 19 11.76 -17.69 6.69
N GLY A 20 12.99 -18.06 6.37
CA GLY A 20 14.11 -17.76 7.25
C GLY A 20 15.32 -18.62 6.94
N SER A 21 15.79 -18.55 5.70
CA SER A 21 16.95 -19.32 5.24
C SER A 21 16.74 -20.82 5.48
N PRO A 22 15.86 -21.45 4.68
CA PRO A 22 15.56 -22.88 4.79
C PRO A 22 16.46 -23.73 3.87
N GLU A 23 16.82 -24.92 4.35
CA GLU A 23 17.68 -25.83 3.60
C GLU A 23 17.03 -26.27 2.29
N GLY A 24 17.82 -26.23 1.21
CA GLY A 24 17.36 -26.74 -0.07
C GLY A 24 16.36 -25.83 -0.77
N VAL A 25 16.27 -24.58 -0.33
CA VAL A 25 15.38 -23.61 -0.95
C VAL A 25 16.20 -22.41 -1.43
N PRO A 26 15.92 -21.91 -2.64
CA PRO A 26 16.65 -20.79 -3.25
C PRO A 26 16.39 -19.47 -2.53
N PRO A 27 17.32 -18.49 -2.64
CA PRO A 27 17.16 -17.16 -2.04
C PRO A 27 15.88 -16.47 -2.53
N THR A 28 14.78 -16.72 -1.84
CA THR A 28 13.49 -16.15 -2.19
C THR A 28 13.29 -14.81 -1.48
N ASP A 29 13.36 -13.73 -2.24
CA ASP A 29 13.24 -12.38 -1.70
C ASP A 29 11.78 -11.98 -1.48
N ARG A 30 10.88 -12.76 -2.09
CA ARG A 30 9.45 -12.54 -1.95
C ARG A 30 8.87 -13.48 -0.89
N PHE A 31 8.28 -12.90 0.15
CA PHE A 31 7.71 -13.67 1.25
C PHE A 31 6.64 -14.65 0.73
N PRO A 32 6.65 -15.89 1.25
CA PRO A 32 5.70 -16.93 0.82
C PRO A 32 4.25 -16.50 1.07
N LEU A 33 4.03 -15.81 2.20
CA LEU A 33 2.72 -15.27 2.54
C LEU A 33 2.82 -13.75 2.68
N LEU A 34 1.96 -13.04 1.96
CA LEU A 34 1.91 -11.58 2.03
C LEU A 34 0.66 -11.13 2.81
N ALA A 35 -0.44 -11.82 2.56
CA ALA A 35 -1.72 -11.49 3.19
C ALA A 35 -1.88 -12.24 4.51
N LEU A 36 -1.23 -11.74 5.55
CA LEU A 36 -1.35 -12.32 6.90
C LEU A 36 -1.14 -11.23 7.95
N LEU A 37 -0.20 -10.33 7.68
CA LEU A 37 0.06 -9.20 8.58
C LEU A 37 0.21 -7.94 7.74
N ARG A 38 -0.86 -7.15 7.68
CA ARG A 38 -0.89 -5.93 6.87
C ARG A 38 -1.40 -4.76 7.70
N ARG A 39 -0.97 -4.71 8.94
CA ARG A 39 -1.41 -3.66 9.87
C ARG A 39 -0.87 -2.30 9.43
N THR A 40 0.44 -2.25 9.27
CA THR A 40 1.13 -1.03 8.88
C THR A 40 0.89 -0.73 7.39
N LEU A 41 0.19 0.36 7.12
CA LEU A 41 -0.08 0.78 5.74
C LEU A 41 1.19 1.25 5.05
N THR A 42 1.85 0.33 4.37
CA THR A 42 2.93 0.67 3.46
C THR A 42 2.32 1.19 2.16
N GLU A 43 3.17 1.61 1.23
CA GLU A 43 2.71 2.21 -0.03
C GLU A 43 1.65 1.32 -0.70
N GLU A 44 1.84 0.00 -0.58
CA GLU A 44 0.94 -0.97 -1.20
C GLU A 44 -0.47 -0.74 -0.67
N GLN A 45 -0.55 -0.70 0.65
CA GLN A 45 -1.81 -0.60 1.36
C GLN A 45 -2.44 0.75 1.11
N VAL A 46 -1.61 1.79 1.03
CA VAL A 46 -2.11 3.13 0.82
C VAL A 46 -2.81 3.21 -0.53
N GLN A 47 -2.17 2.67 -1.56
CA GLN A 47 -2.75 2.66 -2.90
C GLN A 47 -4.01 1.80 -2.94
N GLU A 48 -3.98 0.69 -2.22
CA GLU A 48 -5.13 -0.20 -2.12
C GLU A 48 -6.33 0.56 -1.52
N VAL A 49 -6.10 1.18 -0.36
CA VAL A 49 -7.13 1.95 0.33
C VAL A 49 -7.72 3.00 -0.60
N VAL A 50 -6.86 3.84 -1.16
CA VAL A 50 -7.28 4.91 -2.06
C VAL A 50 -7.96 4.35 -3.30
N ALA A 51 -7.51 3.18 -3.76
CA ALA A 51 -8.09 2.53 -4.92
C ALA A 51 -9.56 2.20 -4.67
N LYS A 52 -9.85 1.65 -3.49
CA LYS A 52 -11.23 1.39 -3.11
C LYS A 52 -11.94 2.69 -2.74
N LEU A 53 -11.18 3.62 -2.16
CA LEU A 53 -11.71 4.87 -1.63
C LEU A 53 -12.23 5.76 -2.76
N THR A 54 -11.79 5.50 -3.99
CA THR A 54 -12.25 6.28 -5.15
C THR A 54 -13.65 5.86 -5.56
N ASP A 55 -14.20 4.86 -4.86
CA ASP A 55 -15.59 4.44 -5.06
C ASP A 55 -16.45 4.97 -3.92
N PRO A 56 -17.15 6.10 -4.13
CA PRO A 56 -17.90 6.79 -3.06
C PRO A 56 -19.13 6.01 -2.61
N GLU A 57 -19.77 5.31 -3.55
CA GLU A 57 -20.99 4.56 -3.26
C GLU A 57 -20.76 3.58 -2.11
N SER A 58 -19.72 2.76 -2.24
CA SER A 58 -19.41 1.76 -1.23
C SER A 58 -19.14 2.43 0.12
N SER A 59 -18.26 3.44 0.11
CA SER A 59 -17.87 4.14 1.33
C SER A 59 -19.11 4.68 2.05
N ALA A 60 -19.94 5.42 1.32
CA ALA A 60 -21.14 6.01 1.88
C ALA A 60 -22.09 4.95 2.41
N GLN A 61 -22.02 3.76 1.84
CA GLN A 61 -22.89 2.66 2.25
C GLN A 61 -22.31 1.90 3.45
N ILE A 62 -20.99 1.97 3.61
CA ILE A 62 -20.32 1.25 4.70
C ILE A 62 -20.64 1.87 6.05
N ASP A 63 -20.49 3.18 6.17
CA ASP A 63 -20.68 3.87 7.45
C ASP A 63 -22.00 4.62 7.50
N GLY A 64 -22.63 4.78 6.33
CA GLY A 64 -23.90 5.50 6.26
C GLY A 64 -23.71 7.00 6.19
N VAL A 65 -22.62 7.41 5.56
CA VAL A 65 -22.29 8.82 5.40
C VAL A 65 -21.09 8.97 4.47
N VAL A 66 -21.05 10.07 3.72
CA VAL A 66 -19.89 10.39 2.89
C VAL A 66 -19.24 11.67 3.42
N SER A 67 -18.13 11.50 4.13
CA SER A 67 -17.42 12.61 4.75
C SER A 67 -15.92 12.32 4.73
N LYS A 68 -15.10 13.34 4.96
CA LYS A 68 -13.65 13.23 4.87
C LYS A 68 -13.09 12.18 5.84
N ASP A 69 -13.83 11.89 6.91
CA ASP A 69 -13.41 10.88 7.90
C ASP A 69 -13.37 9.49 7.28
N GLU A 70 -14.02 9.32 6.12
CA GLU A 70 -14.02 8.04 5.41
C GLU A 70 -12.59 7.55 5.18
N ILE A 71 -11.65 8.50 5.09
CA ILE A 71 -10.23 8.17 4.90
C ILE A 71 -9.74 7.25 6.01
N GLU A 72 -9.85 7.75 7.24
CA GLU A 72 -9.38 7.02 8.41
C GLU A 72 -10.28 5.82 8.69
N LYS A 73 -11.53 5.92 8.24
CA LYS A 73 -12.47 4.80 8.33
C LYS A 73 -11.89 3.59 7.59
N PHE A 74 -11.43 3.84 6.37
CA PHE A 74 -10.81 2.80 5.55
C PHE A 74 -9.46 2.37 6.13
N ILE A 75 -8.66 3.34 6.57
CA ILE A 75 -7.35 3.04 7.14
C ILE A 75 -7.49 2.08 8.33
N ALA A 76 -8.37 2.42 9.25
CA ALA A 76 -8.59 1.63 10.47
C ALA A 76 -9.04 0.22 10.11
N ASP A 77 -9.75 0.09 8.99
CA ASP A 77 -10.24 -1.20 8.52
C ASP A 77 -9.08 -2.11 8.14
N VAL A 78 -7.98 -1.51 7.69
CA VAL A 78 -6.83 -2.26 7.19
C VAL A 78 -5.95 -2.74 8.35
N THR A 79 -6.54 -2.78 9.55
CA THR A 79 -5.85 -3.28 10.74
C THR A 79 -4.75 -2.31 11.20
N LYS A 80 -4.84 -1.06 10.74
CA LYS A 80 -3.86 -0.04 11.11
C LYS A 80 -3.97 0.29 12.60
N ASP A 81 -5.15 0.03 13.17
CA ASP A 81 -5.43 0.29 14.58
C ASP A 81 -5.55 1.80 14.83
N GLU A 82 -4.43 2.51 14.69
CA GLU A 82 -4.41 3.96 14.87
C GLU A 82 -4.14 4.68 13.55
N PRO A 83 -5.20 5.24 12.92
CA PRO A 83 -5.05 6.10 11.75
C PRO A 83 -4.76 7.55 12.17
N THR A 84 -3.50 7.96 12.09
CA THR A 84 -3.10 9.29 12.51
C THR A 84 -3.03 10.24 11.32
N ALA A 85 -2.81 11.53 11.61
CA ALA A 85 -2.77 12.57 10.59
C ALA A 85 -1.82 12.22 9.47
N GLN A 86 -0.77 11.46 9.79
CA GLN A 86 0.19 11.00 8.80
C GLN A 86 -0.49 10.08 7.78
N ASP A 87 -1.16 9.05 8.28
CA ASP A 87 -1.90 8.11 7.44
C ASP A 87 -2.92 8.84 6.59
N ILE A 88 -3.74 9.66 7.23
CA ILE A 88 -4.75 10.44 6.52
C ILE A 88 -4.09 11.31 5.45
N SER A 89 -2.95 11.90 5.79
CA SER A 89 -2.21 12.73 4.85
C SER A 89 -1.82 11.92 3.61
N ARG A 90 -1.25 10.73 3.83
CA ARG A 90 -0.79 9.90 2.73
C ARG A 90 -1.96 9.53 1.83
N VAL A 91 -2.96 8.92 2.43
CA VAL A 91 -4.12 8.45 1.70
C VAL A 91 -4.80 9.59 0.95
N ALA A 92 -5.09 10.66 1.68
CA ALA A 92 -5.79 11.81 1.11
C ALA A 92 -5.01 12.44 -0.03
N SER A 93 -3.68 12.46 0.08
CA SER A 93 -2.85 13.01 -0.98
C SER A 93 -2.90 12.12 -2.22
N ARG A 94 -2.91 10.79 -2.02
CA ARG A 94 -3.01 9.86 -3.14
C ARG A 94 -4.31 10.08 -3.90
N LEU A 95 -5.43 10.04 -3.18
CA LEU A 95 -6.75 10.19 -3.81
C LEU A 95 -6.93 11.61 -4.36
N ALA A 96 -6.27 12.58 -3.75
CA ALA A 96 -6.23 13.94 -4.31
C ALA A 96 -5.58 13.91 -5.69
N ALA A 97 -4.53 13.11 -5.81
CA ALA A 97 -3.85 12.88 -7.09
C ALA A 97 -4.62 11.86 -7.93
N GLY A 98 -5.51 11.12 -7.26
CA GLY A 98 -6.32 10.11 -7.91
C GLY A 98 -7.59 10.69 -8.50
N GLY A 99 -7.93 11.91 -8.10
CA GLY A 99 -9.02 12.63 -8.73
C GLY A 99 -8.57 13.20 -10.06
N TRP A 100 -9.41 13.09 -11.09
CA TRP A 100 -8.97 13.43 -12.44
C TRP A 100 -9.71 14.64 -13.03
N PRO A 101 -9.26 15.87 -12.68
CA PRO A 101 -9.52 17.05 -13.49
C PRO A 101 -8.38 17.19 -14.51
N LEU A 102 -7.17 17.39 -13.98
CA LEU A 102 -5.93 17.23 -14.72
C LEU A 102 -4.96 16.50 -13.81
N ALA A 103 -5.00 15.17 -13.85
CA ALA A 103 -4.24 14.34 -12.92
C ALA A 103 -3.21 13.47 -13.65
N GLY A 104 -2.55 12.59 -12.90
CA GLY A 104 -1.50 11.77 -13.45
C GLY A 104 -0.27 12.58 -13.77
N VAL A 105 -0.04 13.61 -12.95
CA VAL A 105 1.03 14.56 -13.15
C VAL A 105 2.40 13.99 -12.76
N ASP A 106 2.42 12.88 -12.04
CA ASP A 106 3.67 12.27 -11.59
C ASP A 106 3.59 10.75 -11.61
N SER A 107 4.73 10.13 -11.90
CA SER A 107 4.85 8.67 -11.90
C SER A 107 5.72 8.21 -10.73
N THR A 108 6.54 9.12 -10.20
CA THR A 108 7.53 8.79 -9.17
C THR A 108 6.85 8.27 -7.91
N ALA A 109 5.66 8.78 -7.63
CA ALA A 109 4.90 8.42 -6.41
C ALA A 109 4.18 7.09 -6.57
N LEU A 110 4.43 6.41 -7.67
CA LEU A 110 3.81 5.11 -7.93
C LEU A 110 4.86 4.02 -7.83
N ASN A 111 5.37 3.81 -6.62
CA ASN A 111 6.44 2.84 -6.39
C ASN A 111 5.86 1.44 -6.18
N ALA A 112 5.29 1.20 -5.01
CA ALA A 112 4.73 -0.11 -4.66
C ALA A 112 3.23 -0.13 -4.94
N MET A 1 -7.44 25.61 20.75
CA MET A 1 -6.50 24.47 20.56
C MET A 1 -5.34 24.89 19.68
N ALA A 2 -4.19 24.24 19.84
CA ALA A 2 -3.00 24.56 19.07
C ALA A 2 -1.99 23.43 19.11
N HIS A 3 -1.53 23.01 17.93
CA HIS A 3 -0.49 21.98 17.81
C HIS A 3 0.37 22.25 16.58
N HIS A 4 0.45 23.53 16.20
CA HIS A 4 1.17 23.92 14.99
C HIS A 4 2.68 23.99 15.27
N HIS A 5 3.32 22.82 15.20
CA HIS A 5 4.76 22.70 15.46
C HIS A 5 5.36 21.67 14.50
N HIS A 6 6.49 22.02 13.91
CA HIS A 6 7.20 21.12 13.00
C HIS A 6 8.56 20.74 13.58
N HIS A 7 8.92 19.48 13.38
CA HIS A 7 10.22 18.96 13.79
C HIS A 7 10.57 17.75 12.93
N HIS A 8 10.93 18.02 11.68
CA HIS A 8 11.20 16.97 10.70
C HIS A 8 11.80 17.60 9.44
N MET A 9 13.08 17.41 9.23
CA MET A 9 13.77 17.97 8.07
C MET A 9 14.80 16.99 7.53
N GLY A 10 15.01 17.04 6.22
CA GLY A 10 15.97 16.17 5.58
C GLY A 10 15.39 14.81 5.22
N THR A 11 15.91 14.22 4.16
CA THR A 11 15.50 12.88 3.73
C THR A 11 16.70 12.15 3.12
N LEU A 12 16.52 10.89 2.78
CA LEU A 12 17.60 10.06 2.24
C LEU A 12 17.13 9.29 1.01
N GLU A 13 17.78 9.55 -0.12
CA GLU A 13 17.49 8.83 -1.35
C GLU A 13 17.91 7.38 -1.21
N ALA A 14 16.97 6.55 -0.80
CA ALA A 14 17.20 5.13 -0.60
C ALA A 14 15.89 4.37 -0.64
N GLN A 15 15.80 3.36 -1.50
CA GLN A 15 14.63 2.51 -1.59
C GLN A 15 14.83 1.28 -0.71
N THR A 16 15.78 1.40 0.22
CA THR A 16 16.14 0.32 1.13
C THR A 16 14.94 -0.12 1.98
N GLN A 17 14.28 -1.18 1.55
CA GLN A 17 13.20 -1.79 2.30
C GLN A 17 13.54 -3.25 2.56
N GLY A 18 13.70 -3.61 3.83
CA GLY A 18 14.07 -4.97 4.17
C GLY A 18 15.55 -5.24 3.97
N PRO A 19 15.90 -6.22 3.13
CA PRO A 19 17.30 -6.59 2.87
C PRO A 19 18.06 -5.50 2.11
N GLY A 20 17.32 -4.60 1.48
CA GLY A 20 17.92 -3.53 0.70
C GLY A 20 17.01 -3.11 -0.44
N SER A 21 17.43 -3.37 -1.68
CA SER A 21 16.60 -3.10 -2.84
C SER A 21 15.84 -4.38 -3.23
N PRO A 22 14.52 -4.45 -2.92
CA PRO A 22 13.68 -5.61 -3.27
C PRO A 22 13.43 -5.68 -4.78
N GLU A 23 14.48 -5.95 -5.53
CA GLU A 23 14.41 -6.05 -6.98
C GLU A 23 14.95 -7.41 -7.43
N GLY A 24 14.41 -7.93 -8.52
CA GLY A 24 14.83 -9.23 -9.02
C GLY A 24 14.20 -10.36 -8.22
N VAL A 25 13.40 -10.01 -7.23
CA VAL A 25 12.75 -11.00 -6.37
C VAL A 25 11.41 -11.42 -6.98
N PRO A 26 11.09 -12.73 -6.91
CA PRO A 26 9.84 -13.26 -7.48
C PRO A 26 8.60 -12.78 -6.71
N PRO A 27 7.40 -12.95 -7.29
CA PRO A 27 6.13 -12.61 -6.62
C PRO A 27 5.97 -13.34 -5.29
N THR A 28 5.32 -12.68 -4.33
CA THR A 28 5.06 -13.23 -3.00
C THR A 28 6.32 -13.21 -2.12
N ASP A 29 7.41 -12.69 -2.67
CA ASP A 29 8.69 -12.66 -1.95
C ASP A 29 9.11 -11.22 -1.64
N ARG A 30 8.14 -10.33 -1.46
CA ARG A 30 8.42 -8.93 -1.15
C ARG A 30 8.56 -8.74 0.37
N PHE A 31 8.29 -9.80 1.12
CA PHE A 31 8.34 -9.76 2.57
C PHE A 31 9.40 -10.74 3.09
N PRO A 32 10.48 -10.23 3.71
CA PRO A 32 11.57 -11.07 4.23
C PRO A 32 11.11 -11.98 5.38
N LEU A 33 10.13 -11.48 6.14
CA LEU A 33 9.57 -12.23 7.27
C LEU A 33 8.18 -12.76 6.90
N LEU A 34 7.85 -13.93 7.43
CA LEU A 34 6.57 -14.59 7.12
C LEU A 34 5.46 -14.05 8.04
N ALA A 35 5.30 -12.73 8.04
CA ALA A 35 4.26 -12.08 8.85
C ALA A 35 3.03 -11.79 8.01
N LEU A 36 3.09 -12.22 6.75
CA LEU A 36 2.01 -12.05 5.78
C LEU A 36 1.51 -10.61 5.72
N LEU A 37 0.58 -10.26 6.62
CA LEU A 37 -0.07 -8.95 6.58
C LEU A 37 0.45 -8.06 7.71
N ARG A 38 0.53 -6.76 7.44
CA ARG A 38 0.96 -5.78 8.44
C ARG A 38 -0.19 -4.84 8.79
N ARG A 39 -0.18 -4.34 10.02
CA ARG A 39 -1.15 -3.39 10.49
C ARG A 39 -0.86 -2.02 9.87
N THR A 40 0.42 -1.74 9.69
CA THR A 40 0.87 -0.47 9.15
C THR A 40 0.67 -0.43 7.64
N LEU A 41 -0.04 0.61 7.17
CA LEU A 41 -0.29 0.76 5.75
C LEU A 41 0.98 1.14 4.99
N THR A 42 1.60 0.15 4.37
CA THR A 42 2.71 0.39 3.46
C THR A 42 2.17 1.00 2.15
N GLU A 43 3.07 1.33 1.23
CA GLU A 43 2.70 1.95 -0.04
C GLU A 43 1.59 1.17 -0.73
N GLU A 44 1.73 -0.15 -0.71
CA GLU A 44 0.80 -1.03 -1.40
C GLU A 44 -0.61 -0.86 -0.82
N GLN A 45 -0.69 -0.96 0.50
CA GLN A 45 -1.95 -0.83 1.23
C GLN A 45 -2.53 0.56 1.01
N VAL A 46 -1.66 1.56 0.97
CA VAL A 46 -2.07 2.95 0.76
C VAL A 46 -2.83 3.11 -0.56
N GLN A 47 -2.18 2.71 -1.66
CA GLN A 47 -2.78 2.84 -2.98
C GLN A 47 -3.98 1.91 -3.15
N GLU A 48 -3.96 0.81 -2.41
CA GLU A 48 -5.10 -0.11 -2.36
C GLU A 48 -6.32 0.60 -1.74
N VAL A 49 -6.11 1.19 -0.56
CA VAL A 49 -7.18 1.91 0.12
C VAL A 49 -7.75 2.99 -0.79
N VAL A 50 -6.88 3.84 -1.32
CA VAL A 50 -7.31 4.96 -2.15
C VAL A 50 -7.99 4.44 -3.42
N ALA A 51 -7.51 3.30 -3.92
CA ALA A 51 -8.12 2.65 -5.07
C ALA A 51 -9.56 2.30 -4.77
N LYS A 52 -9.83 1.84 -3.55
CA LYS A 52 -11.20 1.60 -3.10
C LYS A 52 -11.94 2.93 -2.88
N LEU A 53 -11.24 3.89 -2.27
CA LEU A 53 -11.85 5.18 -1.90
C LEU A 53 -12.17 6.05 -3.12
N THR A 54 -11.67 5.66 -4.28
CA THR A 54 -12.04 6.34 -5.52
C THR A 54 -13.44 5.96 -5.98
N ASP A 55 -14.07 5.04 -5.23
CA ASP A 55 -15.47 4.69 -5.43
C ASP A 55 -16.30 5.21 -4.26
N PRO A 56 -16.93 6.39 -4.42
CA PRO A 56 -17.67 7.05 -3.34
C PRO A 56 -18.90 6.26 -2.90
N GLU A 57 -19.38 5.38 -3.80
CA GLU A 57 -20.58 4.60 -3.54
C GLU A 57 -20.37 3.68 -2.34
N SER A 58 -19.41 2.77 -2.45
CA SER A 58 -19.12 1.82 -1.40
C SER A 58 -18.69 2.54 -0.12
N SER A 59 -17.93 3.62 -0.30
CA SER A 59 -17.42 4.41 0.81
C SER A 59 -18.56 5.11 1.57
N ALA A 60 -19.67 5.34 0.88
CA ALA A 60 -20.82 6.00 1.51
C ALA A 60 -21.73 4.97 2.18
N GLN A 61 -21.92 3.83 1.52
CA GLN A 61 -22.88 2.82 1.96
C GLN A 61 -22.45 2.13 3.25
N ILE A 62 -21.16 2.24 3.59
CA ILE A 62 -20.64 1.58 4.78
C ILE A 62 -21.19 2.21 6.07
N ASP A 63 -21.41 3.53 6.06
CA ASP A 63 -21.93 4.23 7.25
C ASP A 63 -23.25 4.93 6.92
N GLY A 64 -23.56 5.04 5.63
CA GLY A 64 -24.81 5.66 5.19
C GLY A 64 -24.63 7.12 4.85
N VAL A 65 -23.44 7.66 5.07
CA VAL A 65 -23.12 9.05 4.77
C VAL A 65 -21.71 9.14 4.19
N VAL A 66 -21.39 10.28 3.58
CA VAL A 66 -20.05 10.52 3.05
C VAL A 66 -19.43 11.73 3.76
N SER A 67 -18.42 11.44 4.57
CA SER A 67 -17.73 12.48 5.35
C SER A 67 -16.24 12.15 5.45
N LYS A 68 -15.42 13.16 5.71
CA LYS A 68 -13.95 13.01 5.70
C LYS A 68 -13.46 11.87 6.59
N ASP A 69 -14.27 11.47 7.55
CA ASP A 69 -13.95 10.33 8.41
C ASP A 69 -13.79 9.04 7.59
N GLU A 70 -14.27 9.03 6.35
CA GLU A 70 -14.26 7.81 5.54
C GLU A 70 -12.83 7.30 5.34
N ILE A 71 -11.90 8.21 5.08
CA ILE A 71 -10.50 7.85 4.90
C ILE A 71 -9.99 7.13 6.14
N GLU A 72 -10.25 7.75 7.28
CA GLU A 72 -9.81 7.24 8.58
C GLU A 72 -10.28 5.80 8.78
N LYS A 73 -11.58 5.60 8.61
CA LYS A 73 -12.21 4.32 8.90
C LYS A 73 -11.79 3.24 7.91
N PHE A 74 -11.54 3.62 6.66
CA PHE A 74 -11.04 2.66 5.67
C PHE A 74 -9.58 2.31 5.94
N ILE A 75 -8.83 3.25 6.50
CA ILE A 75 -7.46 2.97 6.93
C ILE A 75 -7.47 1.93 8.05
N ALA A 76 -8.29 2.18 9.07
CA ALA A 76 -8.43 1.27 10.20
C ALA A 76 -8.93 -0.10 9.74
N ASP A 77 -9.65 -0.12 8.62
CA ASP A 77 -10.15 -1.36 8.03
C ASP A 77 -8.99 -2.28 7.65
N VAL A 78 -7.86 -1.67 7.27
CA VAL A 78 -6.70 -2.40 6.77
C VAL A 78 -5.82 -2.85 7.95
N THR A 79 -6.49 -3.21 9.04
CA THR A 79 -5.83 -3.72 10.24
C THR A 79 -4.96 -2.65 10.91
N LYS A 80 -5.16 -1.39 10.54
CA LYS A 80 -4.32 -0.32 11.09
C LYS A 80 -4.70 -0.05 12.54
N ASP A 81 -6.00 -0.02 12.82
CA ASP A 81 -6.54 0.26 14.16
C ASP A 81 -6.34 1.72 14.56
N GLU A 82 -5.11 2.21 14.44
CA GLU A 82 -4.75 3.57 14.83
C GLU A 82 -4.39 4.40 13.59
N PRO A 83 -5.39 5.08 12.98
CA PRO A 83 -5.17 5.97 11.84
C PRO A 83 -4.73 7.37 12.29
N THR A 84 -3.48 7.71 12.03
CA THR A 84 -2.94 9.01 12.43
C THR A 84 -2.83 9.94 11.22
N ALA A 85 -2.49 11.20 11.49
CA ALA A 85 -2.36 12.22 10.45
C ALA A 85 -1.45 11.77 9.32
N GLN A 86 -0.48 10.92 9.63
CA GLN A 86 0.40 10.34 8.62
C GLN A 86 -0.41 9.57 7.60
N ASP A 87 -1.21 8.62 8.09
CA ASP A 87 -2.02 7.76 7.24
C ASP A 87 -3.01 8.61 6.45
N ILE A 88 -3.76 9.46 7.16
CA ILE A 88 -4.79 10.29 6.53
C ILE A 88 -4.16 11.22 5.48
N SER A 89 -3.07 11.89 5.84
CA SER A 89 -2.42 12.84 4.94
C SER A 89 -1.98 12.15 3.65
N ARG A 90 -1.28 11.02 3.79
CA ARG A 90 -0.78 10.31 2.62
C ARG A 90 -1.94 9.78 1.76
N VAL A 91 -2.84 9.03 2.39
CA VAL A 91 -4.00 8.47 1.69
C VAL A 91 -4.77 9.57 0.96
N ALA A 92 -5.09 10.65 1.68
CA ALA A 92 -5.81 11.79 1.11
C ALA A 92 -5.03 12.39 -0.07
N SER A 93 -3.72 12.46 0.08
CA SER A 93 -2.86 12.99 -0.97
C SER A 93 -2.97 12.13 -2.24
N ARG A 94 -3.07 10.81 -2.05
CA ARG A 94 -3.18 9.89 -3.19
C ARG A 94 -4.50 10.08 -3.91
N LEU A 95 -5.57 9.99 -3.15
CA LEU A 95 -6.93 10.06 -3.70
C LEU A 95 -7.21 11.45 -4.28
N ALA A 96 -6.56 12.47 -3.71
CA ALA A 96 -6.61 13.82 -4.28
C ALA A 96 -5.89 13.83 -5.63
N ALA A 97 -4.78 13.09 -5.71
CA ALA A 97 -4.06 12.90 -6.95
C ALA A 97 -4.84 11.96 -7.88
N GLY A 98 -5.73 11.17 -7.27
CA GLY A 98 -6.56 10.23 -8.01
C GLY A 98 -7.84 10.86 -8.50
N GLY A 99 -7.78 12.16 -8.76
CA GLY A 99 -8.89 12.84 -9.37
C GLY A 99 -9.15 12.30 -10.77
N TRP A 100 -10.23 11.55 -10.92
CA TRP A 100 -10.59 10.91 -12.18
C TRP A 100 -10.71 11.93 -13.34
N PRO A 101 -11.18 11.55 -14.56
CA PRO A 101 -10.70 12.09 -15.82
C PRO A 101 -9.44 12.97 -15.71
N LEU A 102 -8.34 12.28 -15.41
CA LEU A 102 -7.00 12.86 -15.40
C LEU A 102 -6.05 11.87 -16.06
N ALA A 103 -5.00 12.37 -16.72
CA ALA A 103 -4.03 11.51 -17.38
C ALA A 103 -2.63 11.74 -16.79
N GLY A 104 -1.95 10.65 -16.44
CA GLY A 104 -0.60 10.76 -15.91
C GLY A 104 -0.37 9.88 -14.70
N VAL A 105 -1.46 9.34 -14.14
CA VAL A 105 -1.37 8.47 -12.99
C VAL A 105 -0.63 7.17 -13.34
N ASP A 106 0.39 6.84 -12.55
CA ASP A 106 1.21 5.65 -12.81
C ASP A 106 1.36 4.81 -11.55
N SER A 107 1.71 3.54 -11.74
CA SER A 107 1.99 2.63 -10.64
C SER A 107 3.48 2.27 -10.57
N THR A 108 4.21 2.53 -11.65
CA THR A 108 5.58 2.04 -11.79
C THR A 108 6.56 2.82 -10.90
N ALA A 109 6.25 4.08 -10.62
CA ALA A 109 7.11 4.92 -9.79
C ALA A 109 6.68 4.84 -8.34
N LEU A 110 5.89 3.81 -8.04
CA LEU A 110 5.36 3.59 -6.70
C LEU A 110 5.95 2.30 -6.11
N ASN A 111 5.31 1.79 -5.05
CA ASN A 111 5.78 0.61 -4.34
C ASN A 111 7.17 0.86 -3.75
N ALA A 112 7.19 1.63 -2.67
CA ALA A 112 8.41 1.98 -1.95
C ALA A 112 8.05 2.70 -0.65
N MET A 1 35.95 21.95 -28.85
CA MET A 1 35.69 21.57 -27.44
C MET A 1 36.60 20.42 -27.03
N ALA A 2 36.61 20.10 -25.74
CA ALA A 2 37.50 19.08 -25.20
C ALA A 2 36.80 17.73 -25.12
N HIS A 3 37.60 16.66 -25.17
CA HIS A 3 37.11 15.29 -25.06
C HIS A 3 36.97 14.91 -23.59
N HIS A 4 35.74 15.03 -23.08
CA HIS A 4 35.45 14.76 -21.67
C HIS A 4 35.42 13.25 -21.41
N HIS A 5 35.90 12.84 -20.25
CA HIS A 5 35.88 11.43 -19.86
C HIS A 5 34.47 11.00 -19.46
N HIS A 6 34.30 9.69 -19.32
CA HIS A 6 33.02 9.13 -18.86
C HIS A 6 33.18 8.62 -17.43
N HIS A 7 32.12 8.77 -16.63
CA HIS A 7 32.14 8.37 -15.23
C HIS A 7 32.45 6.88 -15.08
N HIS A 8 33.41 6.57 -14.22
CA HIS A 8 33.75 5.19 -13.91
C HIS A 8 32.58 4.51 -13.21
N MET A 9 31.83 3.72 -13.97
CA MET A 9 30.71 2.96 -13.42
C MET A 9 31.21 1.67 -12.78
N GLY A 10 31.09 1.57 -11.47
CA GLY A 10 31.50 0.38 -10.76
C GLY A 10 30.43 -0.69 -10.80
N THR A 11 30.34 -1.49 -9.73
CA THR A 11 29.30 -2.49 -9.61
C THR A 11 28.02 -1.86 -9.06
N LEU A 12 26.93 -2.64 -9.03
CA LEU A 12 25.65 -2.14 -8.53
C LEU A 12 25.74 -1.88 -7.03
N GLU A 13 25.96 -0.62 -6.67
CA GLU A 13 26.03 -0.23 -5.27
C GLU A 13 24.66 -0.30 -4.62
N ALA A 14 24.30 -1.51 -4.19
CA ALA A 14 23.03 -1.79 -3.53
C ALA A 14 22.92 -3.30 -3.30
N GLN A 15 21.87 -3.73 -2.63
CA GLN A 15 21.61 -5.17 -2.44
C GLN A 15 20.18 -5.41 -2.00
N THR A 16 19.78 -6.67 -2.00
CA THR A 16 18.50 -7.10 -1.45
C THR A 16 18.67 -7.53 0.00
N GLN A 17 17.59 -7.46 0.77
CA GLN A 17 17.62 -7.88 2.16
C GLN A 17 17.10 -9.31 2.30
N GLY A 18 17.94 -10.18 2.85
CA GLY A 18 17.60 -11.59 2.97
C GLY A 18 18.48 -12.44 2.08
N PRO A 19 18.21 -13.76 2.01
CA PRO A 19 18.98 -14.68 1.16
C PRO A 19 18.77 -14.41 -0.33
N GLY A 20 19.51 -15.13 -1.17
CA GLY A 20 19.39 -14.96 -2.61
C GLY A 20 18.17 -15.66 -3.18
N SER A 21 16.99 -15.30 -2.68
CA SER A 21 15.74 -15.90 -3.12
C SER A 21 14.72 -14.82 -3.53
N PRO A 22 14.40 -13.83 -2.65
CA PRO A 22 13.43 -12.77 -2.96
C PRO A 22 14.01 -11.71 -3.91
N GLU A 23 14.87 -12.13 -4.82
CA GLU A 23 15.53 -11.21 -5.75
C GLU A 23 15.18 -11.59 -7.19
N GLY A 24 14.51 -10.67 -7.88
CA GLY A 24 14.13 -10.89 -9.27
C GLY A 24 12.77 -11.54 -9.41
N VAL A 25 12.35 -12.25 -8.36
CA VAL A 25 11.04 -12.93 -8.35
C VAL A 25 10.12 -12.29 -7.31
N PRO A 26 8.80 -12.34 -7.54
CA PRO A 26 7.81 -11.87 -6.56
C PRO A 26 7.74 -12.81 -5.35
N PRO A 27 8.22 -12.35 -4.18
CA PRO A 27 8.26 -13.19 -2.97
C PRO A 27 6.88 -13.32 -2.32
N THR A 28 6.84 -14.09 -1.23
CA THR A 28 5.61 -14.28 -0.48
C THR A 28 5.36 -13.11 0.47
N ASP A 29 4.09 -12.88 0.82
CA ASP A 29 3.72 -11.80 1.74
C ASP A 29 4.53 -11.90 3.02
N ARG A 30 4.68 -13.12 3.52
CA ARG A 30 5.51 -13.39 4.69
C ARG A 30 6.94 -13.64 4.25
N PHE A 31 7.81 -12.66 4.51
CA PHE A 31 9.21 -12.76 4.16
C PHE A 31 9.97 -13.59 5.20
N PRO A 32 11.13 -14.17 4.83
CA PRO A 32 11.96 -14.97 5.75
C PRO A 32 12.70 -14.11 6.78
N LEU A 33 12.34 -12.83 6.84
CA LEU A 33 12.93 -11.91 7.82
C LEU A 33 12.08 -11.88 9.09
N LEU A 34 12.57 -11.18 10.11
CA LEU A 34 11.79 -11.02 11.34
C LEU A 34 10.68 -9.99 11.11
N ALA A 35 9.52 -10.50 10.76
CA ALA A 35 8.36 -9.65 10.46
C ALA A 35 7.87 -8.92 11.72
N LEU A 36 8.44 -7.74 11.95
CA LEU A 36 7.97 -6.83 12.99
C LEU A 36 7.31 -5.61 12.34
N LEU A 37 6.79 -4.71 13.17
CA LEU A 37 6.09 -3.52 12.69
C LEU A 37 4.87 -3.93 11.86
N ARG A 38 3.76 -4.18 12.53
CA ARG A 38 2.52 -4.58 11.87
C ARG A 38 1.53 -3.42 11.83
N ARG A 39 0.32 -3.68 11.34
CA ARG A 39 -0.71 -2.67 11.12
C ARG A 39 -0.31 -1.68 10.02
N THR A 40 0.93 -1.73 9.63
CA THR A 40 1.52 -0.73 8.74
C THR A 40 0.95 -0.82 7.33
N LEU A 41 0.48 0.33 6.82
CA LEU A 41 0.02 0.44 5.45
C LEU A 41 1.19 0.80 4.55
N THR A 42 1.73 -0.19 3.84
CA THR A 42 2.78 0.06 2.86
C THR A 42 2.17 0.75 1.63
N GLU A 43 3.01 1.14 0.68
CA GLU A 43 2.56 1.90 -0.49
C GLU A 43 1.35 1.23 -1.15
N GLU A 44 1.41 -0.10 -1.27
CA GLU A 44 0.34 -0.85 -1.92
C GLU A 44 -0.97 -0.68 -1.17
N GLN A 45 -0.87 -0.73 0.16
CA GLN A 45 -2.02 -0.67 1.05
C GLN A 45 -2.59 0.73 1.10
N VAL A 46 -1.72 1.73 0.97
CA VAL A 46 -2.15 3.12 0.96
C VAL A 46 -2.95 3.36 -0.31
N GLN A 47 -2.37 2.97 -1.44
CA GLN A 47 -3.02 3.07 -2.73
C GLN A 47 -4.31 2.24 -2.76
N GLU A 48 -4.30 1.14 -2.00
CA GLU A 48 -5.49 0.30 -1.86
C GLU A 48 -6.62 1.05 -1.18
N VAL A 49 -6.28 1.75 -0.09
CA VAL A 49 -7.25 2.56 0.62
C VAL A 49 -7.78 3.66 -0.30
N VAL A 50 -6.88 4.28 -1.05
CA VAL A 50 -7.26 5.33 -2.00
C VAL A 50 -8.09 4.74 -3.14
N ALA A 51 -7.82 3.49 -3.48
CA ALA A 51 -8.56 2.78 -4.52
C ALA A 51 -9.99 2.49 -4.06
N LYS A 52 -10.13 2.13 -2.78
CA LYS A 52 -11.46 1.89 -2.20
C LYS A 52 -12.17 3.20 -1.91
N LEU A 53 -11.39 4.23 -1.60
CA LEU A 53 -11.93 5.56 -1.35
C LEU A 53 -12.58 6.13 -2.61
N THR A 54 -12.08 5.74 -3.77
CA THR A 54 -12.66 6.18 -5.04
C THR A 54 -13.86 5.30 -5.42
N ASP A 55 -14.25 4.42 -4.49
CA ASP A 55 -15.51 3.68 -4.61
C ASP A 55 -16.52 4.26 -3.60
N PRO A 56 -17.13 5.42 -3.91
CA PRO A 56 -17.95 6.18 -2.96
C PRO A 56 -19.20 5.42 -2.55
N GLU A 57 -19.63 4.51 -3.41
CA GLU A 57 -20.81 3.69 -3.14
C GLU A 57 -20.64 2.93 -1.82
N SER A 58 -19.44 2.40 -1.61
CA SER A 58 -19.12 1.68 -0.39
C SER A 58 -19.08 2.64 0.79
N SER A 59 -18.41 3.78 0.61
CA SER A 59 -18.26 4.78 1.65
C SER A 59 -19.63 5.18 2.22
N ALA A 60 -20.56 5.48 1.33
CA ALA A 60 -21.89 5.93 1.71
C ALA A 60 -22.73 4.80 2.31
N GLN A 61 -22.26 3.57 2.19
CA GLN A 61 -23.04 2.41 2.62
C GLN A 61 -22.45 1.75 3.88
N ILE A 62 -21.15 1.93 4.10
CA ILE A 62 -20.49 1.29 5.25
C ILE A 62 -20.96 1.92 6.57
N ASP A 63 -21.08 3.24 6.59
CA ASP A 63 -21.52 3.96 7.79
C ASP A 63 -22.91 4.56 7.57
N GLY A 64 -23.33 4.60 6.31
CA GLY A 64 -24.63 5.16 5.96
C GLY A 64 -24.55 6.68 5.78
N VAL A 65 -23.39 7.25 6.04
CA VAL A 65 -23.15 8.67 5.86
C VAL A 65 -21.83 8.89 5.13
N VAL A 66 -21.91 9.48 3.95
CA VAL A 66 -20.71 9.77 3.17
C VAL A 66 -20.07 11.07 3.64
N SER A 67 -18.93 10.94 4.33
CA SER A 67 -18.18 12.08 4.82
C SER A 67 -16.69 11.82 4.65
N LYS A 68 -15.87 12.85 4.75
CA LYS A 68 -14.43 12.71 4.54
C LYS A 68 -13.79 11.81 5.60
N ASP A 69 -14.47 11.68 6.74
CA ASP A 69 -14.12 10.70 7.78
C ASP A 69 -13.93 9.31 7.15
N GLU A 70 -14.42 9.15 5.92
CA GLU A 70 -14.36 7.88 5.19
C GLU A 70 -12.91 7.39 5.11
N ILE A 71 -11.97 8.32 4.92
CA ILE A 71 -10.56 7.96 4.77
C ILE A 71 -10.11 7.12 5.96
N GLU A 72 -10.44 7.60 7.16
CA GLU A 72 -10.04 6.94 8.39
C GLU A 72 -10.68 5.55 8.51
N LYS A 73 -11.97 5.46 8.18
CA LYS A 73 -12.70 4.19 8.26
C LYS A 73 -12.06 3.12 7.37
N PHE A 74 -11.70 3.51 6.15
CA PHE A 74 -11.05 2.59 5.22
C PHE A 74 -9.64 2.23 5.68
N ILE A 75 -8.92 3.22 6.23
CA ILE A 75 -7.57 2.98 6.74
C ILE A 75 -7.57 1.94 7.87
N ALA A 76 -8.44 2.14 8.85
CA ALA A 76 -8.52 1.23 10.01
C ALA A 76 -8.81 -0.20 9.57
N ASP A 77 -9.56 -0.33 8.48
CA ASP A 77 -9.93 -1.64 7.95
C ASP A 77 -8.70 -2.45 7.56
N VAL A 78 -7.62 -1.74 7.25
CA VAL A 78 -6.38 -2.38 6.80
C VAL A 78 -5.52 -2.79 8.00
N THR A 79 -6.20 -3.19 9.08
CA THR A 79 -5.54 -3.69 10.30
C THR A 79 -4.75 -2.57 10.98
N LYS A 80 -5.03 -1.32 10.60
CA LYS A 80 -4.36 -0.19 11.21
C LYS A 80 -4.93 0.06 12.61
N ASP A 81 -6.23 -0.17 12.76
CA ASP A 81 -6.93 0.01 14.04
C ASP A 81 -7.04 1.48 14.41
N GLU A 82 -5.90 2.12 14.65
CA GLU A 82 -5.86 3.54 14.96
C GLU A 82 -5.27 4.32 13.77
N PRO A 83 -6.13 4.89 12.92
CA PRO A 83 -5.70 5.67 11.76
C PRO A 83 -5.07 7.00 12.17
N THR A 84 -3.77 7.14 11.97
CA THR A 84 -3.07 8.35 12.40
C THR A 84 -3.04 9.40 11.30
N ALA A 85 -2.72 10.64 11.71
CA ALA A 85 -2.68 11.77 10.80
C ALA A 85 -1.75 11.50 9.62
N GLN A 86 -0.69 10.73 9.87
CA GLN A 86 0.24 10.35 8.82
C GLN A 86 -0.46 9.49 7.77
N ASP A 87 -1.31 8.58 8.24
CA ASP A 87 -2.08 7.70 7.35
C ASP A 87 -3.02 8.52 6.51
N ILE A 88 -3.83 9.35 7.17
CA ILE A 88 -4.78 10.20 6.47
C ILE A 88 -4.07 11.12 5.48
N SER A 89 -2.94 11.69 5.90
CA SER A 89 -2.16 12.58 5.07
C SER A 89 -1.62 11.86 3.83
N ARG A 90 -1.09 10.65 4.03
CA ARG A 90 -0.57 9.84 2.92
C ARG A 90 -1.67 9.50 1.93
N VAL A 91 -2.73 8.89 2.44
CA VAL A 91 -3.88 8.49 1.62
C VAL A 91 -4.43 9.70 0.86
N ALA A 92 -4.71 10.77 1.60
CA ALA A 92 -5.22 12.01 1.03
C ALA A 92 -4.25 12.53 -0.03
N SER A 93 -2.96 12.40 0.24
CA SER A 93 -1.93 12.83 -0.71
C SER A 93 -2.00 12.00 -1.99
N ARG A 94 -2.34 10.72 -1.87
CA ARG A 94 -2.43 9.85 -3.05
C ARG A 94 -3.64 10.23 -3.89
N LEU A 95 -4.84 10.25 -3.27
CA LEU A 95 -6.03 10.74 -3.99
C LEU A 95 -5.84 12.17 -4.52
N ALA A 96 -5.02 12.97 -3.82
CA ALA A 96 -4.67 14.32 -4.29
C ALA A 96 -3.65 14.23 -5.43
N ALA A 97 -2.85 13.16 -5.41
CA ALA A 97 -1.88 12.85 -6.45
C ALA A 97 -2.60 12.30 -7.68
N GLY A 98 -3.84 11.88 -7.48
CA GLY A 98 -4.67 11.31 -8.54
C GLY A 98 -5.03 12.30 -9.63
N GLY A 99 -4.17 13.27 -9.90
CA GLY A 99 -4.39 14.19 -11.01
C GLY A 99 -4.58 13.44 -12.31
N TRP A 100 -5.85 13.21 -12.66
CA TRP A 100 -6.23 12.52 -13.89
C TRP A 100 -5.63 13.20 -15.15
N PRO A 101 -5.99 12.78 -16.40
CA PRO A 101 -5.11 12.82 -17.55
C PRO A 101 -3.66 13.22 -17.25
N LEU A 102 -2.96 12.28 -16.61
CA LEU A 102 -1.53 12.36 -16.34
C LEU A 102 -0.90 11.00 -16.65
N ALA A 103 -0.18 10.91 -17.75
CA ALA A 103 0.38 9.64 -18.20
C ALA A 103 1.81 9.48 -17.68
N GLY A 104 1.97 8.68 -16.63
CA GLY A 104 3.29 8.44 -16.07
C GLY A 104 3.24 7.66 -14.77
N VAL A 105 2.61 6.49 -14.80
CA VAL A 105 2.56 5.61 -13.67
C VAL A 105 3.86 4.80 -13.54
N ASP A 106 4.56 5.00 -12.43
CA ASP A 106 5.80 4.27 -12.16
C ASP A 106 5.57 3.21 -11.08
N SER A 107 5.70 1.95 -11.45
CA SER A 107 5.53 0.84 -10.51
C SER A 107 6.52 0.97 -9.35
N THR A 108 7.72 1.45 -9.64
CA THR A 108 8.75 1.64 -8.63
C THR A 108 8.29 2.61 -7.55
N ALA A 109 7.32 3.46 -7.90
CA ALA A 109 6.78 4.46 -6.97
C ALA A 109 5.29 4.20 -6.70
N LEU A 110 4.84 2.99 -7.02
CA LEU A 110 3.44 2.63 -6.86
C LEU A 110 3.35 1.41 -5.94
N ASN A 111 4.34 0.54 -6.05
CA ASN A 111 4.47 -0.62 -5.21
C ASN A 111 5.89 -0.68 -4.61
N ALA A 112 6.07 0.00 -3.49
CA ALA A 112 7.36 0.06 -2.81
C ALA A 112 7.16 0.36 -1.33
N MET A 1 62.15 -8.67 -6.72
CA MET A 1 62.18 -9.33 -8.04
C MET A 1 61.20 -10.50 -8.09
N ALA A 2 60.05 -10.26 -8.71
CA ALA A 2 58.98 -11.26 -8.82
C ALA A 2 57.85 -10.73 -9.69
N HIS A 3 56.77 -11.49 -9.79
CA HIS A 3 55.57 -11.06 -10.50
C HIS A 3 54.35 -11.75 -9.93
N HIS A 4 53.35 -10.97 -9.55
CA HIS A 4 52.12 -11.50 -8.98
C HIS A 4 50.97 -11.34 -9.97
N HIS A 5 49.80 -11.87 -9.62
CA HIS A 5 48.63 -11.77 -10.49
C HIS A 5 47.36 -11.86 -9.64
N HIS A 6 46.41 -10.97 -9.91
CA HIS A 6 45.14 -10.95 -9.20
C HIS A 6 44.04 -11.56 -10.08
N HIS A 7 42.98 -12.04 -9.44
CA HIS A 7 41.81 -12.56 -10.15
C HIS A 7 40.64 -12.68 -9.18
N HIS A 8 39.45 -12.32 -9.64
CA HIS A 8 38.27 -12.32 -8.80
C HIS A 8 37.07 -12.92 -9.53
N MET A 9 36.59 -14.05 -9.04
CA MET A 9 35.38 -14.67 -9.58
C MET A 9 34.19 -14.26 -8.72
N GLY A 10 33.30 -13.45 -9.28
CA GLY A 10 32.19 -12.90 -8.51
C GLY A 10 30.88 -13.60 -8.79
N THR A 11 29.81 -13.10 -8.19
CA THR A 11 28.48 -13.64 -8.39
C THR A 11 27.63 -12.64 -9.18
N LEU A 12 27.28 -13.02 -10.41
CA LEU A 12 26.45 -12.19 -11.28
C LEU A 12 25.51 -13.07 -12.10
N GLU A 13 24.25 -13.15 -11.67
CA GLU A 13 23.22 -13.87 -12.42
C GLU A 13 22.20 -12.88 -12.98
N ALA A 14 22.22 -12.70 -14.29
CA ALA A 14 21.32 -11.77 -14.96
C ALA A 14 19.90 -12.32 -15.02
N GLN A 15 19.15 -12.09 -13.94
CA GLN A 15 17.78 -12.56 -13.83
C GLN A 15 17.03 -11.76 -12.76
N THR A 16 15.72 -11.63 -12.94
CA THR A 16 14.86 -10.94 -11.97
C THR A 16 13.46 -11.54 -11.99
N GLN A 17 12.84 -11.65 -10.82
CA GLN A 17 11.52 -12.26 -10.69
C GLN A 17 10.85 -11.81 -9.39
N GLY A 18 9.60 -11.34 -9.51
CA GLY A 18 8.86 -10.86 -8.36
C GLY A 18 7.95 -9.70 -8.74
N PRO A 19 7.53 -8.88 -7.76
CA PRO A 19 6.72 -7.68 -8.04
C PRO A 19 7.42 -6.75 -9.02
N GLY A 20 6.91 -6.69 -10.25
CA GLY A 20 7.54 -5.93 -11.30
C GLY A 20 8.89 -6.53 -11.69
N SER A 21 9.96 -5.94 -11.18
CA SER A 21 11.31 -6.43 -11.41
C SER A 21 12.24 -5.99 -10.28
N PRO A 22 12.38 -6.84 -9.23
CA PRO A 22 13.27 -6.55 -8.10
C PRO A 22 14.73 -6.79 -8.45
N GLU A 23 15.54 -5.75 -8.31
CA GLU A 23 16.97 -5.82 -8.61
C GLU A 23 17.76 -5.17 -7.48
N GLY A 24 18.83 -5.83 -7.04
CA GLY A 24 19.60 -5.35 -5.91
C GLY A 24 18.96 -5.73 -4.59
N VAL A 25 18.03 -6.68 -4.65
CA VAL A 25 17.35 -7.17 -3.46
C VAL A 25 18.00 -8.46 -2.96
N PRO A 26 17.99 -8.71 -1.64
CA PRO A 26 18.56 -9.92 -1.06
C PRO A 26 17.63 -11.13 -1.23
N PRO A 27 18.21 -12.33 -1.49
CA PRO A 27 17.44 -13.57 -1.60
C PRO A 27 16.80 -13.98 -0.26
N THR A 28 15.98 -15.03 -0.30
CA THR A 28 15.25 -15.55 0.86
C THR A 28 14.32 -14.52 1.50
N ASP A 29 14.18 -13.36 0.86
CA ASP A 29 13.22 -12.32 1.26
C ASP A 29 12.02 -12.33 0.32
N ARG A 30 11.75 -13.53 -0.21
CA ARG A 30 10.64 -13.75 -1.15
C ARG A 30 9.35 -13.04 -0.74
N PHE A 31 8.48 -12.79 -1.72
CA PHE A 31 7.25 -12.00 -1.55
C PHE A 31 7.50 -10.74 -0.72
N PRO A 32 8.12 -9.73 -1.36
CA PRO A 32 8.49 -8.46 -0.71
C PRO A 32 7.29 -7.55 -0.44
N LEU A 33 6.09 -8.12 -0.47
CA LEU A 33 4.86 -7.37 -0.22
C LEU A 33 4.26 -7.77 1.11
N LEU A 34 4.06 -6.79 1.98
CA LEU A 34 3.53 -7.01 3.33
C LEU A 34 2.03 -7.31 3.32
N ALA A 35 1.53 -7.90 2.23
CA ALA A 35 0.11 -8.17 2.07
C ALA A 35 -0.36 -9.27 3.03
N LEU A 36 -0.62 -8.87 4.28
CA LEU A 36 -1.21 -9.75 5.29
C LEU A 36 -1.66 -8.91 6.48
N LEU A 37 -2.02 -9.55 7.58
CA LEU A 37 -2.51 -8.84 8.76
C LEU A 37 -1.39 -8.03 9.41
N ARG A 38 -1.18 -6.81 8.90
CA ARG A 38 -0.19 -5.88 9.45
C ARG A 38 -0.80 -4.48 9.50
N ARG A 39 -0.50 -3.72 10.55
CA ARG A 39 -1.13 -2.42 10.78
C ARG A 39 -0.53 -1.34 9.91
N THR A 40 0.77 -1.43 9.67
CA THR A 40 1.53 -0.37 9.00
C THR A 40 1.14 -0.23 7.51
N LEU A 41 0.51 0.90 7.18
CA LEU A 41 0.17 1.20 5.79
C LEU A 41 1.36 1.78 5.04
N THR A 42 2.06 0.93 4.31
CA THR A 42 3.09 1.38 3.38
C THR A 42 2.42 1.86 2.09
N GLU A 43 3.22 2.35 1.14
CA GLU A 43 2.70 2.96 -0.09
C GLU A 43 1.66 2.04 -0.76
N GLU A 44 1.95 0.76 -0.81
CA GLU A 44 1.13 -0.19 -1.55
C GLU A 44 -0.24 -0.32 -0.89
N GLN A 45 -0.22 -0.40 0.43
CA GLN A 45 -1.44 -0.52 1.23
C GLN A 45 -2.24 0.78 1.15
N VAL A 46 -1.54 1.90 1.04
CA VAL A 46 -2.18 3.19 0.88
C VAL A 46 -2.93 3.22 -0.43
N GLN A 47 -2.28 2.71 -1.48
CA GLN A 47 -2.88 2.60 -2.79
C GLN A 47 -4.13 1.72 -2.73
N GLU A 48 -4.04 0.64 -1.94
CA GLU A 48 -5.17 -0.25 -1.71
C GLU A 48 -6.35 0.52 -1.09
N VAL A 49 -6.07 1.22 0.01
CA VAL A 49 -7.08 2.01 0.70
C VAL A 49 -7.79 2.94 -0.28
N VAL A 50 -7.00 3.72 -1.00
CA VAL A 50 -7.51 4.66 -1.99
C VAL A 50 -8.23 3.94 -3.12
N ALA A 51 -7.73 2.76 -3.48
CA ALA A 51 -8.31 1.96 -4.56
C ALA A 51 -9.77 1.63 -4.25
N LYS A 52 -10.02 1.17 -3.04
CA LYS A 52 -11.39 0.90 -2.61
C LYS A 52 -12.13 2.21 -2.27
N LEU A 53 -11.40 3.14 -1.66
CA LEU A 53 -11.93 4.43 -1.21
C LEU A 53 -12.52 5.21 -2.38
N THR A 54 -11.95 4.99 -3.58
CA THR A 54 -12.37 5.73 -4.76
C THR A 54 -13.70 5.22 -5.30
N ASP A 55 -14.36 4.32 -4.58
CA ASP A 55 -15.73 3.95 -4.91
C ASP A 55 -16.71 4.73 -4.02
N PRO A 56 -17.20 5.89 -4.51
CA PRO A 56 -18.04 6.79 -3.70
C PRO A 56 -19.38 6.16 -3.36
N GLU A 57 -19.80 5.22 -4.18
CA GLU A 57 -21.07 4.55 -3.98
C GLU A 57 -21.06 3.77 -2.67
N SER A 58 -20.02 2.96 -2.48
CA SER A 58 -19.85 2.21 -1.25
C SER A 58 -19.54 3.14 -0.08
N SER A 59 -18.58 4.04 -0.29
CA SER A 59 -18.11 4.93 0.77
C SER A 59 -19.28 5.72 1.38
N ALA A 60 -20.08 6.36 0.55
CA ALA A 60 -21.21 7.18 1.02
C ALA A 60 -22.28 6.31 1.70
N GLN A 61 -22.14 5.00 1.55
CA GLN A 61 -23.08 4.05 2.13
C GLN A 61 -22.58 3.55 3.48
N ILE A 62 -21.25 3.62 3.70
CA ILE A 62 -20.63 3.08 4.90
C ILE A 62 -21.14 3.79 6.15
N ASP A 63 -21.11 5.12 6.12
CA ASP A 63 -21.53 5.94 7.26
C ASP A 63 -22.83 6.66 6.95
N GLY A 64 -23.35 6.46 5.73
CA GLY A 64 -24.54 7.14 5.31
C GLY A 64 -24.28 8.60 4.98
N VAL A 65 -23.01 8.98 5.00
CA VAL A 65 -22.60 10.34 4.70
C VAL A 65 -21.17 10.34 4.16
N VAL A 66 -20.94 11.11 3.10
CA VAL A 66 -19.61 11.20 2.50
C VAL A 66 -18.81 12.35 3.14
N SER A 67 -17.93 11.98 4.07
CA SER A 67 -17.07 12.92 4.78
C SER A 67 -15.72 12.28 5.06
N LYS A 68 -14.75 13.08 5.52
CA LYS A 68 -13.37 12.61 5.71
C LYS A 68 -13.29 11.29 6.47
N ASP A 69 -14.29 11.02 7.32
CA ASP A 69 -14.34 9.79 8.12
C ASP A 69 -14.19 8.55 7.23
N GLU A 70 -14.59 8.68 5.97
CA GLU A 70 -14.46 7.61 5.00
C GLU A 70 -12.99 7.19 4.86
N ILE A 71 -12.12 8.19 4.71
CA ILE A 71 -10.69 7.95 4.53
C ILE A 71 -10.14 7.25 5.77
N GLU A 72 -10.42 7.85 6.92
CA GLU A 72 -9.94 7.36 8.21
C GLU A 72 -10.37 5.90 8.44
N LYS A 73 -11.63 5.62 8.14
CA LYS A 73 -12.18 4.28 8.37
C LYS A 73 -11.54 3.26 7.44
N PHE A 74 -11.42 3.61 6.16
CA PHE A 74 -10.80 2.71 5.17
C PHE A 74 -9.33 2.48 5.50
N ILE A 75 -8.71 3.45 6.17
CA ILE A 75 -7.36 3.28 6.69
C ILE A 75 -7.37 2.23 7.81
N ALA A 76 -8.27 2.41 8.77
CA ALA A 76 -8.41 1.47 9.89
C ALA A 76 -8.75 0.08 9.39
N ASP A 77 -9.39 0.02 8.22
CA ASP A 77 -9.75 -1.25 7.56
C ASP A 77 -8.52 -2.13 7.36
N VAL A 78 -7.37 -1.49 7.20
CA VAL A 78 -6.11 -2.20 6.97
C VAL A 78 -5.41 -2.50 8.30
N THR A 79 -6.21 -2.64 9.35
CA THR A 79 -5.71 -3.04 10.67
C THR A 79 -4.83 -1.93 11.29
N LYS A 80 -4.94 -0.72 10.74
CA LYS A 80 -4.09 0.39 11.18
C LYS A 80 -4.37 0.74 12.63
N ASP A 81 -5.62 0.52 13.06
CA ASP A 81 -6.06 0.82 14.44
C ASP A 81 -6.19 2.33 14.66
N GLU A 82 -5.09 3.04 14.47
CA GLU A 82 -5.06 4.49 14.63
C GLU A 82 -4.71 5.18 13.31
N PRO A 83 -5.71 5.75 12.64
CA PRO A 83 -5.50 6.60 11.46
C PRO A 83 -4.95 7.97 11.87
N THR A 84 -3.67 8.21 11.60
CA THR A 84 -3.04 9.47 11.95
C THR A 84 -3.02 10.43 10.75
N ALA A 85 -2.70 11.69 11.02
CA ALA A 85 -2.67 12.72 10.00
C ALA A 85 -1.81 12.31 8.82
N GLN A 86 -0.74 11.57 9.10
CA GLN A 86 0.15 11.07 8.05
C GLN A 86 -0.61 10.10 7.14
N ASP A 87 -1.36 9.19 7.75
CA ASP A 87 -2.12 8.19 6.98
C ASP A 87 -3.13 8.90 6.09
N ILE A 88 -3.93 9.79 6.70
CA ILE A 88 -4.94 10.53 5.95
C ILE A 88 -4.29 11.37 4.85
N SER A 89 -3.16 11.97 5.16
CA SER A 89 -2.45 12.81 4.18
C SER A 89 -2.04 11.97 2.97
N ARG A 90 -1.47 10.80 3.23
CA ARG A 90 -1.04 9.89 2.16
C ARG A 90 -2.23 9.52 1.28
N VAL A 91 -3.26 8.98 1.91
CA VAL A 91 -4.44 8.50 1.20
C VAL A 91 -5.07 9.63 0.38
N ALA A 92 -5.31 10.75 1.05
CA ALA A 92 -5.91 11.93 0.42
C ALA A 92 -5.07 12.39 -0.76
N SER A 93 -3.75 12.31 -0.61
CA SER A 93 -2.83 12.69 -1.67
C SER A 93 -2.99 11.76 -2.87
N ARG A 94 -3.18 10.47 -2.61
CA ARG A 94 -3.32 9.49 -3.69
C ARG A 94 -4.62 9.70 -4.48
N LEU A 95 -5.75 9.71 -3.77
CA LEU A 95 -7.05 9.96 -4.42
C LEU A 95 -7.05 11.30 -5.15
N ALA A 96 -6.54 12.34 -4.51
CA ALA A 96 -6.49 13.68 -5.13
C ALA A 96 -5.72 13.62 -6.46
N ALA A 97 -4.60 12.90 -6.45
CA ALA A 97 -3.75 12.74 -7.63
C ALA A 97 -4.52 12.17 -8.82
N GLY A 98 -5.70 11.60 -8.54
CA GLY A 98 -6.51 10.99 -9.58
C GLY A 98 -7.03 12.00 -10.60
N GLY A 99 -7.10 13.27 -10.20
CA GLY A 99 -7.45 14.32 -11.15
C GLY A 99 -8.64 15.17 -10.73
N TRP A 100 -9.20 14.88 -9.56
CA TRP A 100 -10.33 15.68 -9.05
C TRP A 100 -9.80 16.73 -8.05
N PRO A 101 -10.66 17.60 -7.42
CA PRO A 101 -10.29 18.92 -6.91
C PRO A 101 -8.85 19.37 -7.20
N LEU A 102 -8.11 19.81 -6.19
CA LEU A 102 -6.81 20.44 -6.42
C LEU A 102 -5.74 19.40 -6.74
N ALA A 103 -5.64 19.08 -8.03
CA ALA A 103 -4.66 18.12 -8.55
C ALA A 103 -4.92 17.87 -10.03
N GLY A 104 -4.27 16.85 -10.59
CA GLY A 104 -4.48 16.49 -11.99
C GLY A 104 -3.56 15.37 -12.40
N VAL A 105 -2.28 15.58 -12.20
CA VAL A 105 -1.28 14.58 -12.48
C VAL A 105 0.01 14.94 -11.76
N ASP A 106 0.36 14.13 -10.75
CA ASP A 106 1.46 14.46 -9.86
C ASP A 106 2.28 13.21 -9.54
N SER A 107 3.36 13.01 -10.30
CA SER A 107 4.26 11.88 -10.07
C SER A 107 4.83 11.95 -8.65
N THR A 108 4.99 13.17 -8.15
CA THR A 108 5.52 13.40 -6.81
C THR A 108 4.62 12.80 -5.74
N ALA A 109 3.35 12.63 -6.05
CA ALA A 109 2.38 12.09 -5.10
C ALA A 109 2.31 10.57 -5.18
N LEU A 110 3.18 10.00 -6.02
CA LEU A 110 3.23 8.58 -6.23
C LEU A 110 4.65 8.09 -5.99
N ASN A 111 4.82 6.80 -6.15
CA ASN A 111 6.09 6.11 -5.94
C ASN A 111 5.87 4.61 -6.10
N ALA A 112 5.07 4.06 -5.19
CA ALA A 112 4.58 2.69 -5.30
C ALA A 112 3.06 2.71 -5.16
#